data_9CV6
#
_entry.id   9CV6
#
_cell.length_a   1.00
_cell.length_b   1.00
_cell.length_c   1.00
_cell.angle_alpha   90.00
_cell.angle_beta   90.00
_cell.angle_gamma   90.00
#
_symmetry.space_group_name_H-M   'P 1'
#
_entity_poly.entity_id   1
_entity_poly.type   'polypeptide(L)'
_entity_poly.pdbx_seq_one_letter_code
;DYLQQKRFLATSQGTTYVYDIPDMFRQMVERRWRECIEEGSVDGPQPDNVMTLVELVVEPDGERRVVEVTRLPGQNNVGM
VAWRLTLYTPECPDGRDIVLIANDLTYYMGSFGPQEDWVYFKASQYARELKIPRIYISVNSGARIGVAEEVKSDFNVAWL
DAERPERGFKYLYLTPEVYSKLGALGSVKTELIEDEGESRYRITDIIGKEDGLGVECLRDAGLIAGETAQAYEDIVTISI
VTCRAIGIGSYIVRLGHRVIQVESSYIILTGYAALNKVLGRAVYASNNQLGGVQVMHHNGVSHAVAPSDLEAVRTALRWL
AFVPKDKLSTVPILRVSDPVDRPVEWKPPRAAHDPRLMLAGDAARAGFFDVGSFDEIMQPWAQTVITGRARLGGIPVGVI
AVETRTVELTQPADPANLDSEAKTLQQAGQVWFPDSAYKTAQAINDFSRENLPIMIFANWRGFSGGQKDMYEQILKFGAE
IVRALRGATAPVLVYIPPGAELRGGAWAVVDPSVNSLRMEMYADPEARGGVLEAEGIVEVKFKQRDILKTMHRLDPELLR
TGARISELKEQIKEISKGLDRRGSVDESLIRTDAGRAAETRVRELETELLAAEKTAKAREKELSPIYHEIAVQFAELHDT
AERMLEKGCIFEIIPWRDSRRLFYWRLKRLLRQNEQERRVQAAVKPADNMQQGPAAATLRRWFTEDRGETQSHQWEHDNE
AVCKWLEAQAGDDNSVLERNLRAIHQDALMQAVNNLVLELTPSQRSEFIRKLSALEMEQ
;
_entity_poly.pdbx_strand_id   A,B
#
# COMPACT_ATOMS: atom_id res chain seq x y z
N ASP A 1 -0.79 37.60 35.58
CA ASP A 1 -1.48 36.45 34.98
C ASP A 1 -0.65 35.18 35.16
N TYR A 2 0.63 35.26 34.74
CA TYR A 2 1.61 34.17 34.69
C TYR A 2 1.03 32.87 34.11
N LEU A 3 0.32 33.01 32.99
CA LEU A 3 -0.24 31.94 32.17
C LEU A 3 -1.24 31.07 32.92
N GLN A 4 -1.94 31.62 33.92
CA GLN A 4 -2.79 30.79 34.76
C GLN A 4 -4.10 30.43 34.08
N GLN A 5 -4.69 31.36 33.32
CA GLN A 5 -5.98 31.12 32.70
C GLN A 5 -5.86 30.11 31.56
N LYS A 6 -4.76 30.16 30.81
CA LYS A 6 -4.53 29.19 29.74
C LYS A 6 -4.34 27.78 30.30
N ARG A 7 -3.59 27.67 31.40
CA ARG A 7 -3.42 26.39 32.08
C ARG A 7 -4.74 25.88 32.65
N PHE A 8 -5.56 26.78 33.19
CA PHE A 8 -6.86 26.39 33.72
C PHE A 8 -7.78 25.87 32.63
N LEU A 9 -7.80 26.55 31.47
CA LEU A 9 -8.64 26.10 30.36
C LEU A 9 -8.17 24.75 29.82
N ALA A 10 -6.85 24.59 29.64
CA ALA A 10 -6.32 23.32 29.13
C ALA A 10 -6.54 22.17 30.11
N THR A 11 -6.35 22.42 31.41
CA THR A 11 -6.55 21.37 32.41
C THR A 11 -8.03 21.05 32.59
N SER A 12 -8.90 22.06 32.43
CA SER A 12 -10.34 21.82 32.52
C SER A 12 -10.84 20.98 31.36
N GLN A 13 -10.32 21.21 30.15
CA GLN A 13 -10.71 20.34 29.05
C GLN A 13 -9.96 19.02 29.03
N GLY A 14 -8.89 18.87 29.82
CA GLY A 14 -8.20 17.61 29.94
C GLY A 14 -6.88 17.50 29.22
N THR A 15 -6.20 18.61 28.95
CA THR A 15 -5.00 18.62 28.14
C THR A 15 -3.88 19.32 28.92
N THR A 16 -2.68 18.76 28.84
CA THR A 16 -1.51 19.48 29.31
C THR A 16 -1.27 20.70 28.43
N TYR A 17 -1.05 21.85 29.07
CA TYR A 17 -0.76 23.09 28.36
C TYR A 17 0.54 22.95 27.59
N VAL A 18 0.61 23.62 26.43
CA VAL A 18 1.60 23.32 25.41
C VAL A 18 3.02 23.62 25.88
N TYR A 19 3.21 24.71 26.62
CA TYR A 19 4.54 25.05 27.11
C TYR A 19 4.92 24.25 28.34
N ASP A 20 4.03 23.42 28.86
CA ASP A 20 4.37 22.41 29.85
C ASP A 20 4.65 21.05 29.23
N ILE A 21 4.54 20.91 27.91
CA ILE A 21 4.84 19.63 27.25
C ILE A 21 6.31 19.21 27.29
N PRO A 22 7.32 20.07 26.97
CA PRO A 22 8.71 19.56 26.95
C PRO A 22 9.25 18.99 28.24
N ASP A 23 8.86 19.57 29.39
CA ASP A 23 9.39 19.15 30.68
C ASP A 23 9.05 17.71 31.02
N MET A 24 7.87 17.24 30.54
CA MET A 24 7.47 15.84 30.69
C MET A 24 8.50 14.90 30.08
N PHE A 25 8.99 15.24 28.87
CA PHE A 25 10.06 14.48 28.23
C PHE A 25 11.28 14.40 29.12
N ARG A 26 11.64 15.55 29.72
CA ARG A 26 12.75 15.65 30.67
C ARG A 26 12.60 14.62 31.78
N GLN A 27 11.40 14.57 32.39
CA GLN A 27 11.17 13.68 33.53
C GLN A 27 11.33 12.23 33.11
N MET A 28 10.81 11.88 31.94
CA MET A 28 10.86 10.48 31.52
C MET A 28 12.28 10.07 31.19
N VAL A 29 13.07 11.00 30.64
CA VAL A 29 14.48 10.71 30.36
C VAL A 29 15.20 10.41 31.67
N GLU A 30 14.89 11.21 32.71
CA GLU A 30 15.50 11.01 34.01
C GLU A 30 15.12 9.65 34.58
N ARG A 31 13.84 9.26 34.41
CA ARG A 31 13.40 7.97 34.93
C ARG A 31 14.13 6.83 34.25
N ARG A 32 14.35 6.97 32.93
CA ARG A 32 15.02 5.91 32.18
C ARG A 32 16.43 5.71 32.69
N TRP A 33 17.10 6.83 33.03
CA TRP A 33 18.46 6.77 33.58
C TRP A 33 18.49 5.94 34.84
N ARG A 34 17.55 6.21 35.76
CA ARG A 34 17.53 5.49 37.03
C ARG A 34 17.27 4.01 36.80
N GLU A 35 16.35 3.68 35.88
CA GLU A 35 16.05 2.28 35.61
C GLU A 35 17.25 1.59 35.00
N CYS A 36 17.96 2.29 34.10
CA CYS A 36 19.13 1.67 33.48
C CYS A 36 20.25 1.50 34.49
N ILE A 37 20.31 2.40 35.49
CA ILE A 37 21.32 2.28 36.54
C ILE A 37 21.03 1.05 37.40
N GLU A 38 19.76 0.70 37.54
CA GLU A 38 19.42 -0.54 38.25
C GLU A 38 19.71 -1.77 37.39
N GLU A 39 19.64 -1.63 36.06
CA GLU A 39 19.81 -2.81 35.22
C GLU A 39 21.27 -2.98 34.78
N GLY A 40 21.98 -1.89 34.61
CA GLY A 40 23.35 -1.94 34.12
C GLY A 40 23.52 -1.68 32.64
N SER A 41 22.49 -1.19 31.96
CA SER A 41 22.64 -0.80 30.56
C SER A 41 23.59 0.38 30.41
N VAL A 42 23.56 1.30 31.37
CA VAL A 42 24.58 2.33 31.51
C VAL A 42 25.06 2.29 32.96
N ASP A 43 26.27 2.80 33.18
CA ASP A 43 26.86 2.82 34.50
C ASP A 43 27.21 4.20 35.00
N GLY A 44 27.30 5.19 34.13
CA GLY A 44 27.67 6.54 34.52
C GLY A 44 26.57 7.24 35.29
N PRO A 45 26.93 8.27 36.04
CA PRO A 45 25.92 9.09 36.71
C PRO A 45 25.05 9.83 35.71
N GLN A 46 23.83 10.16 36.15
CA GLN A 46 22.91 10.91 35.31
C GLN A 46 23.45 12.32 35.08
N PRO A 47 23.40 12.82 33.84
CA PRO A 47 23.87 14.19 33.58
C PRO A 47 22.99 15.24 34.24
N ASP A 48 23.58 16.41 34.46
CA ASP A 48 22.86 17.51 35.12
C ASP A 48 21.74 18.04 34.25
N ASN A 49 21.96 18.12 32.93
CA ASN A 49 20.96 18.57 31.98
C ASN A 49 20.70 17.45 31.00
N VAL A 50 19.44 17.00 30.91
CA VAL A 50 19.07 15.91 30.01
C VAL A 50 18.24 16.38 28.83
N MET A 51 17.89 17.67 28.77
CA MET A 51 17.10 18.18 27.67
C MET A 51 17.45 19.65 27.42
N THR A 52 17.66 19.99 26.16
CA THR A 52 17.87 21.37 25.73
C THR A 52 16.88 21.70 24.63
N LEU A 53 16.06 22.73 24.85
CA LEU A 53 14.95 23.06 23.96
C LEU A 53 15.22 24.39 23.27
N VAL A 54 14.99 24.44 21.96
CA VAL A 54 15.08 25.68 21.18
C VAL A 54 13.82 25.81 20.33
N GLU A 55 13.13 26.94 20.44
CA GLU A 55 11.83 27.08 19.80
C GLU A 55 11.96 27.55 18.36
N LEU A 56 11.21 26.94 17.45
CA LEU A 56 11.24 27.26 16.03
C LEU A 56 10.08 28.20 15.71
N VAL A 57 10.39 29.39 15.20
CA VAL A 57 9.38 30.35 14.77
C VAL A 57 9.54 30.58 13.28
N VAL A 58 8.45 30.50 12.54
CA VAL A 58 8.48 30.75 11.11
C VAL A 58 8.36 32.25 10.87
N GLU A 59 9.06 32.74 9.85
CA GLU A 59 8.93 34.13 9.48
C GLU A 59 7.56 34.37 8.84
N PRO A 60 6.95 35.53 9.05
CA PRO A 60 5.55 35.72 8.58
C PRO A 60 5.42 35.88 7.08
N ASP A 61 6.31 36.65 6.43
CA ASP A 61 6.00 37.12 5.10
C ASP A 61 7.13 37.00 4.07
N GLY A 62 8.38 37.01 4.53
CA GLY A 62 9.50 37.10 3.59
C GLY A 62 9.68 35.85 2.75
N GLU A 63 10.12 34.77 3.39
CA GLU A 63 10.15 33.47 2.71
C GLU A 63 9.62 32.35 3.60
N ARG A 64 9.01 32.67 4.74
CA ARG A 64 8.51 31.71 5.74
C ARG A 64 9.60 30.77 6.23
N ARG A 65 10.82 31.28 6.38
CA ARG A 65 11.92 30.45 6.85
C ARG A 65 11.82 30.22 8.36
N VAL A 66 12.49 29.17 8.81
CA VAL A 66 12.45 28.75 10.21
C VAL A 66 13.63 29.40 10.92
N VAL A 67 13.33 30.18 11.97
CA VAL A 67 14.33 30.85 12.79
C VAL A 67 14.27 30.25 14.19
N GLU A 68 15.43 29.83 14.70
CA GLU A 68 15.51 29.24 16.02
C GLU A 68 15.76 30.32 17.07
N VAL A 69 14.90 30.37 18.09
CA VAL A 69 14.98 31.38 19.14
C VAL A 69 14.89 30.70 20.51
N THR A 70 15.23 31.47 21.54
CA THR A 70 14.97 31.13 22.94
C THR A 70 14.24 32.29 23.59
N ARG A 71 12.97 32.05 23.97
CA ARG A 71 12.13 33.11 24.48
C ARG A 71 11.23 32.56 25.58
N LEU A 72 10.58 33.49 26.30
CA LEU A 72 9.70 33.11 27.40
C LEU A 72 8.44 32.42 26.85
N PRO A 73 7.90 31.46 27.61
CA PRO A 73 6.69 30.77 27.16
C PRO A 73 5.46 31.69 27.16
N GLY A 74 4.55 31.41 26.24
CA GLY A 74 3.28 32.11 26.17
C GLY A 74 3.21 33.25 25.20
N GLN A 75 4.10 33.33 24.21
CA GLN A 75 4.16 34.45 23.28
C GLN A 75 3.76 34.06 21.87
N ASN A 76 2.98 32.99 21.69
CA ASN A 76 2.63 32.55 20.35
C ASN A 76 1.54 33.43 19.73
N ASN A 77 1.66 33.66 18.42
CA ASN A 77 0.65 34.34 17.63
C ASN A 77 -0.09 33.40 16.69
N VAL A 78 0.30 32.13 16.68
CA VAL A 78 -0.37 31.10 15.89
C VAL A 78 -0.73 29.95 16.83
N GLY A 79 -1.41 28.95 16.28
CA GLY A 79 -1.99 27.86 17.05
C GLY A 79 -1.13 26.63 17.21
N MET A 80 0.07 26.58 16.64
CA MET A 80 1.01 25.50 16.91
C MET A 80 2.31 26.07 17.44
N VAL A 81 2.95 25.29 18.30
CA VAL A 81 4.30 25.58 18.79
C VAL A 81 5.18 24.39 18.44
N ALA A 82 6.37 24.68 17.92
CA ALA A 82 7.34 23.67 17.54
C ALA A 82 8.68 23.94 18.22
N TRP A 83 9.32 22.88 18.68
CA TRP A 83 10.64 22.96 19.27
C TRP A 83 11.56 21.94 18.63
N ARG A 84 12.86 22.20 18.76
CA ARG A 84 13.90 21.21 18.54
C ARG A 84 14.51 20.86 19.88
N LEU A 85 14.55 19.57 20.19
CA LEU A 85 14.97 19.08 21.49
C LEU A 85 16.23 18.24 21.35
N THR A 86 17.23 18.56 22.17
CA THR A 86 18.40 17.71 22.34
C THR A 86 18.24 16.93 23.63
N LEU A 87 18.16 15.61 23.52
CA LEU A 87 17.89 14.72 24.63
C LEU A 87 19.12 13.85 24.89
N TYR A 88 19.56 13.82 26.14
CA TYR A 88 20.72 13.03 26.55
C TYR A 88 20.18 11.76 27.21
N THR A 89 19.94 10.74 26.41
CA THR A 89 19.24 9.51 26.77
C THR A 89 20.26 8.43 27.14
N PRO A 90 19.86 7.37 27.85
CA PRO A 90 20.80 6.27 28.11
C PRO A 90 21.32 5.57 26.86
N GLU A 91 20.51 5.43 25.81
CA GLU A 91 20.99 4.75 24.61
C GLU A 91 21.87 5.66 23.76
N CYS A 92 21.64 6.98 23.82
CA CYS A 92 22.45 7.97 23.11
C CYS A 92 22.94 9.00 24.12
N PRO A 93 24.09 8.77 24.77
CA PRO A 93 24.49 9.65 25.87
C PRO A 93 25.02 11.00 25.43
N ASP A 94 25.65 11.08 24.25
CA ASP A 94 26.28 12.33 23.83
C ASP A 94 25.24 13.36 23.42
N GLY A 95 24.22 12.95 22.67
CA GLY A 95 23.18 13.86 22.27
C GLY A 95 22.30 13.25 21.21
N ARG A 96 21.06 13.74 21.15
CA ARG A 96 20.08 13.20 20.22
C ARG A 96 18.97 14.22 20.03
N ASP A 97 18.67 14.55 18.77
CA ASP A 97 17.78 15.64 18.44
C ASP A 97 16.48 15.11 17.83
N ILE A 98 15.36 15.71 18.26
CA ILE A 98 14.05 15.45 17.68
C ILE A 98 13.33 16.78 17.47
N VAL A 99 12.27 16.74 16.68
CA VAL A 99 11.42 17.89 16.40
C VAL A 99 10.03 17.62 16.94
N LEU A 100 9.54 18.51 17.80
CA LEU A 100 8.25 18.35 18.48
C LEU A 100 7.29 19.41 17.99
N ILE A 101 6.10 18.98 17.57
CA ILE A 101 5.04 19.85 17.06
C ILE A 101 3.81 19.63 17.93
N ALA A 102 3.22 20.72 18.43
CA ALA A 102 2.03 20.60 19.27
C ALA A 102 1.03 21.71 18.95
N ASN A 103 -0.25 21.37 19.01
CA ASN A 103 -1.33 22.33 18.85
C ASN A 103 -1.63 23.06 20.14
N ASP A 104 -2.45 24.12 20.04
CA ASP A 104 -2.84 24.93 21.18
C ASP A 104 -4.36 24.98 21.26
N LEU A 105 -4.92 24.38 22.32
CA LEU A 105 -6.36 24.40 22.53
C LEU A 105 -6.85 25.76 23.01
N THR A 106 -5.97 26.57 23.60
CA THR A 106 -6.41 27.89 24.04
C THR A 106 -6.58 28.86 22.88
N TYR A 107 -6.06 28.53 21.70
CA TYR A 107 -6.13 29.38 20.53
C TYR A 107 -7.15 28.80 19.56
N TYR A 108 -8.41 29.23 19.69
CA TYR A 108 -9.53 28.91 18.79
C TYR A 108 -9.76 27.41 18.70
N MET A 109 -9.65 26.72 19.85
CA MET A 109 -9.92 25.29 20.02
C MET A 109 -9.04 24.41 19.14
N GLY A 110 -7.83 24.87 18.84
CA GLY A 110 -6.90 24.10 18.04
C GLY A 110 -7.32 23.90 16.60
N SER A 111 -8.01 24.88 16.01
CA SER A 111 -8.49 24.74 14.64
C SER A 111 -7.36 24.90 13.65
N PHE A 112 -7.54 24.32 12.47
CA PHE A 112 -6.54 24.33 11.40
C PHE A 112 -6.83 25.50 10.46
N GLY A 113 -6.04 26.56 10.57
CA GLY A 113 -6.07 27.63 9.60
C GLY A 113 -4.71 27.75 8.95
N PRO A 114 -4.58 28.66 7.98
CA PRO A 114 -3.39 28.65 7.10
C PRO A 114 -2.07 28.96 7.81
N GLN A 115 -2.07 29.93 8.73
CA GLN A 115 -0.84 30.26 9.44
C GLN A 115 -0.47 29.17 10.43
N GLU A 116 -1.45 28.38 10.89
CA GLU A 116 -1.16 27.19 11.66
C GLU A 116 -0.60 26.08 10.77
N ASP A 117 -1.02 26.06 9.51
CA ASP A 117 -0.61 24.96 8.64
C ASP A 117 0.82 25.14 8.15
N TRP A 118 1.23 26.39 7.92
CA TRP A 118 2.60 26.62 7.44
C TRP A 118 3.64 26.31 8.51
N VAL A 119 3.26 26.41 9.79
CA VAL A 119 4.15 26.01 10.88
C VAL A 119 4.43 24.52 10.84
N TYR A 120 3.38 23.71 10.66
CA TYR A 120 3.56 22.26 10.54
C TYR A 120 4.38 21.91 9.31
N PHE A 121 4.10 22.59 8.19
CA PHE A 121 4.82 22.36 6.94
C PHE A 121 6.32 22.63 7.09
N LYS A 122 6.66 23.78 7.68
CA LYS A 122 8.07 24.15 7.78
C LYS A 122 8.79 23.36 8.86
N ALA A 123 8.10 22.98 9.94
CA ALA A 123 8.73 22.16 10.97
C ALA A 123 8.99 20.74 10.47
N SER A 124 8.07 20.19 9.69
CA SER A 124 8.30 18.86 9.12
C SER A 124 9.36 18.90 8.03
N GLN A 125 9.46 20.02 7.30
CA GLN A 125 10.56 20.19 6.35
C GLN A 125 11.90 20.28 7.06
N TYR A 126 11.95 20.96 8.20
CA TYR A 126 13.18 21.04 9.00
C TYR A 126 13.59 19.66 9.52
N ALA A 127 12.62 18.88 10.00
CA ALA A 127 12.91 17.54 10.49
C ALA A 127 13.34 16.62 9.36
N ARG A 128 12.82 16.84 8.15
CA ARG A 128 13.21 16.01 7.02
C ARG A 128 14.61 16.37 6.54
N GLU A 129 14.94 17.67 6.47
CA GLU A 129 16.25 18.06 5.96
C GLU A 129 17.36 17.80 6.99
N LEU A 130 17.01 17.76 8.27
CA LEU A 130 17.98 17.33 9.27
C LEU A 130 17.96 15.82 9.52
N LYS A 131 17.00 15.12 8.91
CA LYS A 131 16.87 13.66 8.96
C LYS A 131 16.68 13.14 10.38
N ILE A 132 16.00 13.92 11.22
CA ILE A 132 15.80 13.56 12.62
C ILE A 132 14.30 13.29 12.83
N PRO A 133 13.93 12.45 13.80
CA PRO A 133 12.52 12.06 13.95
C PRO A 133 11.61 13.21 14.39
N ARG A 134 10.32 13.04 14.09
CA ARG A 134 9.29 14.02 14.37
C ARG A 134 8.24 13.41 15.28
N ILE A 135 7.82 14.17 16.29
CA ILE A 135 6.73 13.77 17.18
C ILE A 135 5.68 14.88 17.17
N TYR A 136 4.45 14.52 16.86
CA TYR A 136 3.32 15.44 16.76
C TYR A 136 2.26 15.07 17.79
N ILE A 137 1.77 16.08 18.51
CA ILE A 137 0.69 15.91 19.49
C ILE A 137 -0.52 16.66 18.97
N SER A 138 -1.66 15.97 18.90
CA SER A 138 -2.84 16.45 18.19
C SER A 138 -3.93 16.82 19.19
N VAL A 139 -4.19 18.13 19.32
CA VAL A 139 -5.32 18.62 20.08
C VAL A 139 -6.03 19.57 19.14
N ASN A 140 -7.03 19.08 18.39
CA ASN A 140 -7.56 19.86 17.29
C ASN A 140 -9.07 19.68 17.13
N SER A 141 -9.70 20.72 16.59
CA SER A 141 -11.11 20.71 16.25
C SER A 141 -11.37 20.66 14.75
N GLY A 142 -10.33 20.44 13.94
CA GLY A 142 -10.49 20.37 12.51
C GLY A 142 -10.14 21.65 11.80
N ALA A 143 -10.66 21.77 10.58
CA ALA A 143 -10.43 22.96 9.78
C ALA A 143 -11.21 24.14 10.33
N ARG A 144 -10.67 25.33 10.13
CA ARG A 144 -11.31 26.54 10.63
C ARG A 144 -12.51 26.90 9.76
N ILE A 145 -13.62 27.22 10.42
CA ILE A 145 -14.88 27.58 9.79
C ILE A 145 -15.12 29.06 10.06
N GLY A 146 -15.50 29.80 9.02
CA GLY A 146 -15.70 31.22 9.20
C GLY A 146 -16.74 31.79 8.26
N VAL A 147 -17.38 32.87 8.72
CA VAL A 147 -18.37 33.63 7.96
C VAL A 147 -17.93 35.09 7.99
N ALA A 148 -17.98 35.75 6.82
CA ALA A 148 -17.63 37.16 6.74
C ALA A 148 -18.61 38.02 7.54
N GLU A 149 -18.07 38.89 8.39
CA GLU A 149 -18.87 39.60 9.37
C GLU A 149 -19.16 41.05 9.02
N GLU A 150 -18.42 41.64 8.07
CA GLU A 150 -18.73 43.01 7.66
C GLU A 150 -19.99 43.05 6.81
N VAL A 151 -20.30 41.96 6.11
CA VAL A 151 -21.52 41.89 5.32
C VAL A 151 -22.69 41.45 6.21
N LYS A 152 -22.39 40.68 7.26
CA LYS A 152 -23.42 40.13 8.15
C LYS A 152 -24.14 41.24 8.91
N SER A 153 -23.45 42.30 9.26
CA SER A 153 -24.03 43.42 9.97
C SER A 153 -24.61 44.48 9.05
N ASP A 154 -24.59 44.25 7.74
CA ASP A 154 -24.93 45.30 6.78
C ASP A 154 -25.82 44.86 5.62
N PHE A 155 -26.10 43.56 5.45
CA PHE A 155 -26.85 43.11 4.30
C PHE A 155 -28.34 43.43 4.46
N ASN A 156 -28.99 43.71 3.33
CA ASN A 156 -30.42 44.00 3.29
C ASN A 156 -31.14 42.99 2.42
N VAL A 157 -32.45 42.87 2.61
CA VAL A 157 -33.23 41.82 1.98
C VAL A 157 -34.25 42.43 1.01
N ALA A 158 -34.34 41.87 -0.19
CA ALA A 158 -35.34 42.27 -1.16
C ALA A 158 -36.58 41.40 -0.98
N TRP A 159 -37.70 42.03 -0.64
CA TRP A 159 -38.93 41.32 -0.29
C TRP A 159 -39.87 41.28 -1.48
N LEU A 160 -40.65 40.21 -1.57
CA LEU A 160 -41.78 40.19 -2.50
C LEU A 160 -42.83 41.21 -2.09
N ASP A 161 -43.16 41.24 -0.80
CA ASP A 161 -44.06 42.23 -0.23
C ASP A 161 -43.46 42.66 1.11
N ALA A 162 -43.24 43.97 1.27
CA ALA A 162 -42.61 44.47 2.49
C ALA A 162 -43.56 44.39 3.67
N GLU A 163 -44.87 44.42 3.42
CA GLU A 163 -45.85 44.34 4.51
C GLU A 163 -45.89 42.93 5.10
N ARG A 164 -45.70 41.90 4.27
CA ARG A 164 -45.69 40.53 4.74
C ARG A 164 -44.36 39.88 4.43
N PRO A 165 -43.39 39.90 5.36
CA PRO A 165 -42.11 39.24 5.09
C PRO A 165 -42.17 37.72 5.05
N GLU A 166 -43.26 37.10 5.52
CA GLU A 166 -43.27 35.66 5.70
C GLU A 166 -43.44 34.91 4.38
N ARG A 167 -43.88 35.60 3.33
CA ARG A 167 -44.14 34.90 2.06
C ARG A 167 -42.84 34.53 1.34
N GLY A 168 -41.88 35.43 1.28
CA GLY A 168 -40.62 35.08 0.65
C GLY A 168 -39.79 36.30 0.34
N PHE A 169 -38.56 36.03 -0.09
CA PHE A 169 -37.57 37.05 -0.42
C PHE A 169 -36.94 36.72 -1.77
N LYS A 170 -36.56 37.76 -2.52
CA LYS A 170 -35.98 37.54 -3.83
C LYS A 170 -34.46 37.41 -3.75
N TYR A 171 -33.78 38.42 -3.19
CA TYR A 171 -32.33 38.39 -3.18
C TYR A 171 -31.80 39.16 -1.98
N LEU A 172 -30.48 39.06 -1.79
CA LEU A 172 -29.77 39.78 -0.74
C LEU A 172 -28.95 40.90 -1.40
N TYR A 173 -29.14 42.13 -0.96
CA TYR A 173 -28.56 43.28 -1.62
C TYR A 173 -27.91 44.21 -0.60
N LEU A 174 -27.07 45.12 -1.11
CA LEU A 174 -26.46 46.16 -0.31
C LEU A 174 -26.90 47.53 -0.83
N THR A 175 -27.14 48.44 0.10
CA THR A 175 -27.43 49.84 -0.22
C THR A 175 -26.16 50.52 -0.72
N PRO A 176 -26.28 51.62 -1.48
CA PRO A 176 -25.06 52.30 -1.99
C PRO A 176 -24.12 52.86 -0.92
N GLU A 177 -24.64 53.32 0.22
CA GLU A 177 -23.76 53.87 1.24
C GLU A 177 -22.99 52.78 1.98
N VAL A 178 -23.54 51.56 2.03
CA VAL A 178 -22.77 50.42 2.52
C VAL A 178 -21.70 50.01 1.53
N TYR A 179 -22.04 50.06 0.22
CA TYR A 179 -21.09 49.69 -0.81
C TYR A 179 -19.96 50.71 -0.93
N SER A 180 -20.20 51.96 -0.54
CA SER A 180 -19.14 52.95 -0.51
C SER A 180 -18.09 52.60 0.54
N LYS A 181 -18.51 51.98 1.64
CA LYS A 181 -17.56 51.55 2.66
C LYS A 181 -16.90 50.22 2.28
N LEU A 182 -17.68 49.26 1.80
CA LEU A 182 -17.18 47.91 1.59
C LEU A 182 -16.68 47.63 0.18
N GLY A 183 -16.64 48.64 -0.70
CA GLY A 183 -16.19 48.40 -2.05
C GLY A 183 -14.68 48.28 -2.17
N ALA A 184 -13.95 48.96 -1.28
CA ALA A 184 -12.49 48.99 -1.39
C ALA A 184 -11.87 47.69 -0.92
N LEU A 185 -12.47 47.06 0.08
CA LEU A 185 -11.89 45.86 0.68
C LEU A 185 -12.15 44.59 -0.13
N GLY A 186 -13.00 44.66 -1.15
CA GLY A 186 -13.30 43.52 -2.00
C GLY A 186 -14.02 42.40 -1.29
N SER A 187 -15.03 42.74 -0.49
CA SER A 187 -15.78 41.74 0.24
C SER A 187 -16.95 41.17 -0.54
N VAL A 188 -17.52 41.91 -1.47
CA VAL A 188 -18.67 41.43 -2.23
C VAL A 188 -18.42 41.60 -3.71
N LYS A 189 -18.92 40.64 -4.49
CA LYS A 189 -19.04 40.77 -5.93
C LYS A 189 -20.52 40.98 -6.24
N THR A 190 -20.83 42.14 -6.81
CA THR A 190 -22.19 42.63 -6.89
C THR A 190 -22.54 43.07 -8.31
N GLU A 191 -23.83 43.29 -8.52
CA GLU A 191 -24.37 43.76 -9.79
C GLU A 191 -25.28 44.95 -9.51
N LEU A 192 -25.16 46.01 -10.32
CA LEU A 192 -26.01 47.18 -10.14
C LEU A 192 -27.36 46.94 -10.80
N ILE A 193 -28.41 46.82 -9.99
CA ILE A 193 -29.77 46.58 -10.46
C ILE A 193 -30.65 47.70 -9.93
N GLU A 194 -31.39 48.35 -10.81
CA GLU A 194 -32.37 49.36 -10.43
C GLU A 194 -33.73 48.68 -10.32
N ASP A 195 -34.07 48.24 -9.11
CA ASP A 195 -35.36 47.66 -8.82
C ASP A 195 -36.12 48.60 -7.90
N GLU A 196 -37.44 48.63 -8.08
CA GLU A 196 -38.37 49.62 -7.48
C GLU A 196 -37.87 51.00 -7.92
N GLY A 197 -37.65 51.94 -6.99
CA GLY A 197 -37.15 53.25 -7.34
C GLY A 197 -35.78 53.60 -6.83
N GLU A 198 -34.99 52.63 -6.39
CA GLU A 198 -33.69 52.90 -5.78
C GLU A 198 -32.63 52.04 -6.42
N SER A 199 -31.39 52.55 -6.40
CA SER A 199 -30.26 51.77 -6.90
C SER A 199 -29.86 50.74 -5.85
N ARG A 200 -29.74 49.48 -6.29
CA ARG A 200 -29.43 48.38 -5.40
C ARG A 200 -28.26 47.60 -5.97
N TYR A 201 -27.42 47.09 -5.08
CA TYR A 201 -26.27 46.26 -5.44
C TYR A 201 -26.59 44.83 -5.04
N ARG A 202 -27.08 44.04 -5.99
CA ARG A 202 -27.42 42.66 -5.71
C ARG A 202 -26.17 41.84 -5.51
N ILE A 203 -26.05 41.21 -4.34
CA ILE A 203 -24.88 40.43 -3.99
C ILE A 203 -24.90 39.14 -4.78
N THR A 204 -23.95 38.99 -5.69
CA THR A 204 -23.71 37.70 -6.35
C THR A 204 -22.82 36.80 -5.51
N ASP A 205 -21.73 37.33 -4.97
CA ASP A 205 -20.74 36.53 -4.25
C ASP A 205 -20.28 37.28 -3.00
N ILE A 206 -19.94 36.51 -1.97
CA ILE A 206 -19.41 37.06 -0.71
C ILE A 206 -18.00 36.55 -0.52
N ILE A 207 -17.06 37.48 -0.30
CA ILE A 207 -15.65 37.18 -0.08
C ILE A 207 -15.37 37.82 1.29
N GLY A 208 -14.26 37.51 1.94
CA GLY A 208 -13.93 38.14 3.19
C GLY A 208 -12.62 38.88 3.11
N LYS A 209 -12.53 39.97 3.88
CA LYS A 209 -11.25 40.64 4.06
C LYS A 209 -10.32 39.80 4.91
N GLU A 210 -10.88 38.97 5.78
CA GLU A 210 -10.13 38.04 6.60
C GLU A 210 -9.91 36.74 5.83
N ASP A 211 -9.02 35.91 6.36
CA ASP A 211 -8.71 34.63 5.76
C ASP A 211 -9.00 33.51 6.76
N GLY A 212 -9.26 32.32 6.24
CA GLY A 212 -9.62 31.18 7.05
C GLY A 212 -11.11 30.87 7.07
N LEU A 213 -11.91 31.53 6.23
CA LEU A 213 -13.35 31.31 6.26
C LEU A 213 -13.74 30.00 5.60
N GLY A 214 -13.13 29.68 4.46
CA GLY A 214 -13.63 28.58 3.64
C GLY A 214 -12.60 27.59 3.15
N VAL A 215 -12.54 27.42 1.83
CA VAL A 215 -11.74 26.36 1.21
C VAL A 215 -10.24 26.67 1.24
N GLU A 216 -9.85 27.88 1.64
CA GLU A 216 -8.44 28.20 1.74
C GLU A 216 -7.77 27.48 2.90
N CYS A 217 -8.55 27.05 3.89
CA CYS A 217 -8.01 26.10 4.89
C CYS A 217 -7.80 24.73 4.28
N LEU A 218 -8.74 24.30 3.43
CA LEU A 218 -8.67 22.98 2.83
C LEU A 218 -7.57 22.89 1.77
N ARG A 219 -7.13 24.05 1.26
CA ARG A 219 -5.98 24.05 0.35
C ARG A 219 -4.69 23.69 1.09
N ASP A 220 -4.48 24.24 2.29
CA ASP A 220 -3.28 23.94 3.06
C ASP A 220 -3.40 22.63 3.83
N ALA A 221 -4.62 22.12 4.01
CA ALA A 221 -4.79 20.80 4.61
C ALA A 221 -4.18 19.70 3.74
N GLY A 222 -4.34 19.81 2.42
CA GLY A 222 -3.69 18.87 1.52
C GLY A 222 -2.19 19.02 1.51
N LEU A 223 -1.69 20.24 1.76
CA LEU A 223 -0.27 20.47 1.89
C LEU A 223 0.30 19.73 3.10
N ILE A 224 -0.43 19.79 4.22
CA ILE A 224 -0.05 19.02 5.40
C ILE A 224 -0.09 17.52 5.13
N ALA A 225 -1.14 17.06 4.44
CA ALA A 225 -1.29 15.63 4.15
C ALA A 225 -0.15 15.11 3.27
N GLY A 226 0.21 15.86 2.23
CA GLY A 226 1.32 15.46 1.38
C GLY A 226 2.66 15.50 2.10
N GLU A 227 2.88 16.53 2.92
CA GLU A 227 4.12 16.60 3.69
C GLU A 227 4.21 15.50 4.74
N THR A 228 3.07 15.12 5.33
CA THR A 228 3.09 14.06 6.34
C THR A 228 3.34 12.69 5.69
N ALA A 229 2.80 12.47 4.49
CA ALA A 229 3.14 11.27 3.74
C ALA A 229 4.61 11.23 3.37
N GLN A 230 5.16 12.37 2.92
CA GLN A 230 6.59 12.43 2.57
C GLN A 230 7.48 12.22 3.78
N ALA A 231 7.07 12.75 4.94
CA ALA A 231 7.82 12.54 6.17
C ALA A 231 7.72 11.10 6.64
N TYR A 232 6.60 10.43 6.34
CA TYR A 232 6.51 9.01 6.63
C TYR A 232 7.48 8.20 5.78
N GLU A 233 7.64 8.56 4.51
CA GLU A 233 8.62 7.86 3.68
C GLU A 233 10.06 8.17 4.08
N ASP A 234 10.33 9.41 4.52
CA ASP A 234 11.73 9.81 4.68
C ASP A 234 12.24 9.81 6.12
N ILE A 235 11.41 10.03 7.13
CA ILE A 235 11.88 9.96 8.51
C ILE A 235 10.93 9.14 9.37
N VAL A 236 11.19 9.08 10.67
CA VAL A 236 10.35 8.36 11.62
C VAL A 236 9.37 9.34 12.26
N THR A 237 8.08 9.02 12.20
CA THR A 237 7.01 9.92 12.63
C THR A 237 6.19 9.25 13.72
N ILE A 238 6.03 9.94 14.85
CA ILE A 238 5.23 9.44 15.98
C ILE A 238 4.15 10.46 16.29
N SER A 239 2.92 9.99 16.50
CA SER A 239 1.77 10.84 16.77
C SER A 239 1.11 10.45 18.09
N ILE A 240 0.65 11.45 18.83
CA ILE A 240 -0.04 11.29 20.11
C ILE A 240 -1.38 12.02 20.03
N VAL A 241 -2.44 11.38 20.48
CA VAL A 241 -3.77 11.97 20.57
C VAL A 241 -4.16 12.03 22.05
N THR A 242 -4.56 13.21 22.53
CA THR A 242 -4.77 13.43 23.95
C THR A 242 -6.22 13.75 24.31
N CYS A 243 -6.87 14.68 23.62
CA CYS A 243 -8.31 14.89 23.83
C CYS A 243 -9.15 14.58 22.62
N ARG A 244 -8.85 15.18 21.46
CA ARG A 244 -9.67 14.93 20.28
C ARG A 244 -8.87 15.19 19.02
N ALA A 245 -9.24 14.46 17.96
CA ALA A 245 -8.75 14.71 16.61
C ALA A 245 -9.94 14.59 15.66
N ILE A 246 -10.34 15.72 15.09
CA ILE A 246 -11.53 15.79 14.24
C ILE A 246 -11.11 16.13 12.82
N GLY A 247 -11.63 15.37 11.86
CA GLY A 247 -11.43 15.65 10.45
C GLY A 247 -10.03 15.40 9.94
N ILE A 248 -9.47 16.43 9.28
CA ILE A 248 -8.18 16.32 8.58
C ILE A 248 -7.05 15.97 9.54
N GLY A 249 -7.14 16.43 10.80
CA GLY A 249 -6.16 16.08 11.80
C GLY A 249 -6.05 14.59 12.04
N SER A 250 -7.21 13.90 12.01
CA SER A 250 -7.25 12.45 12.10
C SER A 250 -6.45 11.80 10.98
N TYR A 251 -6.56 12.35 9.76
CA TYR A 251 -5.80 11.81 8.63
C TYR A 251 -4.31 12.02 8.81
N ILE A 252 -3.93 13.17 9.38
CA ILE A 252 -2.52 13.41 9.70
C ILE A 252 -2.03 12.38 10.71
N VAL A 253 -2.90 12.03 11.65
CA VAL A 253 -2.61 10.99 12.63
C VAL A 253 -2.35 9.66 11.94
N ARG A 254 -3.20 9.31 10.97
CA ARG A 254 -2.99 8.06 10.26
C ARG A 254 -1.81 8.18 9.30
N LEU A 255 -1.49 9.41 8.87
CA LEU A 255 -0.33 9.57 8.02
C LEU A 255 0.95 9.55 8.85
N GLY A 256 0.84 9.53 10.18
CA GLY A 256 2.02 9.27 11.00
C GLY A 256 2.34 7.79 11.11
N HIS A 257 1.30 6.94 11.13
CA HIS A 257 1.26 5.48 11.20
C HIS A 257 1.72 4.92 12.54
N ARG A 258 2.14 5.75 13.51
CA ARG A 258 2.53 5.30 14.84
C ARG A 258 1.78 6.18 15.84
N VAL A 259 0.73 5.62 16.46
CA VAL A 259 -0.28 6.40 17.16
C VAL A 259 -0.33 5.94 18.61
N ILE A 260 -0.23 6.89 19.54
CA ILE A 260 -0.45 6.67 20.96
C ILE A 260 -1.68 7.48 21.37
N GLN A 261 -2.67 6.80 21.92
CA GLN A 261 -3.95 7.41 22.26
C GLN A 261 -4.16 7.40 23.77
N VAL A 262 -4.54 8.54 24.32
CA VAL A 262 -4.95 8.58 25.73
C VAL A 262 -6.35 7.96 25.84
N GLU A 263 -6.65 7.38 27.00
CA GLU A 263 -7.88 6.61 27.17
C GLU A 263 -9.14 7.47 27.09
N SER A 264 -9.04 8.78 27.27
CA SER A 264 -10.19 9.66 27.14
C SER A 264 -10.27 10.34 25.77
N SER A 265 -9.43 9.95 24.83
CA SER A 265 -9.38 10.59 23.51
C SER A 265 -10.47 10.05 22.60
N TYR A 266 -10.64 10.72 21.46
CA TYR A 266 -11.41 10.18 20.36
C TYR A 266 -10.86 10.71 19.04
N ILE A 267 -10.81 9.84 18.04
CA ILE A 267 -10.35 10.18 16.69
C ILE A 267 -11.52 9.98 15.75
N ILE A 268 -12.18 11.08 15.37
CA ILE A 268 -13.40 11.03 14.58
C ILE A 268 -13.22 11.86 13.31
N LEU A 269 -14.15 11.68 12.37
CA LEU A 269 -14.23 12.49 11.16
C LEU A 269 -15.47 13.37 11.14
N THR A 270 -16.64 12.81 11.46
CA THR A 270 -17.88 13.55 11.54
C THR A 270 -18.47 13.35 12.94
N GLY A 271 -18.94 14.47 13.54
CA GLY A 271 -19.46 14.42 14.88
C GLY A 271 -20.78 13.67 14.97
N TYR A 272 -21.16 13.35 16.22
CA TYR A 272 -22.31 12.49 16.44
C TYR A 272 -23.62 13.23 16.20
N ALA A 273 -23.65 14.54 16.45
CA ALA A 273 -24.86 15.32 16.21
C ALA A 273 -25.20 15.41 14.74
N ALA A 274 -24.19 15.56 13.89
CA ALA A 274 -24.42 15.59 12.44
C ALA A 274 -24.90 14.25 11.93
N LEU A 275 -24.38 13.14 12.46
CA LEU A 275 -24.84 11.82 12.06
C LEU A 275 -26.27 11.56 12.52
N ASN A 276 -26.64 12.03 13.71
CA ASN A 276 -28.04 11.90 14.14
C ASN A 276 -28.96 12.79 13.31
N LYS A 277 -28.46 13.93 12.83
CA LYS A 277 -29.28 14.76 11.95
C LYS A 277 -29.47 14.12 10.58
N VAL A 278 -28.44 13.43 10.07
CA VAL A 278 -28.58 12.72 8.79
C VAL A 278 -29.52 11.52 8.95
N LEU A 279 -29.32 10.73 10.00
CA LEU A 279 -30.13 9.51 10.16
C LEU A 279 -31.53 9.82 10.68
N GLY A 280 -31.75 11.02 11.21
CA GLY A 280 -33.07 11.46 11.60
C GLY A 280 -33.48 11.12 13.02
N ARG A 281 -32.78 10.20 13.68
CA ARG A 281 -33.08 9.83 15.04
C ARG A 281 -31.79 9.85 15.86
N ALA A 282 -31.95 9.79 17.18
CA ALA A 282 -30.82 9.81 18.11
C ALA A 282 -30.16 8.42 18.14
N VAL A 283 -29.31 8.17 17.13
CA VAL A 283 -28.59 6.92 17.07
C VAL A 283 -27.43 6.91 18.05
N TYR A 284 -26.58 7.93 17.99
CA TYR A 284 -25.36 7.99 18.78
C TYR A 284 -25.53 8.99 19.92
N ALA A 285 -24.90 8.68 21.06
CA ALA A 285 -24.96 9.54 22.24
C ALA A 285 -23.62 10.15 22.60
N SER A 286 -22.53 9.72 21.98
CA SER A 286 -21.21 10.26 22.28
C SER A 286 -20.30 10.05 21.09
N ASN A 287 -19.21 10.83 21.05
CA ASN A 287 -18.18 10.66 20.03
C ASN A 287 -17.20 9.54 20.36
N ASN A 288 -17.24 9.03 21.60
CA ASN A 288 -16.39 7.90 21.95
C ASN A 288 -16.88 6.62 21.31
N GLN A 289 -18.17 6.56 20.97
CA GLN A 289 -18.69 5.44 20.19
C GLN A 289 -18.12 5.45 18.78
N LEU A 290 -18.01 6.64 18.17
CA LEU A 290 -17.52 6.72 16.81
C LEU A 290 -16.00 6.57 16.74
N GLY A 291 -15.27 7.16 17.68
CA GLY A 291 -13.83 7.18 17.53
C GLY A 291 -12.97 6.95 18.76
N GLY A 292 -13.52 6.28 19.78
CA GLY A 292 -12.82 6.10 21.04
C GLY A 292 -11.76 5.02 20.99
N VAL A 293 -11.30 4.64 22.18
CA VAL A 293 -10.24 3.64 22.30
C VAL A 293 -10.74 2.28 21.88
N GLN A 294 -12.01 1.96 22.20
CA GLN A 294 -12.56 0.64 21.92
C GLN A 294 -12.79 0.41 20.42
N VAL A 295 -12.74 1.48 19.63
CA VAL A 295 -12.85 1.31 18.18
C VAL A 295 -11.47 1.35 17.54
N MET A 296 -10.70 2.42 17.80
CA MET A 296 -9.45 2.63 17.10
C MET A 296 -8.34 1.70 17.60
N HIS A 297 -8.40 1.27 18.85
CA HIS A 297 -7.39 0.35 19.33
C HIS A 297 -7.69 -1.07 18.85
N HIS A 298 -8.97 -1.35 18.59
CA HIS A 298 -9.39 -2.67 18.12
C HIS A 298 -9.44 -2.78 16.60
N ASN A 299 -9.28 -1.69 15.84
CA ASN A 299 -9.12 -1.84 14.40
C ASN A 299 -7.71 -1.60 13.89
N GLY A 300 -6.83 -1.00 14.70
CA GLY A 300 -5.43 -0.86 14.37
C GLY A 300 -4.96 0.53 14.01
N VAL A 301 -5.84 1.54 14.07
CA VAL A 301 -5.39 2.91 13.87
C VAL A 301 -4.54 3.38 15.04
N SER A 302 -4.99 3.13 16.25
CA SER A 302 -4.23 3.43 17.46
C SER A 302 -3.35 2.23 17.78
N HIS A 303 -2.03 2.43 17.76
CA HIS A 303 -1.13 1.34 18.12
C HIS A 303 -1.17 1.07 19.62
N ALA A 304 -0.68 1.99 20.43
CA ALA A 304 -0.66 1.81 21.87
C ALA A 304 -1.63 2.77 22.52
N VAL A 305 -2.07 2.41 23.72
CA VAL A 305 -2.97 3.23 24.53
C VAL A 305 -2.26 3.54 25.85
N ALA A 306 -2.44 4.77 26.33
CA ALA A 306 -1.78 5.22 27.55
C ALA A 306 -2.80 5.86 28.49
N PRO A 307 -2.63 5.71 29.80
CA PRO A 307 -3.60 6.31 30.74
C PRO A 307 -3.55 7.82 30.80
N SER A 308 -2.41 8.44 30.52
CA SER A 308 -2.28 9.90 30.62
C SER A 308 -1.30 10.38 29.55
N ASP A 309 -1.12 11.71 29.51
CA ASP A 309 -0.20 12.31 28.54
C ASP A 309 1.24 11.98 28.88
N LEU A 310 1.57 11.93 30.18
CA LEU A 310 2.93 11.66 30.62
C LEU A 310 3.32 10.21 30.31
N GLU A 311 2.37 9.28 30.48
CA GLU A 311 2.61 7.90 30.08
C GLU A 311 2.73 7.75 28.57
N ALA A 312 2.00 8.59 27.81
CA ALA A 312 2.15 8.60 26.36
C ALA A 312 3.53 9.11 25.95
N VAL A 313 4.07 10.08 26.69
CA VAL A 313 5.43 10.55 26.46
C VAL A 313 6.44 9.44 26.76
N ARG A 314 6.19 8.66 27.82
CA ARG A 314 7.05 7.52 28.14
C ARG A 314 7.03 6.47 27.03
N THR A 315 5.84 6.18 26.49
CA THR A 315 5.72 5.21 25.40
C THR A 315 6.38 5.72 24.12
N ALA A 316 6.27 7.03 23.87
CA ALA A 316 6.92 7.63 22.70
C ALA A 316 8.44 7.56 22.81
N LEU A 317 8.98 7.79 24.02
CA LEU A 317 10.42 7.66 24.19
C LEU A 317 10.88 6.21 24.17
N ARG A 318 10.02 5.27 24.61
CA ARG A 318 10.33 3.85 24.47
C ARG A 318 10.42 3.45 23.01
N TRP A 319 9.50 3.93 22.18
CA TRP A 319 9.56 3.65 20.75
C TRP A 319 10.74 4.36 20.10
N LEU A 320 11.09 5.54 20.60
CA LEU A 320 12.20 6.29 20.04
C LEU A 320 13.55 5.70 20.43
N ALA A 321 13.59 4.94 21.52
CA ALA A 321 14.86 4.34 21.96
C ALA A 321 15.34 3.25 21.00
N PHE A 322 14.43 2.64 20.24
CA PHE A 322 14.83 1.59 19.32
C PHE A 322 15.43 2.16 18.03
N VAL A 323 14.93 3.31 17.58
CA VAL A 323 15.27 3.82 16.25
C VAL A 323 16.60 4.56 16.32
N PRO A 324 17.34 4.67 15.21
CA PRO A 324 18.58 5.46 15.22
C PRO A 324 18.33 6.94 15.40
N LYS A 325 19.39 7.66 15.77
CA LYS A 325 19.26 9.09 16.08
C LYS A 325 18.98 9.90 14.82
N ASP A 326 19.54 9.49 13.68
CA ASP A 326 19.19 10.08 12.39
C ASP A 326 19.32 9.00 11.32
N LYS A 327 18.99 9.37 10.08
CA LYS A 327 18.93 8.39 9.01
C LYS A 327 20.31 8.00 8.48
N LEU A 328 21.36 8.71 8.91
CA LEU A 328 22.72 8.38 8.51
C LEU A 328 23.47 7.53 9.52
N SER A 329 22.81 7.05 10.58
CA SER A 329 23.48 6.35 11.66
C SER A 329 22.91 4.96 11.88
N THR A 330 23.67 4.16 12.63
CA THR A 330 23.35 2.80 13.00
C THR A 330 22.48 2.80 14.27
N VAL A 331 21.69 1.75 14.45
CA VAL A 331 20.73 1.59 15.55
C VAL A 331 21.43 1.62 16.90
N PRO A 332 20.80 2.16 17.94
CA PRO A 332 21.43 2.26 19.27
C PRO A 332 21.57 0.89 19.92
N ILE A 333 22.81 0.49 20.16
CA ILE A 333 23.11 -0.79 20.79
C ILE A 333 23.57 -0.52 22.22
N LEU A 334 22.83 -1.05 23.18
CA LEU A 334 23.11 -0.85 24.59
C LEU A 334 24.12 -1.90 25.07
N ARG A 335 24.47 -1.82 26.35
CA ARG A 335 25.36 -2.79 26.94
C ARG A 335 24.60 -4.07 27.27
N VAL A 336 25.36 -5.15 27.48
CA VAL A 336 24.77 -6.47 27.74
C VAL A 336 24.53 -6.59 29.24
N SER A 337 23.30 -6.25 29.66
CA SER A 337 22.90 -6.50 31.03
C SER A 337 22.63 -7.98 31.26
N ASP A 338 21.92 -8.63 30.33
CA ASP A 338 21.61 -10.05 30.36
C ASP A 338 22.65 -10.79 29.53
N PRO A 339 23.24 -11.87 30.06
CA PRO A 339 24.29 -12.59 29.32
C PRO A 339 23.76 -13.24 28.05
N VAL A 340 24.54 -13.12 26.97
CA VAL A 340 24.16 -13.73 25.71
C VAL A 340 24.48 -15.23 25.70
N ASP A 341 25.27 -15.71 26.65
CA ASP A 341 25.64 -17.11 26.72
C ASP A 341 24.67 -17.93 27.57
N ARG A 342 23.60 -17.34 28.05
CA ARG A 342 22.67 -18.06 28.90
C ARG A 342 21.81 -19.01 28.06
N PRO A 343 21.36 -20.13 28.62
CA PRO A 343 20.43 -21.00 27.91
C PRO A 343 19.06 -20.36 27.77
N VAL A 344 18.36 -20.72 26.69
CA VAL A 344 16.94 -20.42 26.54
C VAL A 344 16.18 -21.64 27.03
N GLU A 345 15.54 -21.51 28.20
CA GLU A 345 15.03 -22.68 28.90
C GLU A 345 13.52 -22.86 28.81
N TRP A 346 12.79 -21.94 28.18
CA TRP A 346 11.37 -22.12 27.97
C TRP A 346 11.18 -22.74 26.59
N LYS A 347 10.92 -24.05 26.56
CA LYS A 347 10.77 -24.62 25.24
C LYS A 347 9.32 -24.54 24.79
N PRO A 348 9.08 -24.15 23.54
CA PRO A 348 7.73 -24.11 23.01
C PRO A 348 7.14 -25.51 22.92
N PRO A 349 6.03 -25.77 23.60
CA PRO A 349 5.42 -27.11 23.56
C PRO A 349 4.65 -27.33 22.27
N ARG A 350 4.29 -28.61 22.06
CA ARG A 350 3.52 -28.97 20.88
C ARG A 350 2.06 -28.52 21.01
N ALA A 351 1.55 -28.45 22.23
CA ALA A 351 0.18 -28.04 22.45
C ALA A 351 0.03 -26.53 22.32
N ALA A 352 -1.20 -26.05 22.51
CA ALA A 352 -1.49 -24.62 22.44
C ALA A 352 -0.88 -23.91 23.63
N HIS A 353 -0.25 -22.76 23.37
CA HIS A 353 0.48 -22.03 24.40
C HIS A 353 0.47 -20.55 24.08
N ASP A 354 1.01 -19.76 25.01
CA ASP A 354 1.16 -18.32 24.81
C ASP A 354 2.54 -18.04 24.23
N PRO A 355 2.63 -17.46 23.04
CA PRO A 355 3.95 -17.19 22.43
C PRO A 355 4.75 -16.11 23.13
N ARG A 356 4.10 -15.24 23.90
CA ARG A 356 4.84 -14.19 24.60
C ARG A 356 5.67 -14.76 25.74
N LEU A 357 5.34 -15.95 26.22
CA LEU A 357 6.15 -16.58 27.26
C LEU A 357 7.46 -17.11 26.70
N MET A 358 7.49 -17.46 25.41
CA MET A 358 8.75 -17.91 24.81
C MET A 358 9.63 -16.72 24.46
N LEU A 359 9.04 -15.52 24.41
CA LEU A 359 9.83 -14.33 24.11
C LEU A 359 10.27 -13.63 25.39
N ALA A 360 9.48 -13.71 26.45
CA ALA A 360 9.79 -13.04 27.72
C ALA A 360 10.18 -13.99 28.84
N GLY A 361 9.31 -14.92 29.19
CA GLY A 361 9.53 -15.81 30.32
C GLY A 361 8.36 -15.78 31.30
N ASP A 362 8.42 -16.69 32.28
CA ASP A 362 7.30 -16.94 33.19
C ASP A 362 7.89 -17.00 34.62
N ALA A 363 8.75 -16.02 34.93
CA ALA A 363 9.37 -15.80 36.25
C ALA A 363 10.29 -16.96 36.66
N ALA A 364 10.62 -17.80 35.68
CA ALA A 364 11.54 -18.92 35.72
C ALA A 364 11.56 -19.40 34.27
N ARG A 365 12.53 -20.23 33.89
CA ARG A 365 12.67 -20.76 32.54
C ARG A 365 12.76 -19.64 31.51
N ALA A 366 13.89 -18.92 31.56
CA ALA A 366 14.05 -17.67 30.84
C ALA A 366 14.01 -17.88 29.32
N GLY A 367 13.42 -16.91 28.62
CA GLY A 367 13.08 -17.06 27.22
C GLY A 367 14.17 -16.57 26.28
N PHE A 368 13.72 -16.17 25.09
CA PHE A 368 14.65 -15.84 24.01
C PHE A 368 15.29 -14.47 24.22
N PHE A 369 14.47 -13.42 24.29
CA PHE A 369 14.99 -12.06 24.31
C PHE A 369 15.40 -11.65 25.72
N ASP A 370 15.77 -10.38 25.85
CA ASP A 370 16.20 -9.84 27.13
C ASP A 370 15.04 -9.77 28.11
N VAL A 371 15.36 -9.78 29.40
CA VAL A 371 14.33 -9.72 30.43
C VAL A 371 13.77 -8.31 30.51
N GLY A 372 12.49 -8.17 30.19
CA GLY A 372 11.81 -6.89 30.25
C GLY A 372 11.96 -6.02 29.02
N SER A 373 12.61 -6.50 27.97
CA SER A 373 12.82 -5.68 26.78
C SER A 373 11.61 -5.69 25.85
N PHE A 374 10.69 -6.64 26.05
CA PHE A 374 9.60 -6.83 25.09
C PHE A 374 8.54 -5.76 25.22
N ASP A 375 8.17 -5.19 24.08
CA ASP A 375 7.04 -4.27 23.96
C ASP A 375 6.24 -4.65 22.72
N GLU A 376 4.94 -4.89 22.91
CA GLU A 376 4.05 -5.20 21.81
C GLU A 376 3.14 -4.01 21.55
N ILE A 377 2.77 -3.81 20.28
CA ILE A 377 2.07 -2.58 19.92
C ILE A 377 0.58 -2.79 19.64
N MET A 378 0.19 -3.58 18.64
CA MET A 378 -1.24 -3.80 18.40
C MET A 378 -1.69 -5.12 19.06
N GLN A 379 -2.08 -4.99 20.31
CA GLN A 379 -2.51 -6.17 21.06
C GLN A 379 -3.93 -6.65 20.71
N PRO A 380 -5.00 -5.86 20.81
CA PRO A 380 -6.34 -6.47 20.64
C PRO A 380 -6.83 -6.57 19.20
N TRP A 381 -6.01 -6.24 18.21
CA TRP A 381 -6.38 -6.34 16.81
C TRP A 381 -5.57 -7.43 16.13
N ALA A 382 -6.29 -8.36 15.48
CA ALA A 382 -5.73 -9.48 14.72
C ALA A 382 -4.76 -10.30 15.57
N GLN A 383 -5.32 -10.91 16.62
CA GLN A 383 -4.53 -11.53 17.66
C GLN A 383 -3.88 -12.85 17.25
N THR A 384 -4.13 -13.32 16.03
CA THR A 384 -3.38 -14.42 15.45
C THR A 384 -1.90 -14.10 15.34
N VAL A 385 -1.55 -12.88 14.90
CA VAL A 385 -0.16 -12.46 14.74
C VAL A 385 0.19 -11.52 15.89
N ILE A 386 1.29 -11.82 16.57
CA ILE A 386 1.84 -10.98 17.63
C ILE A 386 3.00 -10.17 17.05
N THR A 387 2.87 -8.85 17.06
CA THR A 387 3.87 -7.96 16.50
C THR A 387 4.38 -7.03 17.59
N GLY A 388 5.69 -6.83 17.63
CA GLY A 388 6.24 -5.99 18.68
C GLY A 388 7.70 -5.67 18.44
N ARG A 389 8.30 -5.02 19.45
CA ARG A 389 9.71 -4.64 19.44
C ARG A 389 10.39 -5.17 20.69
N ALA A 390 11.63 -5.61 20.55
CA ALA A 390 12.39 -6.14 21.68
C ALA A 390 13.86 -5.83 21.47
N ARG A 391 14.70 -6.34 22.37
CA ARG A 391 16.15 -6.18 22.27
C ARG A 391 16.84 -7.52 22.47
N LEU A 392 17.82 -7.79 21.62
CA LEU A 392 18.67 -8.98 21.71
C LEU A 392 20.11 -8.53 21.87
N GLY A 393 20.66 -8.75 23.06
CA GLY A 393 22.03 -8.33 23.36
C GLY A 393 22.26 -6.84 23.29
N GLY A 394 21.21 -6.05 23.44
CA GLY A 394 21.27 -4.63 23.22
C GLY A 394 20.86 -4.15 21.84
N ILE A 395 20.67 -5.05 20.89
CA ILE A 395 20.35 -4.70 19.51
C ILE A 395 18.83 -4.65 19.36
N PRO A 396 18.26 -3.56 18.84
CA PRO A 396 16.81 -3.50 18.63
C PRO A 396 16.35 -4.45 17.53
N VAL A 397 15.31 -5.22 17.82
CA VAL A 397 14.77 -6.24 16.92
C VAL A 397 13.25 -6.05 16.83
N GLY A 398 12.73 -6.13 15.61
CA GLY A 398 11.30 -6.24 15.37
C GLY A 398 10.89 -7.71 15.38
N VAL A 399 9.74 -8.00 15.98
CA VAL A 399 9.34 -9.37 16.35
C VAL A 399 7.97 -9.65 15.78
N ILE A 400 7.83 -10.77 15.05
CA ILE A 400 6.56 -11.28 14.56
C ILE A 400 6.45 -12.75 14.96
N ALA A 401 5.34 -13.11 15.62
CA ALA A 401 5.10 -14.46 16.10
C ALA A 401 3.64 -14.83 15.86
N VAL A 402 3.31 -16.11 16.08
CA VAL A 402 2.00 -16.67 15.77
C VAL A 402 1.39 -17.28 17.03
N GLU A 403 0.19 -16.83 17.39
CA GLU A 403 -0.52 -17.46 18.50
C GLU A 403 -1.10 -18.81 18.07
N THR A 404 -0.89 -19.83 18.89
CA THR A 404 -1.37 -21.18 18.61
C THR A 404 -2.67 -21.51 19.32
N ARG A 405 -3.42 -20.51 19.78
CA ARG A 405 -4.68 -20.71 20.47
C ARG A 405 -5.81 -20.08 19.68
N THR A 406 -7.01 -20.64 19.82
CA THR A 406 -8.18 -20.12 19.12
C THR A 406 -8.59 -18.77 19.72
N VAL A 407 -8.90 -17.82 18.84
CA VAL A 407 -9.17 -16.44 19.22
C VAL A 407 -10.66 -16.17 19.03
N GLU A 408 -11.30 -15.69 20.09
CA GLU A 408 -12.71 -15.29 20.03
C GLU A 408 -12.78 -13.80 19.71
N LEU A 409 -13.44 -13.48 18.60
CA LEU A 409 -13.58 -12.11 18.13
C LEU A 409 -15.04 -11.70 18.23
N THR A 410 -15.31 -10.62 18.95
CA THR A 410 -16.67 -10.13 19.14
C THR A 410 -16.89 -8.92 18.25
N GLN A 411 -17.75 -9.08 17.26
CA GLN A 411 -18.14 -7.98 16.39
C GLN A 411 -19.36 -7.28 16.96
N PRO A 412 -19.25 -6.00 17.33
CA PRO A 412 -20.37 -5.33 17.99
C PRO A 412 -21.47 -4.95 17.01
N ALA A 413 -22.61 -4.57 17.57
CA ALA A 413 -23.76 -4.20 16.77
C ALA A 413 -23.63 -2.78 16.23
N ASP A 414 -24.30 -2.53 15.12
CA ASP A 414 -24.38 -1.21 14.51
C ASP A 414 -25.69 -0.57 14.93
N PRO A 415 -25.70 0.53 15.69
CA PRO A 415 -26.97 1.08 16.17
C PRO A 415 -27.76 1.85 15.12
N ALA A 416 -27.22 2.06 13.93
CA ALA A 416 -28.00 2.65 12.85
C ALA A 416 -29.03 1.66 12.31
N ASN A 417 -28.66 0.39 12.22
CA ASN A 417 -29.54 -0.66 11.72
C ASN A 417 -30.15 -1.40 12.90
N LEU A 418 -31.49 -1.48 12.93
CA LEU A 418 -32.17 -2.10 14.05
C LEU A 418 -32.02 -3.61 14.04
N ASP A 419 -31.81 -4.20 12.86
CA ASP A 419 -31.76 -5.65 12.75
C ASP A 419 -30.39 -6.21 13.11
N SER A 420 -29.38 -5.34 13.26
CA SER A 420 -28.02 -5.80 13.52
C SER A 420 -27.86 -6.30 14.94
N GLU A 421 -27.08 -7.37 15.09
CA GLU A 421 -26.75 -7.96 16.39
C GLU A 421 -25.26 -8.25 16.46
N ALA A 422 -24.75 -8.31 17.69
CA ALA A 422 -23.35 -8.66 17.90
C ALA A 422 -23.12 -10.13 17.60
N LYS A 423 -21.89 -10.44 17.16
CA LYS A 423 -21.58 -11.80 16.74
C LYS A 423 -20.25 -12.25 17.34
N THR A 424 -20.11 -13.56 17.49
CA THR A 424 -18.89 -14.19 17.99
C THR A 424 -18.28 -15.02 16.87
N LEU A 425 -17.01 -14.79 16.58
CA LEU A 425 -16.28 -15.49 15.53
C LEU A 425 -15.10 -16.23 16.14
N GLN A 426 -14.94 -17.49 15.78
CA GLN A 426 -13.80 -18.28 16.23
C GLN A 426 -12.74 -18.26 15.13
N GLN A 427 -11.54 -17.78 15.46
CA GLN A 427 -10.44 -17.71 14.51
C GLN A 427 -9.37 -18.70 14.92
N ALA A 428 -8.91 -19.50 13.94
CA ALA A 428 -7.93 -20.53 14.21
C ALA A 428 -6.56 -19.93 14.51
N GLY A 429 -5.65 -20.79 15.00
CA GLY A 429 -4.40 -20.29 15.53
C GLY A 429 -3.39 -19.91 14.46
N GLN A 430 -3.04 -20.85 13.60
CA GLN A 430 -1.88 -20.73 12.72
C GLN A 430 -2.27 -20.36 11.30
N VAL A 431 -3.30 -19.52 11.13
CA VAL A 431 -3.83 -19.18 9.82
C VAL A 431 -3.88 -17.66 9.68
N TRP A 432 -3.18 -17.13 8.67
CA TRP A 432 -3.44 -15.78 8.18
C TRP A 432 -4.86 -15.58 7.69
N PHE A 433 -5.45 -14.50 8.18
CA PHE A 433 -6.77 -13.98 7.84
C PHE A 433 -6.49 -12.63 7.19
N PRO A 434 -7.53 -11.95 6.66
CA PRO A 434 -7.27 -10.59 6.13
C PRO A 434 -6.69 -9.60 7.12
N ASP A 435 -7.22 -9.59 8.35
CA ASP A 435 -6.72 -8.67 9.37
C ASP A 435 -5.30 -9.04 9.83
N SER A 436 -5.01 -10.34 9.97
CA SER A 436 -3.68 -10.77 10.40
C SER A 436 -2.63 -10.50 9.33
N ALA A 437 -2.97 -10.74 8.06
CA ALA A 437 -2.04 -10.47 6.97
C ALA A 437 -1.79 -8.97 6.81
N TYR A 438 -2.85 -8.15 6.97
CA TYR A 438 -2.67 -6.71 6.87
C TYR A 438 -1.86 -6.17 8.05
N LYS A 439 -2.04 -6.77 9.23
CA LYS A 439 -1.22 -6.44 10.39
C LYS A 439 0.25 -6.78 10.15
N THR A 440 0.52 -7.95 9.57
CA THR A 440 1.89 -8.36 9.29
C THR A 440 2.57 -7.44 8.29
N ALA A 441 1.84 -7.06 7.23
CA ALA A 441 2.40 -6.14 6.24
C ALA A 441 2.65 -4.75 6.84
N GLN A 442 1.72 -4.27 7.68
CA GLN A 442 1.89 -2.99 8.34
C GLN A 442 3.09 -3.00 9.29
N ALA A 443 3.29 -4.11 10.00
CA ALA A 443 4.43 -4.22 10.91
C ALA A 443 5.76 -4.25 10.16
N ILE A 444 5.82 -4.99 9.04
CA ILE A 444 7.06 -5.05 8.26
C ILE A 444 7.37 -3.69 7.64
N ASN A 445 6.34 -2.96 7.19
CA ASN A 445 6.55 -1.62 6.66
C ASN A 445 7.06 -0.66 7.73
N ASP A 446 6.44 -0.69 8.91
CA ASP A 446 6.84 0.23 9.98
C ASP A 446 8.23 -0.08 10.51
N PHE A 447 8.61 -1.37 10.55
CA PHE A 447 9.98 -1.69 10.96
C PHE A 447 10.98 -1.39 9.86
N SER A 448 10.55 -1.41 8.60
CA SER A 448 11.46 -1.13 7.49
C SER A 448 11.77 0.36 7.38
N ARG A 449 10.81 1.22 7.75
CA ARG A 449 11.07 2.66 7.70
C ARG A 449 12.07 3.09 8.78
N GLU A 450 12.11 2.36 9.89
CA GLU A 450 12.99 2.70 11.00
C GLU A 450 14.33 1.96 10.99
N ASN A 451 14.59 1.18 9.94
CA ASN A 451 15.82 0.39 9.78
C ASN A 451 16.05 -0.58 10.94
N LEU A 452 14.98 -1.16 11.45
CA LEU A 452 15.12 -2.14 12.51
C LEU A 452 15.22 -3.54 11.93
N PRO A 453 16.19 -4.33 12.42
CA PRO A 453 16.22 -5.76 12.06
C PRO A 453 14.95 -6.47 12.52
N ILE A 454 14.46 -7.37 11.68
CA ILE A 454 13.23 -8.11 11.94
C ILE A 454 13.58 -9.57 12.11
N MET A 455 13.10 -10.17 13.19
CA MET A 455 13.14 -11.61 13.36
C MET A 455 11.70 -12.13 13.39
N ILE A 456 11.42 -13.07 12.48
CA ILE A 456 10.09 -13.64 12.31
C ILE A 456 10.12 -15.06 12.85
N PHE A 457 9.15 -15.42 13.66
CA PHE A 457 8.99 -16.79 14.15
C PHE A 457 7.84 -17.44 13.38
N ALA A 458 8.18 -18.44 12.57
CA ALA A 458 7.32 -18.90 11.49
C ALA A 458 6.59 -20.18 11.92
N ASN A 459 5.29 -20.05 12.17
CA ASN A 459 4.42 -21.18 12.42
C ASN A 459 3.09 -20.93 11.70
N TRP A 460 3.01 -21.28 10.42
CA TRP A 460 1.77 -21.14 9.66
C TRP A 460 1.50 -22.41 8.89
N ARG A 461 0.22 -22.81 8.84
CA ARG A 461 -0.19 -23.93 8.00
C ARG A 461 -0.82 -23.48 6.68
N GLY A 462 -0.86 -22.17 6.42
CA GLY A 462 -1.34 -21.70 5.14
C GLY A 462 -2.14 -20.42 5.30
N PHE A 463 -3.02 -20.18 4.33
CA PHE A 463 -3.92 -19.04 4.34
C PHE A 463 -5.32 -19.52 4.64
N SER A 464 -6.23 -18.57 4.85
CA SER A 464 -7.65 -18.90 4.90
C SER A 464 -8.25 -18.83 3.51
N GLY A 465 -9.04 -19.84 3.14
CA GLY A 465 -9.55 -19.93 1.80
C GLY A 465 -11.03 -20.21 1.67
N GLY A 466 -11.79 -20.00 2.75
CA GLY A 466 -13.22 -20.12 2.69
C GLY A 466 -13.85 -18.95 1.96
N GLN A 467 -15.13 -19.12 1.63
CA GLN A 467 -15.84 -18.20 0.74
C GLN A 467 -15.92 -16.79 1.33
N LYS A 468 -16.15 -16.70 2.65
CA LYS A 468 -16.19 -15.40 3.32
C LYS A 468 -14.84 -14.69 3.27
N ASP A 469 -13.75 -15.45 3.50
CA ASP A 469 -12.43 -14.84 3.46
C ASP A 469 -11.95 -14.58 2.04
N MET A 470 -12.44 -15.35 1.06
CA MET A 470 -12.12 -15.03 -0.33
C MET A 470 -12.85 -13.78 -0.78
N TYR A 471 -14.07 -13.57 -0.26
CA TYR A 471 -14.80 -12.34 -0.52
C TYR A 471 -14.19 -11.15 0.20
N GLU A 472 -13.52 -11.38 1.33
CA GLU A 472 -12.91 -10.32 2.12
C GLU A 472 -11.45 -10.08 1.75
N GLN A 473 -11.06 -10.44 0.52
CA GLN A 473 -9.81 -10.02 -0.13
C GLN A 473 -8.58 -10.55 0.60
N ILE A 474 -8.48 -11.87 0.73
CA ILE A 474 -7.31 -12.48 1.34
C ILE A 474 -6.10 -12.40 0.41
N LEU A 475 -6.34 -12.41 -0.91
CA LEU A 475 -5.26 -12.39 -1.90
C LEU A 475 -4.52 -11.06 -1.87
N LYS A 476 -5.24 -9.96 -1.69
CA LYS A 476 -4.65 -8.63 -1.64
C LYS A 476 -3.69 -8.49 -0.47
N PHE A 477 -4.17 -8.85 0.73
CA PHE A 477 -3.36 -8.69 1.93
C PHE A 477 -2.27 -9.76 2.02
N GLY A 478 -2.46 -10.87 1.32
CA GLY A 478 -1.37 -11.82 1.16
C GLY A 478 -0.26 -11.30 0.27
N ALA A 479 -0.63 -10.55 -0.77
CA ALA A 479 0.38 -9.97 -1.66
C ALA A 479 1.11 -8.80 -0.99
N GLU A 480 0.42 -8.09 -0.09
CA GLU A 480 1.05 -6.95 0.59
C GLU A 480 2.21 -7.37 1.48
N ILE A 481 2.19 -8.60 2.02
CA ILE A 481 3.34 -9.07 2.80
C ILE A 481 4.54 -9.30 1.90
N VAL A 482 4.31 -9.78 0.68
CA VAL A 482 5.39 -9.97 -0.29
C VAL A 482 5.98 -8.63 -0.70
N ARG A 483 5.12 -7.64 -0.94
CA ARG A 483 5.62 -6.29 -1.27
C ARG A 483 6.37 -5.65 -0.11
N ALA A 484 5.88 -5.85 1.12
CA ALA A 484 6.55 -5.29 2.30
C ALA A 484 7.89 -5.95 2.56
N LEU A 485 7.99 -7.26 2.34
CA LEU A 485 9.26 -7.95 2.47
C LEU A 485 10.23 -7.55 1.35
N ARG A 486 9.68 -7.25 0.17
CA ARG A 486 10.51 -6.79 -0.94
C ARG A 486 11.05 -5.39 -0.71
N GLY A 487 10.32 -4.53 0.01
CA GLY A 487 10.82 -3.21 0.31
C GLY A 487 11.60 -3.10 1.61
N ALA A 488 12.31 -4.16 1.99
CA ALA A 488 13.02 -4.17 3.27
C ALA A 488 14.32 -3.39 3.20
N THR A 489 14.61 -2.64 4.26
CA THR A 489 15.84 -1.87 4.39
C THR A 489 16.72 -2.35 5.54
N ALA A 490 16.55 -3.59 5.97
CA ALA A 490 17.21 -4.11 7.16
C ALA A 490 17.32 -5.63 7.02
N PRO A 491 18.22 -6.26 7.78
CA PRO A 491 18.26 -7.73 7.75
C PRO A 491 17.01 -8.36 8.34
N VAL A 492 16.48 -9.35 7.63
CA VAL A 492 15.30 -10.10 8.04
C VAL A 492 15.72 -11.55 8.27
N LEU A 493 15.44 -12.05 9.47
CA LEU A 493 15.82 -13.40 9.86
C LEU A 493 14.56 -14.17 10.22
N VAL A 494 14.26 -15.21 9.45
CA VAL A 494 13.11 -16.08 9.68
C VAL A 494 13.62 -17.33 10.37
N TYR A 495 12.97 -17.70 11.47
CA TYR A 495 13.34 -18.85 12.27
C TYR A 495 12.10 -19.67 12.57
N ILE A 496 12.18 -20.96 12.32
CA ILE A 496 11.08 -21.87 12.62
C ILE A 496 11.33 -22.45 14.01
N PRO A 497 10.47 -22.17 15.00
CA PRO A 497 10.70 -22.65 16.37
C PRO A 497 10.47 -24.15 16.47
N PRO A 498 10.87 -24.76 17.60
CA PRO A 498 10.50 -26.17 17.83
C PRO A 498 8.99 -26.35 17.90
N GLY A 499 8.52 -27.44 17.30
CA GLY A 499 7.11 -27.74 17.26
C GLY A 499 6.30 -26.91 16.28
N ALA A 500 6.95 -26.23 15.33
CA ALA A 500 6.28 -25.33 14.41
C ALA A 500 6.31 -25.89 13.01
N GLU A 501 5.30 -25.50 12.23
CA GLU A 501 5.13 -25.97 10.86
C GLU A 501 5.05 -24.77 9.93
N LEU A 502 5.68 -24.88 8.76
CA LEU A 502 5.60 -23.85 7.72
C LEU A 502 5.20 -24.53 6.42
N ARG A 503 3.93 -24.42 6.06
CA ARG A 503 3.36 -25.18 4.95
C ARG A 503 2.58 -24.27 4.01
N GLY A 504 2.58 -24.64 2.73
CA GLY A 504 1.68 -23.99 1.78
C GLY A 504 2.28 -22.73 1.17
N GLY A 505 1.42 -21.75 0.92
CA GLY A 505 1.87 -20.50 0.32
C GLY A 505 2.56 -19.58 1.30
N ALA A 506 2.48 -19.90 2.60
CA ALA A 506 3.19 -19.13 3.62
C ALA A 506 4.70 -19.21 3.42
N TRP A 507 5.21 -20.39 3.05
CA TRP A 507 6.61 -20.53 2.67
C TRP A 507 6.96 -19.67 1.46
N ALA A 508 6.05 -19.60 0.48
CA ALA A 508 6.29 -18.77 -0.70
C ALA A 508 6.29 -17.29 -0.34
N VAL A 509 5.54 -16.90 0.70
CA VAL A 509 5.57 -15.50 1.14
C VAL A 509 6.87 -15.19 1.87
N VAL A 510 7.28 -16.03 2.82
CA VAL A 510 8.39 -15.69 3.71
C VAL A 510 9.70 -16.36 3.30
N ASP A 511 9.82 -16.80 2.05
CA ASP A 511 11.07 -17.39 1.59
C ASP A 511 12.15 -16.32 1.45
N PRO A 512 13.42 -16.70 1.62
CA PRO A 512 14.52 -15.75 1.35
C PRO A 512 14.60 -15.25 -0.08
N SER A 513 14.03 -15.98 -1.04
CA SER A 513 14.17 -15.61 -2.45
C SER A 513 13.31 -14.41 -2.84
N VAL A 514 12.43 -13.94 -1.96
CA VAL A 514 11.66 -12.73 -2.24
C VAL A 514 12.58 -11.52 -2.26
N ASN A 515 13.44 -11.39 -1.25
CA ASN A 515 14.48 -10.36 -1.19
C ASN A 515 15.73 -11.06 -0.70
N SER A 516 16.57 -11.50 -1.64
CA SER A 516 17.74 -12.32 -1.30
C SER A 516 18.82 -11.51 -0.61
N LEU A 517 18.78 -10.18 -0.77
CA LEU A 517 19.80 -9.34 -0.14
C LEU A 517 19.59 -9.23 1.36
N ARG A 518 18.35 -9.32 1.83
CA ARG A 518 18.01 -8.96 3.19
C ARG A 518 17.38 -10.09 4.01
N MET A 519 17.21 -11.28 3.46
CA MET A 519 16.47 -12.33 4.14
C MET A 519 17.29 -13.60 4.29
N GLU A 520 17.15 -14.23 5.45
CA GLU A 520 17.73 -15.55 5.73
C GLU A 520 16.70 -16.38 6.47
N MET A 521 16.87 -17.72 6.41
CA MET A 521 15.96 -18.67 7.05
C MET A 521 16.74 -19.73 7.81
N TYR A 522 16.29 -20.04 9.02
CA TYR A 522 16.86 -21.06 9.86
C TYR A 522 15.74 -21.86 10.52
N ALA A 523 16.06 -23.09 10.92
CA ALA A 523 15.04 -23.99 11.44
C ALA A 523 15.59 -24.80 12.61
N ASP A 524 14.69 -25.17 13.52
CA ASP A 524 14.94 -26.05 14.64
C ASP A 524 15.13 -27.48 14.13
N PRO A 525 15.84 -28.33 14.89
CA PRO A 525 15.87 -29.76 14.53
C PRO A 525 14.51 -30.42 14.50
N GLU A 526 13.60 -30.03 15.38
CA GLU A 526 12.23 -30.57 15.38
C GLU A 526 11.26 -29.60 14.72
N ALA A 527 11.50 -29.35 13.44
CA ALA A 527 10.68 -28.45 12.64
C ALA A 527 10.24 -29.16 11.37
N ARG A 528 9.01 -28.86 10.93
CA ARG A 528 8.41 -29.52 9.77
C ARG A 528 8.04 -28.48 8.73
N GLY A 529 8.28 -28.80 7.47
CA GLY A 529 7.85 -27.97 6.37
C GLY A 529 7.54 -28.78 5.13
N GLY A 530 6.56 -28.35 4.34
CA GLY A 530 6.18 -29.09 3.15
C GLY A 530 5.18 -28.31 2.33
N VAL A 531 4.85 -28.88 1.16
CA VAL A 531 3.83 -28.29 0.31
C VAL A 531 2.45 -28.45 0.93
N LEU A 532 2.15 -29.66 1.42
CA LEU A 532 0.87 -29.95 2.05
C LEU A 532 1.12 -30.74 3.32
N GLU A 533 0.05 -30.95 4.09
CA GLU A 533 0.12 -31.86 5.22
C GLU A 533 0.16 -33.31 4.72
N ALA A 534 0.48 -34.22 5.64
CA ALA A 534 0.76 -35.60 5.27
C ALA A 534 -0.48 -36.32 4.73
N GLU A 535 -1.65 -36.01 5.27
CA GLU A 535 -2.90 -36.64 4.83
C GLU A 535 -3.23 -36.27 3.39
N GLY A 536 -2.99 -35.01 3.02
CA GLY A 536 -3.21 -34.59 1.64
C GLY A 536 -2.27 -35.27 0.67
N ILE A 537 -1.02 -35.46 1.05
CA ILE A 537 -0.06 -36.17 0.21
C ILE A 537 -0.43 -37.65 0.10
N VAL A 538 -1.04 -38.21 1.14
CA VAL A 538 -1.56 -39.58 1.05
C VAL A 538 -2.73 -39.65 0.07
N GLU A 539 -3.62 -38.64 0.09
CA GLU A 539 -4.74 -38.63 -0.84
C GLU A 539 -4.29 -38.48 -2.30
N VAL A 540 -3.37 -37.55 -2.57
CA VAL A 540 -3.04 -37.26 -3.95
C VAL A 540 -1.98 -38.22 -4.50
N LYS A 541 -0.99 -38.59 -3.69
CA LYS A 541 0.18 -39.24 -4.23
C LYS A 541 0.46 -40.66 -3.74
N PHE A 542 -0.20 -41.15 -2.68
CA PHE A 542 0.01 -42.53 -2.25
C PHE A 542 -1.38 -43.14 -2.05
N LYS A 543 -1.98 -43.60 -3.15
CA LYS A 543 -3.39 -43.98 -3.14
C LYS A 543 -3.55 -45.47 -2.87
N GLN A 544 -4.77 -45.97 -3.17
CA GLN A 544 -5.19 -47.31 -2.77
C GLN A 544 -4.38 -48.40 -3.44
N ARG A 545 -4.01 -48.21 -4.72
CA ARG A 545 -3.26 -49.22 -5.45
C ARG A 545 -1.87 -49.43 -4.85
N ASP A 546 -1.22 -48.34 -4.44
CA ASP A 546 0.08 -48.44 -3.76
C ASP A 546 -0.05 -49.13 -2.41
N ILE A 547 -1.15 -48.88 -1.70
CA ILE A 547 -1.39 -49.51 -0.41
C ILE A 547 -1.58 -51.02 -0.58
N LEU A 548 -2.33 -51.43 -1.60
CA LEU A 548 -2.54 -52.86 -1.83
C LEU A 548 -1.26 -53.53 -2.32
N LYS A 549 -0.45 -52.83 -3.12
CA LYS A 549 0.85 -53.38 -3.51
C LYS A 549 1.77 -53.54 -2.30
N THR A 550 1.70 -52.60 -1.36
CA THR A 550 2.48 -52.70 -0.13
C THR A 550 2.01 -53.87 0.73
N MET A 551 0.70 -54.11 0.78
CA MET A 551 0.18 -55.29 1.49
C MET A 551 0.63 -56.59 0.83
N HIS A 552 0.61 -56.66 -0.50
CA HIS A 552 1.07 -57.87 -1.17
C HIS A 552 2.58 -58.00 -1.13
N ARG A 553 3.30 -56.94 -0.77
CA ARG A 553 4.76 -57.04 -0.69
C ARG A 553 5.22 -57.41 0.72
N LEU A 554 4.55 -56.91 1.76
CA LEU A 554 5.06 -57.07 3.12
C LEU A 554 4.16 -57.85 4.06
N ASP A 555 3.13 -58.55 3.57
CA ASP A 555 2.32 -59.32 4.52
C ASP A 555 2.47 -60.82 4.22
N PRO A 556 2.81 -61.63 5.23
CA PRO A 556 3.09 -63.06 4.96
C PRO A 556 1.91 -63.87 4.47
N GLU A 557 0.73 -63.66 5.05
CA GLU A 557 -0.45 -64.43 4.68
C GLU A 557 -0.89 -64.11 3.25
N LEU A 558 -0.74 -62.85 2.83
CA LEU A 558 -1.08 -62.48 1.46
C LEU A 558 -0.09 -63.08 0.47
N LEU A 559 1.19 -63.19 0.86
CA LEU A 559 2.18 -63.87 0.02
C LEU A 559 1.85 -65.35 -0.15
N ARG A 560 1.51 -66.02 0.95
CA ARG A 560 1.20 -67.45 0.88
C ARG A 560 -0.09 -67.70 0.12
N THR A 561 -1.10 -66.83 0.30
CA THR A 561 -2.35 -66.97 -0.44
C THR A 561 -2.15 -66.69 -1.93
N GLY A 562 -1.31 -65.71 -2.27
CA GLY A 562 -1.02 -65.44 -3.67
C GLY A 562 -0.26 -66.57 -4.33
N ALA A 563 0.65 -67.22 -3.59
CA ALA A 563 1.31 -68.42 -4.09
C ALA A 563 0.31 -69.55 -4.32
N ARG A 564 -0.66 -69.69 -3.40
CA ARG A 564 -1.72 -70.69 -3.58
C ARG A 564 -2.55 -70.43 -4.83
N ILE A 565 -2.92 -69.16 -5.07
CA ILE A 565 -3.70 -68.80 -6.26
C ILE A 565 -2.90 -69.06 -7.53
N SER A 566 -1.59 -68.76 -7.49
CA SER A 566 -0.73 -69.02 -8.65
C SER A 566 -0.63 -70.51 -8.96
N GLU A 567 -0.49 -71.35 -7.93
CA GLU A 567 -0.44 -72.80 -8.16
C GLU A 567 -1.78 -73.35 -8.65
N LEU A 568 -2.89 -72.77 -8.19
CA LEU A 568 -4.20 -73.15 -8.73
C LEU A 568 -4.33 -72.77 -10.20
N LYS A 569 -3.80 -71.60 -10.59
CA LYS A 569 -3.84 -71.21 -11.99
C LYS A 569 -2.98 -72.11 -12.86
N GLU A 570 -1.82 -72.55 -12.34
CA GLU A 570 -1.03 -73.56 -13.07
C GLU A 570 -1.78 -74.89 -13.16
N GLN A 571 -2.54 -75.26 -12.13
CA GLN A 571 -3.35 -76.48 -12.22
C GLN A 571 -4.48 -76.34 -13.24
N ILE A 572 -4.98 -75.11 -13.43
CA ILE A 572 -5.92 -74.87 -14.53
C ILE A 572 -5.24 -75.06 -15.89
N LYS A 573 -4.02 -74.52 -16.05
CA LYS A 573 -3.36 -74.59 -17.35
C LYS A 573 -2.91 -76.02 -17.68
N GLU A 574 -2.50 -76.80 -16.68
CA GLU A 574 -2.08 -78.17 -16.97
C GLU A 574 -3.26 -79.08 -17.29
N ILE A 575 -4.36 -78.98 -16.54
CA ILE A 575 -5.53 -79.80 -16.80
C ILE A 575 -6.43 -79.08 -17.80
N SER A 576 -6.17 -79.28 -19.10
CA SER A 576 -7.00 -78.66 -20.12
C SER A 576 -8.04 -79.64 -20.66
N LYS A 577 -7.68 -80.92 -20.74
CA LYS A 577 -8.58 -81.95 -21.25
C LYS A 577 -9.24 -82.68 -20.08
N GLY A 578 -10.56 -82.85 -20.16
CA GLY A 578 -11.30 -83.49 -19.09
C GLY A 578 -11.56 -82.56 -17.93
N ALA A 594 -14.52 -92.32 -18.98
CA ALA A 594 -15.02 -91.98 -20.31
C ALA A 594 -14.71 -90.53 -20.65
N GLY A 595 -15.65 -89.87 -21.34
CA GLY A 595 -15.46 -88.47 -21.67
C GLY A 595 -15.61 -87.58 -20.45
N ARG A 596 -14.72 -86.59 -20.34
CA ARG A 596 -14.65 -85.63 -19.23
C ARG A 596 -14.50 -86.34 -17.88
N ALA A 597 -13.59 -87.31 -17.81
CA ALA A 597 -13.40 -88.08 -16.59
C ALA A 597 -12.71 -87.27 -15.51
N ALA A 598 -11.74 -86.43 -15.90
CA ALA A 598 -11.01 -85.59 -14.96
C ALA A 598 -11.65 -84.24 -14.74
N GLU A 599 -12.93 -84.09 -15.08
CA GLU A 599 -13.59 -82.78 -15.00
C GLU A 599 -13.93 -82.41 -13.57
N THR A 600 -14.36 -83.39 -12.76
CA THR A 600 -15.06 -83.13 -11.50
C THR A 600 -14.19 -82.39 -10.49
N ARG A 601 -12.91 -82.80 -10.38
CA ARG A 601 -11.97 -82.17 -9.45
C ARG A 601 -11.77 -80.69 -9.78
N VAL A 602 -11.88 -80.34 -11.06
CA VAL A 602 -11.76 -78.95 -11.50
C VAL A 602 -12.84 -78.10 -10.84
N ARG A 603 -14.07 -78.62 -10.76
CA ARG A 603 -15.15 -77.94 -10.06
C ARG A 603 -14.80 -77.71 -8.61
N GLU A 604 -14.25 -78.75 -7.94
CA GLU A 604 -13.81 -78.61 -6.57
C GLU A 604 -12.71 -77.56 -6.46
N LEU A 605 -11.79 -77.57 -7.42
CA LEU A 605 -10.69 -76.61 -7.44
C LEU A 605 -11.23 -75.19 -7.57
N GLU A 606 -12.29 -75.03 -8.38
CA GLU A 606 -12.90 -73.73 -8.57
C GLU A 606 -13.48 -73.21 -7.25
N THR A 607 -14.14 -74.09 -6.50
CA THR A 607 -14.66 -73.70 -5.19
C THR A 607 -13.53 -73.37 -4.24
N GLU A 608 -12.44 -74.14 -4.31
CA GLU A 608 -11.31 -73.86 -3.43
C GLU A 608 -10.57 -72.62 -3.92
N LEU A 609 -10.65 -72.34 -5.23
CA LEU A 609 -10.10 -71.08 -5.71
C LEU A 609 -10.99 -69.92 -5.28
N LEU A 610 -12.29 -70.17 -5.11
CA LEU A 610 -13.15 -69.16 -4.51
C LEU A 610 -12.88 -69.07 -3.01
N ALA A 611 -12.28 -70.12 -2.44
CA ALA A 611 -11.78 -70.03 -1.08
C ALA A 611 -10.41 -69.36 -1.04
N ALA A 612 -9.82 -69.12 -2.21
CA ALA A 612 -8.48 -68.53 -2.25
C ALA A 612 -8.54 -67.03 -2.51
N GLU A 613 -9.35 -66.60 -3.49
CA GLU A 613 -9.49 -65.17 -3.76
C GLU A 613 -10.24 -64.48 -2.63
N LYS A 614 -11.34 -65.06 -2.18
CA LYS A 614 -11.88 -64.65 -0.90
C LYS A 614 -10.97 -65.16 0.21
N THR A 615 -10.99 -64.44 1.35
CA THR A 615 -10.09 -64.45 2.51
C THR A 615 -8.71 -63.89 2.18
N ALA A 616 -8.43 -63.54 0.92
CA ALA A 616 -7.38 -62.60 0.58
C ALA A 616 -7.94 -61.19 0.41
N LYS A 617 -9.26 -61.06 0.45
CA LYS A 617 -9.94 -59.78 0.53
C LYS A 617 -10.26 -59.39 1.96
N ALA A 618 -10.47 -60.36 2.85
CA ALA A 618 -10.67 -60.08 4.26
C ALA A 618 -9.39 -59.54 4.90
N ARG A 619 -8.23 -60.02 4.45
CA ARG A 619 -6.97 -59.48 4.94
C ARG A 619 -6.72 -58.07 4.43
N GLU A 620 -7.20 -57.76 3.21
CA GLU A 620 -7.00 -56.44 2.65
C GLU A 620 -7.94 -55.40 3.21
N LYS A 621 -8.95 -55.79 3.97
CA LYS A 621 -9.81 -54.84 4.68
C LYS A 621 -9.50 -54.76 6.16
N GLU A 622 -8.94 -55.82 6.74
CA GLU A 622 -8.54 -55.78 8.14
C GLU A 622 -7.25 -54.99 8.33
N LEU A 623 -6.41 -54.95 7.30
CA LEU A 623 -5.10 -54.30 7.39
C LEU A 623 -5.07 -52.88 6.82
N SER A 624 -6.22 -52.31 6.49
CA SER A 624 -6.23 -50.94 5.93
C SER A 624 -5.77 -49.83 6.87
N PRO A 625 -6.19 -49.74 8.16
CA PRO A 625 -5.69 -48.61 8.97
C PRO A 625 -4.21 -48.64 9.28
N ILE A 626 -3.62 -49.82 9.45
CA ILE A 626 -2.21 -49.90 9.81
C ILE A 626 -1.32 -49.46 8.65
N TYR A 627 -1.66 -49.85 7.42
CA TYR A 627 -0.89 -49.34 6.28
C TYR A 627 -1.28 -47.91 5.93
N HIS A 628 -2.44 -47.43 6.41
CA HIS A 628 -2.68 -45.99 6.32
C HIS A 628 -1.76 -45.20 7.25
N GLU A 629 -1.48 -45.72 8.45
CA GLU A 629 -0.52 -45.05 9.32
C GLU A 629 0.91 -45.19 8.79
N ILE A 630 1.22 -46.30 8.12
CA ILE A 630 2.50 -46.41 7.41
C ILE A 630 2.61 -45.35 6.31
N ALA A 631 1.50 -45.12 5.59
CA ALA A 631 1.44 -44.06 4.58
C ALA A 631 1.67 -42.68 5.19
N VAL A 632 1.03 -42.41 6.32
CA VAL A 632 1.16 -41.10 6.97
C VAL A 632 2.58 -40.89 7.48
N GLN A 633 3.19 -41.93 8.07
CA GLN A 633 4.58 -41.83 8.53
C GLN A 633 5.55 -41.64 7.37
N PHE A 634 5.30 -42.34 6.25
CA PHE A 634 6.14 -42.22 5.08
C PHE A 634 6.04 -40.83 4.46
N ALA A 635 4.85 -40.22 4.52
CA ALA A 635 4.70 -38.85 4.07
C ALA A 635 5.35 -37.87 5.03
N GLU A 636 5.32 -38.17 6.34
CA GLU A 636 5.90 -37.27 7.33
C GLU A 636 7.42 -37.28 7.30
N LEU A 637 8.03 -38.37 6.84
CA LEU A 637 9.49 -38.39 6.77
C LEU A 637 10.07 -37.51 5.65
N HIS A 638 9.24 -36.97 4.75
CA HIS A 638 9.71 -36.00 3.76
C HIS A 638 9.71 -34.57 4.27
N ASP A 639 9.13 -34.30 5.44
CA ASP A 639 8.94 -32.94 5.91
C ASP A 639 10.00 -32.48 6.90
N THR A 640 11.04 -33.27 7.16
CA THR A 640 11.95 -32.98 8.25
C THR A 640 12.95 -31.91 7.87
N ALA A 641 13.78 -31.53 8.85
CA ALA A 641 14.68 -30.39 8.70
C ALA A 641 15.91 -30.73 7.88
N GLU A 642 16.36 -31.99 7.93
CA GLU A 642 17.58 -32.37 7.23
C GLU A 642 17.39 -32.35 5.72
N ARG A 643 16.18 -32.65 5.24
CA ARG A 643 15.91 -32.52 3.82
C ARG A 643 15.88 -31.06 3.40
N MET A 644 15.39 -30.17 4.29
CA MET A 644 15.40 -28.75 3.99
C MET A 644 16.82 -28.19 3.95
N LEU A 645 17.70 -28.72 4.80
CA LEU A 645 19.09 -28.28 4.77
C LEU A 645 19.82 -28.85 3.56
N GLU A 646 19.55 -30.09 3.19
CA GLU A 646 20.24 -30.70 2.06
C GLU A 646 19.80 -30.09 0.73
N LYS A 647 18.53 -29.72 0.62
CA LYS A 647 18.05 -29.09 -0.61
C LYS A 647 18.41 -27.61 -0.70
N GLY A 648 18.91 -27.01 0.37
CA GLY A 648 19.37 -25.64 0.34
C GLY A 648 18.33 -24.59 0.66
N CYS A 649 17.16 -24.99 1.16
CA CYS A 649 16.09 -24.03 1.43
C CYS A 649 16.36 -23.22 2.70
N ILE A 650 17.02 -23.83 3.69
CA ILE A 650 17.38 -23.14 4.92
C ILE A 650 18.90 -23.01 4.97
N PHE A 651 19.37 -22.00 5.72
CA PHE A 651 20.80 -21.74 5.78
C PHE A 651 21.52 -22.70 6.72
N GLU A 652 21.03 -22.81 7.95
CA GLU A 652 21.66 -23.68 8.94
C GLU A 652 20.60 -24.09 9.95
N ILE A 653 20.86 -25.21 10.64
CA ILE A 653 19.99 -25.73 11.68
C ILE A 653 20.51 -25.22 13.02
N ILE A 654 19.69 -24.46 13.73
CA ILE A 654 20.06 -23.86 15.01
C ILE A 654 19.16 -24.44 16.10
N PRO A 655 19.72 -25.00 17.16
CA PRO A 655 18.87 -25.48 18.27
C PRO A 655 18.26 -24.33 19.05
N TRP A 656 17.20 -24.65 19.78
CA TRP A 656 16.47 -23.63 20.54
C TRP A 656 17.25 -23.16 21.76
N ARG A 657 18.04 -24.05 22.38
CA ARG A 657 18.76 -23.68 23.59
C ARG A 657 19.92 -22.74 23.29
N ASP A 658 20.54 -22.88 22.11
CA ASP A 658 21.67 -22.07 21.72
C ASP A 658 21.31 -21.04 20.66
N SER A 659 20.03 -20.65 20.57
CA SER A 659 19.60 -19.75 19.50
C SER A 659 20.04 -18.31 19.76
N ARG A 660 20.07 -17.90 21.04
CA ARG A 660 20.30 -16.51 21.40
C ARG A 660 21.70 -16.05 21.02
N ARG A 661 22.72 -16.83 21.38
CA ARG A 661 24.12 -16.49 21.11
C ARG A 661 24.39 -16.44 19.62
N LEU A 662 23.90 -17.45 18.88
CA LEU A 662 24.17 -17.55 17.45
C LEU A 662 23.47 -16.45 16.67
N PHE A 663 22.21 -16.16 17.01
CA PHE A 663 21.52 -15.06 16.33
C PHE A 663 22.07 -13.70 16.72
N TYR A 664 22.58 -13.55 17.95
CA TYR A 664 23.25 -12.32 18.35
C TYR A 664 24.50 -12.05 17.51
N TRP A 665 25.35 -13.06 17.37
CA TRP A 665 26.59 -12.87 16.62
C TRP A 665 26.32 -12.71 15.12
N ARG A 666 25.32 -13.43 14.58
CA ARG A 666 24.97 -13.25 13.17
C ARG A 666 24.40 -11.86 12.89
N LEU A 667 23.52 -11.36 13.77
CA LEU A 667 22.94 -10.03 13.57
C LEU A 667 23.99 -8.94 13.67
N LYS A 668 24.92 -9.07 14.64
CA LYS A 668 25.98 -8.08 14.78
C LYS A 668 26.93 -8.10 13.58
N ARG A 669 27.26 -9.31 13.08
CA ARG A 669 28.10 -9.43 11.88
C ARG A 669 27.44 -8.79 10.67
N LEU A 670 26.14 -9.03 10.47
CA LEU A 670 25.45 -8.45 9.33
C LEU A 670 25.36 -6.93 9.43
N LEU A 671 25.17 -6.39 10.64
CA LEU A 671 25.12 -4.93 10.80
C LEU A 671 26.46 -4.28 10.46
N ARG A 672 27.56 -4.80 11.03
CA ARG A 672 28.88 -4.21 10.73
C ARG A 672 29.25 -4.39 9.26
N GLN A 673 28.93 -5.56 8.69
CA GLN A 673 29.25 -5.83 7.29
C GLN A 673 28.46 -4.92 6.36
N ASN A 674 27.18 -4.67 6.64
CA ASN A 674 26.39 -3.78 5.79
C ASN A 674 26.88 -2.35 5.89
N GLU A 675 27.34 -1.93 7.07
CA GLU A 675 27.92 -0.59 7.20
C GLU A 675 29.18 -0.43 6.34
N GLN A 676 30.09 -1.40 6.41
CA GLN A 676 31.30 -1.27 5.59
C GLN A 676 31.02 -1.47 4.10
N GLU A 677 30.03 -2.29 3.73
CA GLU A 677 29.63 -2.38 2.33
C GLU A 677 29.08 -1.07 1.80
N ARG A 678 28.32 -0.33 2.63
CA ARG A 678 27.87 0.99 2.22
C ARG A 678 29.04 1.95 2.07
N ARG A 679 30.09 1.81 2.90
CA ARG A 679 31.29 2.62 2.69
C ARG A 679 32.00 2.30 1.37
N VAL A 680 32.09 1.01 1.00
CA VAL A 680 32.72 0.64 -0.27
C VAL A 680 31.90 1.13 -1.46
N GLN A 681 30.58 1.04 -1.39
CA GLN A 681 29.75 1.56 -2.48
C GLN A 681 29.77 3.08 -2.53
N ALA A 682 30.01 3.74 -1.39
CA ALA A 682 30.17 5.19 -1.40
C ALA A 682 31.51 5.60 -2.00
N ALA A 683 32.53 4.74 -1.88
CA ALA A 683 33.85 5.11 -2.39
C ALA A 683 33.93 5.03 -3.90
N VAL A 684 33.13 4.17 -4.52
CA VAL A 684 33.27 3.86 -5.95
C VAL A 684 32.31 4.69 -6.80
N LYS A 685 31.62 5.63 -6.17
CA LYS A 685 30.48 6.29 -6.81
C LYS A 685 30.79 7.12 -8.06
N PRO A 686 31.91 7.86 -8.18
CA PRO A 686 32.22 8.47 -9.50
C PRO A 686 32.40 7.49 -10.65
N ALA A 687 32.92 6.29 -10.38
CA ALA A 687 33.26 5.39 -11.48
C ALA A 687 32.12 4.42 -11.79
N ASP A 688 31.63 3.69 -10.79
CA ASP A 688 30.68 2.62 -11.00
C ASP A 688 29.61 2.63 -9.93
N ASN A 689 28.41 2.19 -10.29
CA ASN A 689 27.34 1.93 -9.34
C ASN A 689 27.44 0.47 -8.91
N MET A 690 27.94 0.24 -7.71
CA MET A 690 28.31 -1.09 -7.25
C MET A 690 27.16 -1.73 -6.48
N GLN A 691 26.92 -3.00 -6.74
CA GLN A 691 25.91 -3.76 -6.01
C GLN A 691 26.49 -4.29 -4.70
N GLN A 692 25.67 -5.08 -4.00
CA GLN A 692 26.06 -5.57 -2.68
C GLN A 692 27.11 -6.69 -2.77
N GLY A 693 26.97 -7.56 -3.77
CA GLY A 693 27.85 -8.69 -3.96
C GLY A 693 29.31 -8.36 -4.23
N PRO A 694 29.62 -7.44 -5.16
CA PRO A 694 31.02 -6.99 -5.28
C PRO A 694 31.57 -6.33 -4.03
N ALA A 695 30.73 -5.63 -3.25
CA ALA A 695 31.19 -5.04 -1.99
C ALA A 695 31.56 -6.12 -0.97
N ALA A 696 30.72 -7.16 -0.87
CA ALA A 696 31.03 -8.28 0.02
C ALA A 696 32.27 -9.04 -0.44
N ALA A 697 32.44 -9.19 -1.75
CA ALA A 697 33.64 -9.84 -2.29
C ALA A 697 34.89 -9.00 -2.03
N THR A 698 34.75 -7.68 -2.09
CA THR A 698 35.87 -6.78 -1.80
C THR A 698 36.29 -6.87 -0.34
N LEU A 699 35.30 -6.91 0.58
CA LEU A 699 35.62 -7.08 1.99
C LEU A 699 36.23 -8.45 2.26
N ARG A 700 35.78 -9.48 1.54
CA ARG A 700 36.39 -10.81 1.69
C ARG A 700 37.83 -10.82 1.17
N ARG A 701 38.10 -10.09 0.09
CA ARG A 701 39.47 -10.01 -0.42
C ARG A 701 40.38 -9.27 0.55
N TRP A 702 39.88 -8.20 1.18
CA TRP A 702 40.66 -7.53 2.22
C TRP A 702 40.88 -8.43 3.44
N PHE A 703 39.87 -9.24 3.79
CA PHE A 703 40.01 -10.20 4.87
C PHE A 703 41.07 -11.26 4.57
N THR A 704 41.08 -11.76 3.34
CA THR A 704 42.07 -12.79 2.96
C THR A 704 43.46 -12.18 2.85
N GLU A 705 43.55 -10.90 2.46
CA GLU A 705 44.83 -10.22 2.44
C GLU A 705 45.39 -10.02 3.85
N ASP A 706 44.52 -9.61 4.78
CA ASP A 706 44.98 -9.33 6.14
C ASP A 706 45.34 -10.61 6.89
N ARG A 707 44.46 -11.61 6.88
CA ARG A 707 44.66 -12.82 7.65
C ARG A 707 45.55 -13.82 6.93
N GLY A 708 45.09 -14.32 5.78
CA GLY A 708 45.81 -15.35 5.06
C GLY A 708 44.83 -16.27 4.37
N GLU A 709 45.38 -17.10 3.49
CA GLU A 709 44.55 -18.05 2.76
C GLU A 709 44.15 -19.24 3.61
N THR A 710 44.87 -19.49 4.72
CA THR A 710 44.53 -20.62 5.58
C THR A 710 43.27 -20.35 6.39
N GLN A 711 43.12 -19.11 6.87
CA GLN A 711 41.99 -18.72 7.72
C GLN A 711 40.91 -17.98 6.95
N SER A 712 40.76 -18.23 5.64
CA SER A 712 39.82 -17.48 4.84
C SER A 712 38.41 -18.07 4.86
N HIS A 713 38.24 -19.28 5.39
CA HIS A 713 36.91 -19.89 5.41
C HIS A 713 36.02 -19.26 6.47
N GLN A 714 36.62 -18.62 7.49
CA GLN A 714 35.92 -18.07 8.64
C GLN A 714 34.99 -16.90 8.30
N TRP A 715 35.07 -16.41 7.06
CA TRP A 715 34.11 -15.40 6.60
C TRP A 715 32.70 -15.97 6.56
N GLU A 716 32.55 -17.28 6.32
CA GLU A 716 31.21 -17.86 6.33
C GLU A 716 30.90 -18.54 7.66
N HIS A 717 31.88 -19.24 8.24
CA HIS A 717 31.60 -20.08 9.40
C HIS A 717 31.53 -19.27 10.69
N ASP A 718 32.56 -18.47 10.96
CA ASP A 718 32.70 -17.80 12.25
C ASP A 718 32.12 -16.39 12.13
N ASN A 719 31.00 -16.15 12.81
CA ASN A 719 30.36 -14.84 12.82
C ASN A 719 30.84 -13.95 13.95
N GLU A 720 31.71 -14.45 14.82
CA GLU A 720 32.31 -13.66 15.88
C GLU A 720 33.64 -13.06 15.44
N ALA A 721 34.46 -13.87 14.76
CA ALA A 721 35.77 -13.41 14.28
C ALA A 721 35.65 -12.32 13.23
N VAL A 722 34.65 -12.44 12.35
CA VAL A 722 34.44 -11.44 11.30
C VAL A 722 34.00 -10.11 11.91
N CYS A 723 33.07 -10.16 12.88
CA CYS A 723 32.61 -8.94 13.53
C CYS A 723 33.71 -8.26 14.33
N LYS A 724 34.51 -9.04 15.05
CA LYS A 724 35.62 -8.47 15.79
C LYS A 724 36.71 -7.94 14.86
N TRP A 725 36.92 -8.60 13.71
CA TRP A 725 37.84 -8.11 12.71
C TRP A 725 37.37 -6.78 12.12
N LEU A 726 36.07 -6.65 11.84
CA LEU A 726 35.55 -5.41 11.30
C LEU A 726 35.64 -4.26 12.30
N GLU A 727 35.33 -4.54 13.57
CA GLU A 727 35.44 -3.51 14.59
C GLU A 727 36.89 -3.15 14.89
N ALA A 728 37.82 -4.09 14.65
CA ALA A 728 39.24 -3.76 14.79
C ALA A 728 39.74 -2.92 13.63
N GLN A 729 39.37 -3.28 12.40
CA GLN A 729 39.90 -2.60 11.23
C GLN A 729 39.24 -1.24 11.00
N ALA A 730 38.04 -1.03 11.56
CA ALA A 730 37.36 0.25 11.36
C ALA A 730 38.01 1.36 12.17
N GLY A 731 38.58 1.02 13.33
CA GLY A 731 39.14 2.05 14.20
C GLY A 731 40.47 2.59 13.71
N ASP A 732 41.39 1.71 13.33
CA ASP A 732 42.74 2.12 12.98
C ASP A 732 42.78 2.75 11.58
N ASP A 733 43.57 3.81 11.44
CA ASP A 733 43.76 4.47 10.17
C ASP A 733 44.98 3.94 9.40
N ASN A 734 45.79 3.10 10.02
CA ASN A 734 46.82 2.35 9.33
C ASN A 734 46.34 0.97 8.93
N SER A 735 45.04 0.73 9.00
CA SER A 735 44.45 -0.55 8.70
C SER A 735 44.46 -0.84 7.20
N VAL A 736 44.18 -2.09 6.85
CA VAL A 736 44.02 -2.48 5.45
C VAL A 736 42.80 -1.79 4.85
N LEU A 737 41.70 -1.75 5.61
CA LEU A 737 40.40 -1.36 5.09
C LEU A 737 40.36 0.11 4.68
N GLU A 738 40.85 1.00 5.55
CA GLU A 738 40.76 2.43 5.29
C GLU A 738 41.71 2.86 4.18
N ARG A 739 42.92 2.29 4.16
CA ARG A 739 43.89 2.58 3.09
C ARG A 739 43.39 2.10 1.74
N ASN A 740 42.78 0.91 1.69
CA ASN A 740 42.26 0.43 0.42
C ASN A 740 41.03 1.21 -0.02
N LEU A 741 40.21 1.70 0.93
CA LEU A 741 39.10 2.57 0.57
C LEU A 741 39.59 3.87 -0.05
N ARG A 742 40.64 4.47 0.52
CA ARG A 742 41.19 5.71 -0.04
C ARG A 742 41.78 5.48 -1.43
N ALA A 743 42.52 4.37 -1.61
CA ALA A 743 43.10 4.06 -2.92
C ALA A 743 42.02 3.80 -3.97
N ILE A 744 40.97 3.06 -3.60
CA ILE A 744 39.87 2.78 -4.51
C ILE A 744 39.13 4.05 -4.90
N HIS A 745 38.95 4.97 -3.94
CA HIS A 745 38.30 6.25 -4.22
C HIS A 745 39.13 7.10 -5.18
N GLN A 746 40.46 7.09 -5.02
CA GLN A 746 41.30 7.87 -5.93
C GLN A 746 41.31 7.28 -7.34
N ASP A 747 41.31 5.95 -7.46
CA ASP A 747 41.23 5.34 -8.79
C ASP A 747 39.88 5.60 -9.45
N ALA A 748 38.81 5.63 -8.65
CA ALA A 748 37.48 5.98 -9.16
C ALA A 748 37.43 7.41 -9.68
N LEU A 749 38.08 8.34 -8.96
CA LEU A 749 38.19 9.72 -9.44
C LEU A 749 38.96 9.80 -10.74
N MET A 750 40.06 9.04 -10.85
CA MET A 750 40.86 9.03 -12.09
C MET A 750 40.05 8.54 -13.28
N GLN A 751 39.29 7.45 -13.10
CA GLN A 751 38.48 6.92 -14.19
C GLN A 751 37.36 7.87 -14.58
N ALA A 752 36.75 8.55 -13.59
CA ALA A 752 35.69 9.51 -13.89
C ALA A 752 36.20 10.71 -14.68
N VAL A 753 37.36 11.26 -14.29
CA VAL A 753 37.92 12.39 -15.02
C VAL A 753 38.36 11.97 -16.42
N ASN A 754 38.91 10.76 -16.55
CA ASN A 754 39.31 10.25 -17.88
C ASN A 754 38.12 10.13 -18.82
N ASN A 755 37.00 9.58 -18.32
CA ASN A 755 35.80 9.47 -19.16
C ASN A 755 35.25 10.85 -19.54
N LEU A 756 35.17 11.77 -18.58
CA LEU A 756 34.56 13.05 -18.89
C LEU A 756 35.50 13.97 -19.67
N VAL A 757 36.79 13.64 -19.78
CA VAL A 757 37.63 14.42 -20.69
C VAL A 757 37.63 13.79 -22.08
N LEU A 758 37.37 12.47 -22.17
CA LEU A 758 37.16 11.89 -23.50
C LEU A 758 35.84 12.32 -24.10
N GLU A 759 34.85 12.67 -23.28
CA GLU A 759 33.57 13.11 -23.85
C GLU A 759 33.60 14.57 -24.31
N LEU A 760 34.68 15.30 -24.05
CA LEU A 760 34.70 16.72 -24.41
C LEU A 760 35.02 16.92 -25.89
N THR A 761 34.71 18.13 -26.37
CA THR A 761 35.06 18.54 -27.72
C THR A 761 36.55 18.85 -27.83
N PRO A 762 37.11 18.78 -29.04
CA PRO A 762 38.52 19.20 -29.22
C PRO A 762 38.79 20.66 -28.91
N SER A 763 37.79 21.53 -29.06
CA SER A 763 38.00 22.95 -28.78
C SER A 763 38.10 23.23 -27.28
N GLN A 764 37.24 22.59 -26.50
CA GLN A 764 37.26 22.81 -25.05
C GLN A 764 38.44 22.12 -24.39
N ARG A 765 38.92 21.03 -25.00
CA ARG A 765 40.03 20.26 -24.43
C ARG A 765 41.31 21.08 -24.40
N SER A 766 41.58 21.85 -25.45
CA SER A 766 42.79 22.67 -25.50
C SER A 766 42.78 23.76 -24.45
N GLU A 767 41.62 24.40 -24.25
CA GLU A 767 41.47 25.39 -23.19
C GLU A 767 41.66 24.76 -21.82
N PHE A 768 41.11 23.56 -21.62
CA PHE A 768 41.25 22.86 -20.34
C PHE A 768 42.71 22.55 -20.03
N ILE A 769 43.43 22.00 -21.02
CA ILE A 769 44.83 21.63 -20.83
C ILE A 769 45.70 22.86 -20.59
N ARG A 770 45.52 23.93 -21.38
CA ARG A 770 46.41 25.07 -21.22
C ARG A 770 46.10 25.87 -19.96
N LYS A 771 44.81 25.97 -19.57
CA LYS A 771 44.48 26.72 -18.36
C LYS A 771 44.89 25.96 -17.11
N LEU A 772 44.87 24.62 -17.16
CA LEU A 772 45.17 23.89 -15.94
C LEU A 772 46.65 23.49 -15.88
N SER A 773 47.34 23.56 -17.01
CA SER A 773 48.80 23.44 -16.99
C SER A 773 49.45 24.78 -16.70
N ALA A 774 48.74 25.88 -16.94
CA ALA A 774 49.25 27.20 -16.57
C ALA A 774 49.29 27.36 -15.06
N LEU A 775 48.42 26.65 -14.34
CA LEU A 775 48.30 26.64 -12.87
C LEU A 775 48.09 28.03 -12.28
N ASP B 1 1.07 -37.50 -35.60
CA ASP B 1 0.36 -36.92 -34.46
C ASP B 1 -0.14 -35.51 -34.80
N TYR B 2 0.80 -34.69 -35.29
CA TYR B 2 0.62 -33.26 -35.60
C TYR B 2 -0.11 -32.49 -34.48
N LEU B 3 0.32 -32.75 -33.25
CA LEU B 3 -0.12 -32.09 -32.01
C LEU B 3 -1.61 -32.24 -31.74
N GLN B 4 -2.24 -33.32 -32.21
CA GLN B 4 -3.68 -33.44 -32.12
C GLN B 4 -4.14 -33.81 -30.71
N GLN B 5 -3.39 -34.69 -30.04
CA GLN B 5 -3.80 -35.16 -28.71
C GLN B 5 -3.67 -34.05 -27.67
N LYS B 6 -2.64 -33.20 -27.80
CA LYS B 6 -2.46 -32.08 -26.89
C LYS B 6 -3.58 -31.06 -27.05
N ARG B 7 -3.96 -30.77 -28.30
CA ARG B 7 -5.09 -29.88 -28.56
C ARG B 7 -6.40 -30.48 -28.06
N PHE B 8 -6.55 -31.81 -28.19
CA PHE B 8 -7.76 -32.46 -27.68
C PHE B 8 -7.86 -32.37 -26.17
N LEU B 9 -6.74 -32.58 -25.46
CA LEU B 9 -6.73 -32.48 -24.00
C LEU B 9 -7.03 -31.05 -23.55
N ALA B 10 -6.38 -30.06 -24.19
CA ALA B 10 -6.58 -28.67 -23.81
C ALA B 10 -8.00 -28.20 -24.10
N THR B 11 -8.56 -28.59 -25.26
CA THR B 11 -9.91 -28.18 -25.62
C THR B 11 -10.94 -28.91 -24.76
N SER B 12 -10.65 -30.16 -24.38
CA SER B 12 -11.55 -30.90 -23.50
C SER B 12 -11.61 -30.28 -22.12
N GLN B 13 -10.48 -29.81 -21.60
CA GLN B 13 -10.53 -29.12 -20.32
C GLN B 13 -10.95 -27.66 -20.43
N GLY B 14 -11.05 -27.11 -21.64
CA GLY B 14 -11.57 -25.77 -21.83
C GLY B 14 -10.53 -24.68 -22.08
N THR B 15 -9.34 -25.03 -22.55
CA THR B 15 -8.25 -24.08 -22.68
C THR B 15 -7.75 -24.13 -24.12
N THR B 16 -7.44 -22.96 -24.68
CA THR B 16 -6.70 -22.91 -25.93
C THR B 16 -5.30 -23.43 -25.71
N TYR B 17 -4.86 -24.31 -26.62
CA TYR B 17 -3.51 -24.86 -26.57
C TYR B 17 -2.49 -23.74 -26.73
N VAL B 18 -1.32 -23.92 -26.10
CA VAL B 18 -0.39 -22.81 -25.88
C VAL B 18 0.20 -22.27 -27.18
N TYR B 19 0.49 -23.15 -28.14
CA TYR B 19 1.05 -22.71 -29.40
C TYR B 19 -0.02 -22.18 -30.36
N ASP B 20 -1.28 -22.25 -29.98
CA ASP B 20 -2.35 -21.53 -30.67
C ASP B 20 -2.67 -20.19 -30.01
N ILE B 21 -1.99 -19.84 -28.92
CA ILE B 21 -2.21 -18.55 -28.26
C ILE B 21 -1.74 -17.33 -29.08
N PRO B 22 -0.52 -17.29 -29.70
CA PRO B 22 -0.12 -16.05 -30.40
C PRO B 22 -1.03 -15.62 -31.55
N ASP B 23 -1.57 -16.57 -32.31
CA ASP B 23 -2.36 -16.28 -33.50
C ASP B 23 -3.60 -15.47 -33.18
N MET B 24 -4.19 -15.70 -32.00
CA MET B 24 -5.33 -14.93 -31.52
C MET B 24 -5.03 -13.44 -31.49
N PHE B 25 -3.84 -13.08 -30.97
CA PHE B 25 -3.41 -11.68 -30.96
C PHE B 25 -3.39 -11.10 -32.35
N ARG B 26 -2.86 -11.90 -33.30
CA ARG B 26 -2.84 -11.54 -34.72
C ARG B 26 -4.22 -11.18 -35.22
N GLN B 27 -5.21 -12.03 -34.92
CA GLN B 27 -6.57 -11.81 -35.40
C GLN B 27 -7.15 -10.53 -34.83
N MET B 28 -6.90 -10.29 -33.53
CA MET B 28 -7.46 -9.11 -32.90
C MET B 28 -6.84 -7.84 -33.44
N VAL B 29 -5.55 -7.89 -33.77
CA VAL B 29 -4.89 -6.73 -34.35
C VAL B 29 -5.53 -6.39 -35.68
N GLU B 30 -5.82 -7.44 -36.47
CA GLU B 30 -6.46 -7.28 -37.77
C GLU B 30 -7.85 -6.66 -37.61
N ARG B 31 -8.59 -7.11 -36.59
CA ARG B 31 -9.93 -6.58 -36.36
C ARG B 31 -9.87 -5.10 -36.03
N ARG B 32 -8.88 -4.70 -35.22
CA ARG B 32 -8.76 -3.31 -34.81
C ARG B 32 -8.51 -2.42 -36.00
N TRP B 33 -7.71 -2.92 -36.97
CA TRP B 33 -7.43 -2.18 -38.19
C TRP B 33 -8.70 -1.86 -38.94
N ARG B 34 -9.57 -2.88 -39.10
CA ARG B 34 -10.81 -2.67 -39.84
C ARG B 34 -11.70 -1.67 -39.14
N GLU B 35 -11.77 -1.76 -37.80
CA GLU B 35 -12.61 -0.83 -37.04
C GLU B 35 -12.07 0.58 -37.16
N CYS B 36 -10.73 0.72 -37.11
CA CYS B 36 -10.15 2.05 -37.21
C CYS B 36 -10.33 2.62 -38.60
N ILE B 37 -10.36 1.74 -39.61
CA ILE B 37 -10.58 2.20 -40.98
C ILE B 37 -12.00 2.72 -41.13
N GLU B 38 -12.94 2.17 -40.36
CA GLU B 38 -14.30 2.71 -40.39
C GLU B 38 -14.39 4.01 -39.61
N GLU B 39 -13.52 4.22 -38.62
CA GLU B 39 -13.64 5.43 -37.82
C GLU B 39 -12.75 6.54 -38.35
N GLY B 40 -11.62 6.21 -38.93
CA GLY B 40 -10.67 7.20 -39.41
C GLY B 40 -9.51 7.49 -38.49
N SER B 41 -9.29 6.67 -37.46
CA SER B 41 -8.13 6.85 -36.60
C SER B 41 -6.84 6.54 -37.34
N VAL B 42 -6.89 5.63 -38.32
CA VAL B 42 -5.83 5.44 -39.29
C VAL B 42 -6.45 5.46 -40.67
N ASP B 43 -5.64 5.74 -41.68
CA ASP B 43 -6.11 5.79 -43.05
C ASP B 43 -5.43 4.79 -43.97
N GLY B 44 -4.21 4.34 -43.63
CA GLY B 44 -3.46 3.45 -44.47
C GLY B 44 -4.07 2.07 -44.54
N PRO B 45 -3.74 1.32 -45.59
CA PRO B 45 -4.18 -0.08 -45.67
C PRO B 45 -3.54 -0.93 -44.58
N GLN B 46 -4.21 -2.02 -44.26
CA GLN B 46 -3.71 -2.95 -43.26
C GLN B 46 -2.42 -3.61 -43.76
N PRO B 47 -1.39 -3.72 -42.92
CA PRO B 47 -0.15 -4.35 -43.36
C PRO B 47 -0.31 -5.84 -43.58
N ASP B 48 0.59 -6.39 -44.41
CA ASP B 48 0.53 -7.81 -44.75
C ASP B 48 0.83 -8.69 -43.53
N ASN B 49 1.80 -8.28 -42.71
CA ASN B 49 2.14 -9.00 -41.49
C ASN B 49 1.92 -8.07 -40.31
N VAL B 50 1.10 -8.51 -39.36
CA VAL B 50 0.79 -7.70 -38.19
C VAL B 50 1.40 -8.24 -36.90
N MET B 51 2.04 -9.41 -36.94
CA MET B 51 2.65 -9.97 -35.75
C MET B 51 3.86 -10.80 -36.15
N THR B 52 4.96 -10.60 -35.43
CA THR B 52 6.18 -11.38 -35.61
C THR B 52 6.56 -11.97 -34.26
N LEU B 53 6.67 -13.30 -34.19
CA LEU B 53 6.87 -14.00 -32.93
C LEU B 53 8.26 -14.64 -32.92
N VAL B 54 8.98 -14.47 -31.81
CA VAL B 54 10.27 -15.13 -31.59
C VAL B 54 10.24 -15.77 -30.21
N GLU B 55 10.53 -17.07 -30.13
CA GLU B 55 10.36 -17.82 -28.89
C GLU B 55 11.62 -17.72 -28.02
N LEU B 56 11.43 -17.50 -26.73
CA LEU B 56 12.53 -17.37 -25.78
C LEU B 56 12.75 -18.70 -25.09
N VAL B 57 13.96 -19.24 -25.17
CA VAL B 57 14.32 -20.50 -24.52
C VAL B 57 15.47 -20.22 -23.56
N VAL B 58 15.30 -20.62 -22.30
CA VAL B 58 16.37 -20.45 -21.31
C VAL B 58 17.39 -21.56 -21.49
N GLU B 59 18.65 -21.23 -21.27
CA GLU B 59 19.70 -22.24 -21.32
C GLU B 59 19.59 -23.15 -20.11
N PRO B 60 19.89 -24.45 -20.25
CA PRO B 60 19.62 -25.38 -19.14
C PRO B 60 20.54 -25.23 -17.95
N ASP B 61 21.84 -25.06 -18.16
CA ASP B 61 22.78 -25.25 -17.05
C ASP B 61 23.91 -24.23 -16.95
N GLY B 62 24.24 -23.54 -18.03
CA GLY B 62 25.42 -22.68 -18.03
C GLY B 62 25.23 -21.44 -17.17
N GLU B 63 24.38 -20.51 -17.63
CA GLU B 63 24.01 -19.38 -16.79
C GLU B 63 22.51 -19.08 -16.85
N ARG B 64 21.71 -19.98 -17.43
CA ARG B 64 20.26 -19.81 -17.63
C ARG B 64 19.92 -18.55 -18.41
N ARG B 65 20.75 -18.21 -19.40
CA ARG B 65 20.49 -17.04 -20.21
C ARG B 65 19.37 -17.32 -21.22
N VAL B 66 18.74 -16.24 -21.68
CA VAL B 66 17.63 -16.32 -22.62
C VAL B 66 18.20 -16.26 -24.03
N VAL B 67 17.94 -17.30 -24.81
CA VAL B 67 18.33 -17.38 -26.22
C VAL B 67 17.06 -17.32 -27.06
N GLU B 68 17.04 -16.43 -28.03
CA GLU B 68 15.88 -16.28 -28.90
C GLU B 68 16.00 -17.21 -30.11
N VAL B 69 14.94 -17.97 -30.37
CA VAL B 69 14.93 -18.98 -31.43
C VAL B 69 13.63 -18.87 -32.22
N THR B 70 13.64 -19.48 -33.40
CA THR B 70 12.46 -19.68 -34.23
C THR B 70 12.40 -21.16 -34.59
N ARG B 71 11.45 -21.88 -34.00
CA ARG B 71 11.38 -23.33 -34.14
C ARG B 71 9.93 -23.76 -34.27
N LEU B 72 9.75 -25.03 -34.64
CA LEU B 72 8.42 -25.58 -34.82
C LEU B 72 7.69 -25.71 -33.47
N PRO B 73 6.39 -25.53 -33.46
CA PRO B 73 5.63 -25.66 -32.20
C PRO B 73 5.59 -27.09 -31.70
N GLY B 74 5.52 -27.23 -30.38
CA GLY B 74 5.37 -28.52 -29.74
C GLY B 74 6.64 -29.18 -29.26
N GLN B 75 7.72 -28.43 -29.07
CA GLN B 75 9.01 -28.99 -28.70
C GLN B 75 9.46 -28.58 -27.31
N ASN B 76 8.54 -28.24 -26.42
CA ASN B 76 8.92 -27.79 -25.09
C ASN B 76 9.32 -28.96 -24.20
N ASN B 77 10.33 -28.72 -23.35
CA ASN B 77 10.72 -29.65 -22.30
C ASN B 77 10.35 -29.15 -20.92
N VAL B 78 9.75 -27.97 -20.83
CA VAL B 78 9.26 -27.40 -19.57
C VAL B 78 7.79 -27.07 -19.74
N GLY B 79 7.17 -26.62 -18.66
CA GLY B 79 5.75 -26.34 -18.64
C GLY B 79 5.34 -24.92 -18.96
N MET B 80 6.28 -24.02 -19.25
CA MET B 80 5.94 -22.68 -19.70
C MET B 80 6.58 -22.40 -21.06
N VAL B 81 5.87 -21.63 -21.87
CA VAL B 81 6.38 -21.15 -23.14
C VAL B 81 6.30 -19.62 -23.13
N ALA B 82 7.37 -18.97 -23.57
CA ALA B 82 7.44 -17.53 -23.62
C ALA B 82 7.87 -17.06 -25.00
N TRP B 83 7.25 -15.96 -25.45
CA TRP B 83 7.62 -15.37 -26.73
C TRP B 83 7.81 -13.86 -26.57
N ARG B 84 8.52 -13.28 -27.53
CA ARG B 84 8.54 -11.84 -27.76
C ARG B 84 7.81 -11.58 -29.06
N LEU B 85 6.84 -10.68 -29.00
CA LEU B 85 5.94 -10.39 -30.10
C LEU B 85 6.11 -8.95 -30.56
N THR B 86 6.32 -8.78 -31.86
CA THR B 86 6.26 -7.47 -32.50
C THR B 86 4.89 -7.33 -33.15
N LEU B 87 4.12 -6.34 -32.68
CA LEU B 87 2.76 -6.12 -33.14
C LEU B 87 2.70 -4.79 -33.88
N TYR B 88 2.08 -4.79 -35.05
CA TYR B 88 1.93 -3.59 -35.87
C TYR B 88 0.49 -3.13 -35.73
N THR B 89 0.23 -2.35 -34.69
CA THR B 89 -1.09 -1.95 -34.23
C THR B 89 -1.48 -0.63 -34.87
N PRO B 90 -2.78 -0.29 -34.87
CA PRO B 90 -3.18 1.04 -35.36
C PRO B 90 -2.60 2.21 -34.57
N GLU B 91 -2.42 2.08 -33.26
CA GLU B 91 -1.85 3.18 -32.49
C GLU B 91 -0.34 3.27 -32.64
N CYS B 92 0.32 2.13 -32.86
CA CYS B 92 1.77 2.08 -33.07
C CYS B 92 2.03 1.36 -34.39
N PRO B 93 2.07 2.07 -35.51
CA PRO B 93 2.14 1.39 -36.82
C PRO B 93 3.51 0.83 -37.15
N ASP B 94 4.58 1.45 -36.65
CA ASP B 94 5.93 1.02 -37.02
C ASP B 94 6.29 -0.29 -36.34
N GLY B 95 5.98 -0.43 -35.07
CA GLY B 95 6.27 -1.67 -34.37
C GLY B 95 6.13 -1.47 -32.88
N ARG B 96 5.88 -2.59 -32.19
CA ARG B 96 5.66 -2.57 -30.76
C ARG B 96 5.86 -3.97 -30.19
N ASP B 97 6.73 -4.08 -29.19
CA ASP B 97 7.16 -5.36 -28.65
C ASP B 97 6.54 -5.60 -27.29
N ILE B 98 6.05 -6.83 -27.08
CA ILE B 98 5.59 -7.30 -25.77
C ILE B 98 6.19 -8.68 -25.51
N VAL B 99 6.13 -9.10 -24.25
CA VAL B 99 6.60 -10.41 -23.81
C VAL B 99 5.41 -11.19 -23.27
N LEU B 100 5.20 -12.39 -23.81
CA LEU B 100 4.05 -13.22 -23.48
C LEU B 100 4.53 -14.50 -22.80
N ILE B 101 3.93 -14.82 -21.65
CA ILE B 101 4.27 -16.01 -20.87
C ILE B 101 3.00 -16.82 -20.71
N ALA B 102 3.05 -18.12 -21.01
CA ALA B 102 1.88 -18.98 -20.89
C ALA B 102 2.25 -20.35 -20.35
N ASN B 103 1.40 -20.90 -19.48
CA ASN B 103 1.59 -22.23 -18.94
C ASN B 103 1.10 -23.29 -19.92
N ASP B 104 1.44 -24.55 -19.63
CA ASP B 104 1.06 -25.68 -20.45
C ASP B 104 0.25 -26.66 -19.59
N LEU B 105 -1.04 -26.80 -19.89
CA LEU B 105 -1.88 -27.76 -19.19
C LEU B 105 -1.56 -29.19 -19.57
N THR B 106 -1.01 -29.40 -20.77
CA THR B 106 -0.66 -30.75 -21.20
C THR B 106 0.56 -31.30 -20.46
N TYR B 107 1.32 -30.45 -19.77
CA TYR B 107 2.54 -30.85 -19.08
C TYR B 107 2.29 -30.81 -17.57
N TYR B 108 1.85 -31.95 -17.02
CA TYR B 108 1.67 -32.17 -15.58
C TYR B 108 0.69 -31.17 -14.97
N MET B 109 -0.41 -30.91 -15.69
CA MET B 109 -1.54 -30.09 -15.27
C MET B 109 -1.13 -28.64 -14.96
N GLY B 110 -0.09 -28.15 -15.62
CA GLY B 110 0.34 -26.77 -15.43
C GLY B 110 0.94 -26.48 -14.07
N SER B 111 1.52 -27.50 -13.43
CA SER B 111 2.05 -27.33 -12.09
C SER B 111 3.33 -26.50 -12.10
N PHE B 112 3.61 -25.87 -10.97
CA PHE B 112 4.77 -25.00 -10.81
C PHE B 112 5.94 -25.81 -10.28
N GLY B 113 6.83 -26.23 -11.18
CA GLY B 113 8.08 -26.83 -10.78
C GLY B 113 9.20 -25.82 -10.92
N PRO B 114 10.40 -26.17 -10.47
CA PRO B 114 11.51 -25.19 -10.43
C PRO B 114 11.95 -24.67 -11.80
N GLN B 115 11.96 -25.53 -12.81
CA GLN B 115 12.42 -25.10 -14.14
C GLN B 115 11.43 -24.13 -14.78
N GLU B 116 10.13 -24.37 -14.59
CA GLU B 116 9.10 -23.42 -15.01
C GLU B 116 9.26 -22.09 -14.31
N ASP B 117 9.63 -22.14 -13.02
CA ASP B 117 9.84 -20.93 -12.23
C ASP B 117 11.02 -20.14 -12.78
N TRP B 118 12.07 -20.82 -13.24
CA TRP B 118 13.20 -20.10 -13.83
C TRP B 118 12.87 -19.54 -15.21
N VAL B 119 12.02 -20.23 -15.99
CA VAL B 119 11.56 -19.63 -17.26
C VAL B 119 10.76 -18.36 -17.01
N TYR B 120 9.87 -18.37 -16.01
CA TYR B 120 9.10 -17.17 -15.68
C TYR B 120 10.03 -16.05 -15.20
N PHE B 121 11.01 -16.40 -14.35
CA PHE B 121 11.95 -15.42 -13.81
C PHE B 121 12.77 -14.77 -14.90
N LYS B 122 13.29 -15.56 -15.84
CA LYS B 122 14.17 -15.00 -16.86
C LYS B 122 13.37 -14.26 -17.93
N ALA B 123 12.16 -14.71 -18.25
CA ALA B 123 11.32 -13.97 -19.19
C ALA B 123 10.88 -12.63 -18.62
N SER B 124 10.55 -12.58 -17.33
CA SER B 124 10.18 -11.31 -16.72
C SER B 124 11.38 -10.38 -16.58
N GLN B 125 12.58 -10.95 -16.35
CA GLN B 125 13.79 -10.13 -16.36
C GLN B 125 14.07 -9.55 -17.74
N TYR B 126 13.81 -10.34 -18.80
CA TYR B 126 13.96 -9.83 -20.16
C TYR B 126 12.98 -8.69 -20.45
N ALA B 127 11.73 -8.86 -20.01
CA ALA B 127 10.73 -7.81 -20.20
C ALA B 127 11.07 -6.55 -19.40
N ARG B 128 11.68 -6.71 -18.22
CA ARG B 128 12.05 -5.55 -17.44
C ARG B 128 13.27 -4.85 -18.01
N GLU B 129 14.26 -5.61 -18.50
CA GLU B 129 15.48 -5.00 -19.01
C GLU B 129 15.26 -4.38 -20.40
N LEU B 130 14.24 -4.83 -21.13
CA LEU B 130 13.87 -4.13 -22.35
C LEU B 130 12.78 -3.09 -22.12
N LYS B 131 12.25 -2.99 -20.90
CA LYS B 131 11.26 -1.99 -20.48
C LYS B 131 9.97 -2.08 -21.30
N ILE B 132 9.59 -3.27 -21.71
CA ILE B 132 8.41 -3.48 -22.54
C ILE B 132 7.38 -4.25 -21.72
N PRO B 133 6.07 -4.10 -21.98
CA PRO B 133 5.06 -4.72 -21.13
C PRO B 133 5.02 -6.24 -21.22
N ARG B 134 4.44 -6.85 -20.20
CA ARG B 134 4.36 -8.30 -20.03
C ARG B 134 2.91 -8.73 -19.91
N ILE B 135 2.54 -9.79 -20.64
CA ILE B 135 1.23 -10.41 -20.53
C ILE B 135 1.43 -11.88 -20.15
N TYR B 136 0.71 -12.32 -19.12
CA TYR B 136 0.79 -13.67 -18.58
C TYR B 136 -0.56 -14.34 -18.66
N ILE B 137 -0.56 -15.64 -18.96
CA ILE B 137 -1.77 -16.45 -19.03
C ILE B 137 -1.62 -17.61 -18.06
N SER B 138 -2.57 -17.76 -17.15
CA SER B 138 -2.45 -18.65 -16.00
C SER B 138 -3.35 -19.86 -16.18
N VAL B 139 -2.74 -21.02 -16.44
CA VAL B 139 -3.44 -22.30 -16.42
C VAL B 139 -2.61 -23.19 -15.51
N ASN B 140 -2.96 -23.26 -14.22
CA ASN B 140 -2.07 -23.88 -13.26
C ASN B 140 -2.84 -24.66 -12.19
N SER B 141 -2.22 -25.73 -11.72
CA SER B 141 -2.71 -26.52 -10.60
C SER B 141 -1.96 -26.23 -9.31
N GLY B 142 -1.09 -25.23 -9.31
CA GLY B 142 -0.35 -24.88 -8.11
C GLY B 142 1.06 -25.42 -8.10
N ALA B 143 1.61 -25.49 -6.89
CA ALA B 143 2.95 -26.02 -6.71
C ALA B 143 2.97 -27.54 -6.92
N ARG B 144 4.10 -28.04 -7.39
CA ARG B 144 4.23 -29.46 -7.66
C ARG B 144 4.47 -30.24 -6.37
N ILE B 145 3.71 -31.32 -6.20
CA ILE B 145 3.81 -32.21 -5.05
C ILE B 145 4.43 -33.51 -5.53
N GLY B 146 5.30 -34.11 -4.70
CA GLY B 146 5.94 -35.33 -5.12
C GLY B 146 6.35 -36.20 -3.95
N VAL B 147 6.50 -37.49 -4.26
CA VAL B 147 6.94 -38.52 -3.32
C VAL B 147 8.07 -39.30 -3.97
N ALA B 148 9.13 -39.56 -3.21
CA ALA B 148 10.25 -40.38 -3.68
C ALA B 148 9.77 -41.81 -3.89
N GLU B 149 10.05 -42.36 -5.08
CA GLU B 149 9.40 -43.60 -5.49
C GLU B 149 10.27 -44.85 -5.34
N GLU B 150 11.60 -44.70 -5.27
CA GLU B 150 12.44 -45.88 -5.07
C GLU B 150 12.31 -46.40 -3.63
N VAL B 151 12.24 -45.49 -2.67
CA VAL B 151 12.03 -45.86 -1.27
C VAL B 151 10.63 -46.41 -1.10
N LYS B 152 9.66 -45.81 -1.81
CA LYS B 152 8.28 -46.30 -1.83
C LYS B 152 8.21 -47.71 -2.39
N SER B 153 9.03 -48.02 -3.38
CA SER B 153 9.06 -49.37 -3.93
C SER B 153 9.73 -50.35 -2.97
N ASP B 154 10.72 -49.90 -2.20
CA ASP B 154 11.55 -50.84 -1.46
C ASP B 154 11.69 -50.56 0.04
N PHE B 155 10.70 -49.96 0.70
CA PHE B 155 10.80 -49.81 2.15
C PHE B 155 10.24 -51.03 2.86
N ASN B 156 10.72 -51.26 4.09
CA ASN B 156 10.25 -52.34 4.93
C ASN B 156 9.83 -51.79 6.28
N VAL B 157 9.00 -52.56 6.98
CA VAL B 157 8.45 -52.12 8.26
C VAL B 157 9.00 -52.98 9.40
N ALA B 158 9.06 -52.38 10.58
CA ALA B 158 9.46 -53.08 11.80
C ALA B 158 8.24 -53.22 12.69
N TRP B 159 7.81 -54.46 12.92
CA TRP B 159 6.57 -54.74 13.63
C TRP B 159 6.85 -55.00 15.10
N LEU B 160 5.89 -54.62 15.95
CA LEU B 160 5.90 -55.07 17.34
C LEU B 160 5.74 -56.59 17.41
N ASP B 161 4.81 -57.12 16.62
CA ASP B 161 4.61 -58.56 16.49
C ASP B 161 4.35 -58.85 15.02
N ALA B 162 5.17 -59.74 14.44
CA ALA B 162 5.02 -60.05 13.02
C ALA B 162 3.78 -60.90 12.76
N GLU B 163 3.33 -61.64 13.78
CA GLU B 163 2.14 -62.47 13.61
C GLU B 163 0.88 -61.62 13.50
N ARG B 164 0.80 -60.55 14.28
CA ARG B 164 -0.34 -59.64 14.23
C ARG B 164 0.12 -58.25 13.79
N PRO B 165 0.02 -57.91 12.50
CA PRO B 165 0.42 -56.57 12.06
C PRO B 165 -0.52 -55.46 12.50
N GLU B 166 -1.72 -55.79 12.99
CA GLU B 166 -2.73 -54.76 13.22
C GLU B 166 -2.46 -53.96 14.49
N ARG B 167 -1.58 -54.46 15.38
CA ARG B 167 -1.35 -53.75 16.64
C ARG B 167 -0.50 -52.50 16.44
N GLY B 168 0.56 -52.57 15.66
CA GLY B 168 1.37 -51.40 15.42
C GLY B 168 2.72 -51.71 14.85
N PHE B 169 3.42 -50.66 14.46
CA PHE B 169 4.75 -50.74 13.87
C PHE B 169 5.66 -49.75 14.59
N LYS B 170 6.96 -50.05 14.63
CA LYS B 170 7.89 -49.18 15.34
C LYS B 170 8.52 -48.15 14.42
N TYR B 171 9.20 -48.59 13.36
CA TYR B 171 9.92 -47.66 12.49
C TYR B 171 9.93 -48.18 11.06
N LEU B 172 10.28 -47.29 10.13
CA LEU B 172 10.44 -47.62 8.73
C LEU B 172 11.91 -47.84 8.45
N TYR B 173 12.26 -49.01 7.93
CA TYR B 173 13.66 -49.38 7.77
C TYR B 173 13.93 -49.93 6.38
N LEU B 174 15.21 -50.04 6.04
CA LEU B 174 15.67 -50.61 4.79
C LEU B 174 16.59 -51.79 5.09
N THR B 175 16.48 -52.84 4.28
CA THR B 175 17.38 -53.97 4.33
C THR B 175 18.75 -53.55 3.77
N PRO B 176 19.84 -54.27 4.12
CA PRO B 176 21.16 -53.88 3.58
C PRO B 176 21.31 -53.97 2.08
N GLU B 177 20.63 -54.91 1.41
CA GLU B 177 20.79 -55.04 -0.04
C GLU B 177 20.07 -53.92 -0.78
N VAL B 178 19.00 -53.39 -0.20
CA VAL B 178 18.37 -52.18 -0.74
C VAL B 178 19.25 -50.96 -0.52
N TYR B 179 19.91 -50.90 0.66
CA TYR B 179 20.78 -49.77 0.96
C TYR B 179 22.03 -49.77 0.10
N SER B 180 22.48 -50.94 -0.35
CA SER B 180 23.60 -51.01 -1.27
C SER B 180 23.25 -50.36 -2.61
N LYS B 181 22.00 -50.54 -3.05
CA LYS B 181 21.57 -49.91 -4.30
C LYS B 181 21.31 -48.40 -4.11
N LEU B 182 20.66 -48.02 -3.02
CA LEU B 182 20.21 -46.65 -2.85
C LEU B 182 21.13 -45.79 -2.00
N GLY B 183 22.31 -46.27 -1.64
CA GLY B 183 23.21 -45.46 -0.83
C GLY B 183 23.91 -44.37 -1.62
N ALA B 184 24.21 -44.63 -2.88
CA ALA B 184 25.00 -43.68 -3.68
C ALA B 184 24.17 -42.49 -4.13
N LEU B 185 22.86 -42.68 -4.32
CA LEU B 185 22.01 -41.61 -4.85
C LEU B 185 21.55 -40.63 -3.78
N GLY B 186 21.80 -40.91 -2.50
CA GLY B 186 21.43 -40.02 -1.43
C GLY B 186 19.93 -39.85 -1.23
N SER B 187 19.20 -40.97 -1.27
CA SER B 187 17.75 -40.93 -1.10
C SER B 187 17.31 -41.11 0.34
N VAL B 188 18.15 -41.65 1.21
CA VAL B 188 17.78 -41.84 2.60
C VAL B 188 18.92 -41.35 3.49
N LYS B 189 18.54 -40.79 4.63
CA LYS B 189 19.45 -40.56 5.75
C LYS B 189 19.07 -41.55 6.85
N THR B 190 19.99 -42.47 7.15
CA THR B 190 19.68 -43.65 7.95
C THR B 190 20.66 -43.80 9.10
N GLU B 191 20.32 -44.73 9.99
CA GLU B 191 21.15 -45.11 11.14
C GLU B 191 21.25 -46.63 11.17
N LEU B 192 22.45 -47.15 11.41
CA LEU B 192 22.65 -48.59 11.51
C LEU B 192 22.24 -49.08 12.88
N ILE B 193 21.15 -49.85 12.93
CA ILE B 193 20.62 -50.40 14.17
C ILE B 193 20.55 -51.92 14.04
N GLU B 194 21.15 -52.62 15.00
CA GLU B 194 21.06 -54.07 15.07
C GLU B 194 19.92 -54.44 16.00
N ASP B 195 18.74 -54.67 15.42
CA ASP B 195 17.57 -55.10 16.16
C ASP B 195 17.22 -56.52 15.71
N GLU B 196 16.74 -57.31 16.67
CA GLU B 196 16.53 -58.77 16.54
C GLU B 196 17.88 -59.38 16.17
N GLY B 197 17.98 -60.15 15.08
CA GLY B 197 19.23 -60.73 14.66
C GLY B 197 19.79 -60.24 13.35
N GLU B 198 19.26 -59.16 12.79
CA GLU B 198 19.68 -58.69 11.47
C GLU B 198 20.05 -57.21 11.53
N SER B 199 20.97 -56.82 10.65
CA SER B 199 21.32 -55.41 10.53
C SER B 199 20.23 -54.66 9.77
N ARG B 200 19.81 -53.54 10.34
CA ARG B 200 18.73 -52.75 9.77
C ARG B 200 19.17 -51.30 9.68
N TYR B 201 18.64 -50.60 8.68
CA TYR B 201 18.94 -49.19 8.46
C TYR B 201 17.66 -48.39 8.69
N ARG B 202 17.52 -47.86 9.91
CA ARG B 202 16.34 -47.09 10.26
C ARG B 202 16.33 -45.75 9.53
N ILE B 203 15.28 -45.51 8.74
CA ILE B 203 15.18 -44.31 7.92
C ILE B 203 14.87 -43.13 8.82
N THR B 204 15.85 -42.26 9.02
CA THR B 204 15.59 -41.01 9.72
C THR B 204 14.96 -39.98 8.79
N ASP B 205 15.47 -39.87 7.55
CA ASP B 205 14.94 -38.89 6.60
C ASP B 205 14.86 -39.52 5.22
N ILE B 206 13.92 -39.04 4.42
CA ILE B 206 13.77 -39.44 3.01
C ILE B 206 14.06 -38.23 2.13
N ILE B 207 15.00 -38.39 1.19
CA ILE B 207 15.39 -37.38 0.23
C ILE B 207 15.10 -37.99 -1.14
N GLY B 208 15.00 -37.17 -2.17
CA GLY B 208 14.76 -37.68 -3.50
C GLY B 208 15.95 -37.44 -4.40
N LYS B 209 16.19 -38.43 -5.28
CA LYS B 209 17.14 -38.21 -6.36
C LYS B 209 16.56 -37.27 -7.40
N GLU B 210 15.24 -37.22 -7.49
CA GLU B 210 14.54 -36.27 -8.32
C GLU B 210 14.30 -34.97 -7.57
N ASP B 211 13.87 -33.96 -8.31
CA ASP B 211 13.61 -32.64 -7.74
C ASP B 211 12.18 -32.24 -8.08
N GLY B 212 11.63 -31.34 -7.26
CA GLY B 212 10.25 -30.94 -7.36
C GLY B 212 9.32 -31.62 -6.38
N LEU B 213 9.86 -32.42 -5.44
CA LEU B 213 9.02 -33.16 -4.51
C LEU B 213 8.44 -32.24 -3.43
N GLY B 214 9.25 -31.33 -2.89
CA GLY B 214 8.86 -30.61 -1.69
C GLY B 214 9.06 -29.11 -1.68
N VAL B 215 9.80 -28.62 -0.69
CA VAL B 215 9.87 -27.20 -0.38
C VAL B 215 10.69 -26.38 -1.37
N GLU B 216 11.39 -27.02 -2.30
CA GLU B 216 12.18 -26.26 -3.26
C GLU B 216 11.29 -25.55 -4.29
N CYS B 217 10.13 -26.15 -4.60
CA CYS B 217 9.11 -25.44 -5.38
C CYS B 217 8.62 -24.21 -4.65
N LEU B 218 8.45 -24.33 -3.32
CA LEU B 218 8.06 -23.18 -2.52
C LEU B 218 9.18 -22.16 -2.41
N ARG B 219 10.43 -22.60 -2.58
CA ARG B 219 11.55 -21.66 -2.60
C ARG B 219 11.53 -20.83 -3.87
N ASP B 220 11.35 -21.47 -5.01
CA ASP B 220 11.32 -20.73 -6.28
C ASP B 220 10.00 -19.96 -6.49
N ALA B 221 8.95 -20.33 -5.76
CA ALA B 221 7.70 -19.58 -5.80
C ALA B 221 7.88 -18.16 -5.24
N GLY B 222 8.68 -18.03 -4.17
CA GLY B 222 8.99 -16.71 -3.65
C GLY B 222 9.82 -15.88 -4.60
N LEU B 223 10.66 -16.56 -5.40
CA LEU B 223 11.41 -15.88 -6.45
C LEU B 223 10.49 -15.29 -7.50
N ILE B 224 9.47 -16.07 -7.90
CA ILE B 224 8.46 -15.55 -8.84
C ILE B 224 7.69 -14.39 -8.22
N ALA B 225 7.31 -14.51 -6.94
CA ALA B 225 6.52 -13.46 -6.28
C ALA B 225 7.31 -12.15 -6.18
N GLY B 226 8.58 -12.23 -5.83
CA GLY B 226 9.41 -11.03 -5.77
C GLY B 226 9.64 -10.41 -7.14
N GLU B 227 9.88 -11.25 -8.15
CA GLU B 227 10.09 -10.73 -9.50
C GLU B 227 8.80 -10.13 -10.06
N THR B 228 7.64 -10.69 -9.72
CA THR B 228 6.37 -10.15 -10.22
C THR B 228 6.05 -8.83 -9.53
N ALA B 229 6.39 -8.69 -8.25
CA ALA B 229 6.26 -7.41 -7.58
C ALA B 229 7.17 -6.35 -8.21
N GLN B 230 8.43 -6.73 -8.49
CA GLN B 230 9.37 -5.80 -9.12
C GLN B 230 8.93 -5.41 -10.53
N ALA B 231 8.35 -6.36 -11.27
CA ALA B 231 7.83 -6.07 -12.59
C ALA B 231 6.61 -5.17 -12.53
N TYR B 232 5.81 -5.30 -11.46
CA TYR B 232 4.70 -4.36 -11.26
C TYR B 232 5.20 -2.95 -11.00
N GLU B 233 6.28 -2.81 -10.24
CA GLU B 233 6.84 -1.47 -10.03
C GLU B 233 7.48 -0.91 -11.29
N ASP B 234 8.12 -1.75 -12.11
CA ASP B 234 8.96 -1.20 -13.17
C ASP B 234 8.34 -1.23 -14.57
N ILE B 235 7.44 -2.17 -14.89
CA ILE B 235 6.80 -2.21 -16.21
C ILE B 235 5.30 -2.43 -16.02
N VAL B 236 4.59 -2.60 -17.14
CA VAL B 236 3.15 -2.80 -17.14
C VAL B 236 2.87 -4.28 -17.27
N THR B 237 2.07 -4.82 -16.34
CA THR B 237 1.81 -6.25 -16.23
C THR B 237 0.32 -6.53 -16.39
N ILE B 238 -0.03 -7.44 -17.29
CA ILE B 238 -1.41 -7.85 -17.52
C ILE B 238 -1.50 -9.36 -17.35
N SER B 239 -2.54 -9.83 -16.65
CA SER B 239 -2.74 -11.25 -16.37
C SER B 239 -4.10 -11.70 -16.85
N ILE B 240 -4.16 -12.92 -17.40
CA ILE B 240 -5.39 -13.55 -17.87
C ILE B 240 -5.54 -14.90 -17.19
N VAL B 241 -6.74 -15.20 -16.70
CA VAL B 241 -7.08 -16.48 -16.10
C VAL B 241 -8.14 -17.14 -16.98
N THR B 242 -7.89 -18.38 -17.41
CA THR B 242 -8.73 -19.04 -18.40
C THR B 242 -9.49 -20.25 -17.86
N CYS B 243 -8.82 -21.18 -17.18
CA CYS B 243 -9.54 -22.26 -16.51
C CYS B 243 -9.39 -22.26 -15.00
N ARG B 244 -8.17 -22.22 -14.47
CA ARG B 244 -8.00 -22.26 -13.03
C ARG B 244 -6.67 -21.62 -12.63
N ALA B 245 -6.67 -21.04 -11.43
CA ALA B 245 -5.45 -20.56 -10.79
C ALA B 245 -5.51 -20.97 -9.32
N ILE B 246 -4.64 -21.91 -8.93
CA ILE B 246 -4.65 -22.48 -7.59
C ILE B 246 -3.36 -22.10 -6.88
N GLY B 247 -3.49 -21.62 -5.65
CA GLY B 247 -2.35 -21.34 -4.79
C GLY B 247 -1.50 -20.16 -5.22
N ILE B 248 -0.19 -20.42 -5.34
CA ILE B 248 0.80 -19.36 -5.58
C ILE B 248 0.57 -18.65 -6.90
N GLY B 249 0.05 -19.37 -7.91
CA GLY B 249 -0.29 -18.75 -9.18
C GLY B 249 -1.31 -17.64 -9.04
N SER B 250 -2.29 -17.84 -8.15
CA SER B 250 -3.27 -16.81 -7.82
C SER B 250 -2.60 -15.55 -7.31
N TYR B 251 -1.57 -15.71 -6.47
CA TYR B 251 -0.85 -14.56 -5.94
C TYR B 251 -0.10 -13.82 -7.04
N ILE B 252 0.46 -14.59 -8.00
CA ILE B 252 1.10 -13.97 -9.17
C ILE B 252 0.08 -13.18 -9.95
N VAL B 253 -1.15 -13.70 -10.04
CA VAL B 253 -2.25 -13.01 -10.68
C VAL B 253 -2.53 -11.68 -9.98
N ARG B 254 -2.56 -11.70 -8.64
CA ARG B 254 -2.80 -10.46 -7.92
C ARG B 254 -1.56 -9.57 -7.97
N LEU B 255 -0.38 -10.17 -8.15
CA LEU B 255 0.81 -9.34 -8.28
C LEU B 255 0.91 -8.74 -9.68
N GLY B 256 0.03 -9.15 -10.61
CA GLY B 256 -0.08 -8.45 -11.87
C GLY B 256 -0.89 -7.17 -11.76
N HIS B 257 -1.92 -7.19 -10.91
CA HIS B 257 -2.88 -6.14 -10.55
C HIS B 257 -3.85 -5.78 -11.70
N ARG B 258 -3.71 -6.38 -12.88
CA ARG B 258 -4.63 -6.15 -14.00
C ARG B 258 -5.07 -7.52 -14.51
N VAL B 259 -6.29 -7.91 -14.19
CA VAL B 259 -6.74 -9.30 -14.30
C VAL B 259 -7.94 -9.37 -15.24
N ILE B 260 -7.86 -10.24 -16.23
CA ILE B 260 -8.98 -10.59 -17.10
C ILE B 260 -9.33 -12.04 -16.87
N GLN B 261 -10.58 -12.30 -16.48
CA GLN B 261 -11.04 -13.62 -16.07
C GLN B 261 -12.07 -14.14 -17.07
N VAL B 262 -11.88 -15.38 -17.54
CA VAL B 262 -12.94 -16.00 -18.33
C VAL B 262 -14.08 -16.44 -17.41
N GLU B 263 -15.30 -16.49 -17.95
CA GLU B 263 -16.49 -16.72 -17.15
C GLU B 263 -16.53 -18.11 -16.53
N SER B 264 -15.78 -19.07 -17.07
CA SER B 264 -15.70 -20.41 -16.48
C SER B 264 -14.48 -20.60 -15.59
N SER B 265 -13.71 -19.54 -15.32
CA SER B 265 -12.50 -19.66 -14.53
C SER B 265 -12.81 -19.70 -13.04
N TYR B 266 -11.78 -20.01 -12.27
CA TYR B 266 -11.82 -19.82 -10.82
C TYR B 266 -10.42 -19.54 -10.29
N ILE B 267 -10.33 -18.60 -9.37
CA ILE B 267 -9.06 -18.23 -8.72
C ILE B 267 -9.20 -18.59 -7.24
N ILE B 268 -8.61 -19.71 -6.83
CA ILE B 268 -8.78 -20.23 -5.47
C ILE B 268 -7.41 -20.38 -4.82
N LEU B 269 -7.42 -20.52 -3.50
CA LEU B 269 -6.22 -20.86 -2.72
C LEU B 269 -6.27 -22.28 -2.17
N THR B 270 -7.43 -22.72 -1.69
CA THR B 270 -7.63 -24.06 -1.16
C THR B 270 -8.87 -24.65 -1.80
N GLY B 271 -8.78 -25.93 -2.22
CA GLY B 271 -9.88 -26.58 -2.88
C GLY B 271 -11.06 -26.85 -1.96
N TYR B 272 -12.18 -27.25 -2.56
CA TYR B 272 -13.42 -27.39 -1.79
C TYR B 272 -13.40 -28.65 -0.93
N ALA B 273 -12.76 -29.72 -1.41
CA ALA B 273 -12.71 -30.97 -0.66
C ALA B 273 -11.90 -30.83 0.63
N ALA B 274 -10.80 -30.08 0.57
CA ALA B 274 -10.00 -29.85 1.77
C ALA B 274 -10.75 -29.02 2.79
N LEU B 275 -11.51 -28.03 2.34
CA LEU B 275 -12.29 -27.20 3.26
C LEU B 275 -13.44 -27.99 3.87
N ASN B 276 -14.06 -28.89 3.10
CA ASN B 276 -15.08 -29.76 3.68
C ASN B 276 -14.48 -30.77 4.66
N LYS B 277 -13.25 -31.20 4.41
CA LYS B 277 -12.59 -32.11 5.35
C LYS B 277 -12.21 -31.40 6.64
N VAL B 278 -11.84 -30.13 6.56
CA VAL B 278 -11.58 -29.33 7.77
C VAL B 278 -12.89 -29.07 8.52
N LEU B 279 -13.94 -28.63 7.82
CA LEU B 279 -15.19 -28.28 8.49
C LEU B 279 -16.00 -29.51 8.86
N GLY B 280 -15.69 -30.67 8.30
CA GLY B 280 -16.30 -31.92 8.71
C GLY B 280 -17.57 -32.29 7.98
N ARG B 281 -18.21 -31.36 7.29
CA ARG B 281 -19.43 -31.63 6.55
C ARG B 281 -19.30 -31.06 5.14
N ALA B 282 -20.25 -31.41 4.28
CA ALA B 282 -20.25 -30.96 2.89
C ALA B 282 -20.76 -29.53 2.83
N VAL B 283 -19.85 -28.59 3.09
CA VAL B 283 -20.21 -27.17 3.05
C VAL B 283 -20.24 -26.67 1.62
N TYR B 284 -19.19 -26.95 0.85
CA TYR B 284 -19.03 -26.43 -0.50
C TYR B 284 -19.17 -27.56 -1.51
N ALA B 285 -19.76 -27.24 -2.67
CA ALA B 285 -19.99 -28.21 -3.73
C ALA B 285 -19.19 -27.92 -4.99
N SER B 286 -18.50 -26.78 -5.06
CA SER B 286 -17.73 -26.42 -6.23
C SER B 286 -16.65 -25.43 -5.83
N ASN B 287 -15.65 -25.29 -6.71
CA ASN B 287 -14.63 -24.26 -6.55
C ASN B 287 -15.06 -22.92 -7.11
N ASN B 288 -16.18 -22.88 -7.86
CA ASN B 288 -16.67 -21.61 -8.37
C ASN B 288 -17.29 -20.77 -7.26
N GLN B 289 -17.75 -21.42 -6.20
CA GLN B 289 -18.23 -20.70 -5.02
C GLN B 289 -17.08 -20.00 -4.31
N LEU B 290 -15.91 -20.65 -4.24
CA LEU B 290 -14.78 -20.05 -3.55
C LEU B 290 -14.06 -19.02 -4.42
N GLY B 291 -13.98 -19.25 -5.74
CA GLY B 291 -13.14 -18.40 -6.54
C GLY B 291 -13.64 -17.97 -7.91
N GLY B 292 -14.94 -18.06 -8.15
CA GLY B 292 -15.50 -17.79 -9.46
C GLY B 292 -15.60 -16.31 -9.77
N VAL B 293 -16.32 -16.03 -10.85
CA VAL B 293 -16.50 -14.66 -11.33
C VAL B 293 -17.35 -13.85 -10.33
N GLN B 294 -18.34 -14.50 -9.73
CA GLN B 294 -19.27 -13.81 -8.83
C GLN B 294 -18.59 -13.39 -7.53
N VAL B 295 -17.43 -13.96 -7.22
CA VAL B 295 -16.67 -13.52 -6.06
C VAL B 295 -15.61 -12.50 -6.47
N MET B 296 -14.77 -12.85 -7.44
CA MET B 296 -13.59 -12.04 -7.74
C MET B 296 -13.92 -10.80 -8.53
N HIS B 297 -14.97 -10.83 -9.35
CA HIS B 297 -15.34 -9.63 -10.09
C HIS B 297 -16.07 -8.66 -9.17
N HIS B 298 -16.68 -9.19 -8.11
CA HIS B 298 -17.40 -8.37 -7.14
C HIS B 298 -16.56 -7.92 -5.96
N ASN B 299 -15.36 -8.47 -5.74
CA ASN B 299 -14.48 -7.93 -4.72
C ASN B 299 -13.33 -7.09 -5.27
N GLY B 300 -13.02 -7.20 -6.57
CA GLY B 300 -12.04 -6.35 -7.20
C GLY B 300 -10.74 -7.01 -7.59
N VAL B 301 -10.57 -8.31 -7.34
CA VAL B 301 -9.37 -9.00 -7.81
C VAL B 301 -9.38 -9.12 -9.33
N SER B 302 -10.49 -9.56 -9.90
CA SER B 302 -10.66 -9.62 -11.35
C SER B 302 -11.15 -8.26 -11.82
N HIS B 303 -10.36 -7.59 -12.66
CA HIS B 303 -10.79 -6.31 -13.19
C HIS B 303 -11.90 -6.49 -14.22
N ALA B 304 -11.62 -7.19 -15.31
CA ALA B 304 -12.62 -7.38 -16.36
C ALA B 304 -12.91 -8.86 -16.50
N VAL B 305 -14.09 -9.16 -17.03
CA VAL B 305 -14.54 -10.51 -17.31
C VAL B 305 -14.80 -10.63 -18.82
N ALA B 306 -14.42 -11.76 -19.40
CA ALA B 306 -14.58 -12.00 -20.82
C ALA B 306 -15.24 -13.35 -21.05
N PRO B 307 -16.06 -13.48 -22.09
CA PRO B 307 -16.73 -14.77 -22.32
C PRO B 307 -15.82 -15.88 -22.82
N SER B 308 -14.71 -15.55 -23.48
CA SER B 308 -13.81 -16.56 -24.04
C SER B 308 -12.38 -16.05 -24.00
N ASP B 309 -11.45 -16.90 -24.46
CA ASP B 309 -10.04 -16.53 -24.49
C ASP B 309 -9.77 -15.48 -25.56
N LEU B 310 -10.47 -15.58 -26.69
CA LEU B 310 -10.34 -14.61 -27.78
C LEU B 310 -10.79 -13.22 -27.33
N GLU B 311 -11.89 -13.15 -26.59
CA GLU B 311 -12.36 -11.88 -26.07
C GLU B 311 -11.45 -11.34 -24.99
N ALA B 312 -10.81 -12.22 -24.22
CA ALA B 312 -9.82 -11.79 -23.23
C ALA B 312 -8.59 -11.21 -23.91
N VAL B 313 -8.18 -11.78 -25.04
CA VAL B 313 -7.06 -11.23 -25.82
C VAL B 313 -7.45 -9.87 -26.39
N ARG B 314 -8.71 -9.72 -26.83
CA ARG B 314 -9.18 -8.42 -27.31
C ARG B 314 -9.16 -7.37 -26.20
N THR B 315 -9.59 -7.75 -24.99
CA THR B 315 -9.58 -6.83 -23.86
C THR B 315 -8.15 -6.47 -23.44
N ALA B 316 -7.24 -7.45 -23.51
CA ALA B 316 -5.83 -7.20 -23.19
C ALA B 316 -5.19 -6.25 -24.18
N LEU B 317 -5.49 -6.39 -25.47
CA LEU B 317 -4.95 -5.45 -26.44
C LEU B 317 -5.63 -4.08 -26.36
N ARG B 318 -6.90 -4.05 -25.93
CA ARG B 318 -7.56 -2.77 -25.66
C ARG B 318 -6.89 -2.02 -24.53
N TRP B 319 -6.53 -2.73 -23.45
CA TRP B 319 -5.80 -2.11 -22.35
C TRP B 319 -4.39 -1.73 -22.76
N LEU B 320 -3.79 -2.53 -23.65
CA LEU B 320 -2.43 -2.26 -24.09
C LEU B 320 -2.37 -1.08 -25.06
N ALA B 321 -3.48 -0.76 -25.72
CA ALA B 321 -3.50 0.35 -26.66
C ALA B 321 -3.33 1.70 -25.96
N PHE B 322 -3.73 1.80 -24.69
CA PHE B 322 -3.61 3.06 -23.97
C PHE B 322 -2.18 3.33 -23.54
N VAL B 323 -1.44 2.28 -23.16
CA VAL B 323 -0.14 2.46 -22.51
C VAL B 323 0.93 2.71 -23.57
N PRO B 324 2.04 3.38 -23.23
CA PRO B 324 3.13 3.57 -24.19
C PRO B 324 3.84 2.26 -24.52
N LYS B 325 4.59 2.28 -25.63
CA LYS B 325 5.22 1.05 -26.11
C LYS B 325 6.36 0.60 -25.20
N ASP B 326 7.08 1.56 -24.59
CA ASP B 326 8.06 1.24 -23.56
C ASP B 326 8.12 2.40 -22.57
N LYS B 327 8.95 2.23 -21.54
CA LYS B 327 9.00 3.20 -20.46
C LYS B 327 9.75 4.47 -20.84
N LEU B 328 10.43 4.49 -21.99
CA LEU B 328 11.13 5.68 -22.44
C LEU B 328 10.33 6.51 -23.45
N SER B 329 9.06 6.19 -23.70
CA SER B 329 8.30 6.85 -24.75
C SER B 329 7.03 7.48 -24.20
N THR B 330 6.43 8.31 -25.05
CA THR B 330 5.20 9.05 -24.78
C THR B 330 4.00 8.20 -25.20
N VAL B 331 2.85 8.45 -24.58
CA VAL B 331 1.60 7.69 -24.77
C VAL B 331 1.12 7.74 -26.22
N PRO B 332 0.50 6.68 -26.72
CA PRO B 332 0.05 6.66 -28.12
C PRO B 332 -1.13 7.61 -28.35
N ILE B 333 -0.92 8.60 -29.20
CA ILE B 333 -1.93 9.59 -29.54
C ILE B 333 -2.41 9.30 -30.95
N LEU B 334 -3.69 8.94 -31.07
CA LEU B 334 -4.28 8.62 -32.35
C LEU B 334 -4.70 9.89 -33.08
N ARG B 335 -5.28 9.72 -34.26
CA ARG B 335 -5.74 10.86 -35.02
C ARG B 335 -7.09 11.33 -34.49
N VAL B 336 -7.43 12.58 -34.83
CA VAL B 336 -8.65 13.21 -34.36
C VAL B 336 -9.78 12.74 -35.26
N SER B 337 -10.55 11.76 -34.77
CA SER B 337 -11.72 11.31 -35.52
C SER B 337 -12.95 12.13 -35.14
N ASP B 338 -13.24 12.25 -33.84
CA ASP B 338 -14.30 13.10 -33.32
C ASP B 338 -13.77 14.49 -33.08
N PRO B 339 -14.41 15.54 -33.62
CA PRO B 339 -13.85 16.89 -33.55
C PRO B 339 -13.77 17.42 -32.13
N VAL B 340 -12.63 18.05 -31.82
CA VAL B 340 -12.43 18.62 -30.49
C VAL B 340 -13.20 19.92 -30.31
N ASP B 341 -13.66 20.53 -31.40
CA ASP B 341 -14.41 21.78 -31.33
C ASP B 341 -15.90 21.57 -31.17
N ARG B 342 -16.35 20.33 -31.02
CA ARG B 342 -17.78 20.07 -30.89
C ARG B 342 -18.27 20.47 -29.50
N PRO B 343 -19.54 20.87 -29.38
CA PRO B 343 -20.10 21.14 -28.04
C PRO B 343 -20.30 19.86 -27.25
N VAL B 344 -20.15 19.98 -25.93
CA VAL B 344 -20.56 18.92 -25.01
C VAL B 344 -22.00 19.22 -24.60
N GLU B 345 -22.95 18.45 -25.12
CA GLU B 345 -24.35 18.82 -25.05
C GLU B 345 -25.15 18.01 -24.03
N TRP B 346 -24.54 17.06 -23.33
CA TRP B 346 -25.23 16.35 -22.25
C TRP B 346 -24.85 17.04 -20.95
N LYS B 347 -25.75 17.88 -20.45
CA LYS B 347 -25.39 18.55 -19.21
C LYS B 347 -25.77 17.70 -18.02
N PRO B 348 -24.90 17.59 -17.02
CA PRO B 348 -25.22 16.84 -15.80
C PRO B 348 -26.31 17.54 -15.02
N PRO B 349 -27.44 16.89 -14.79
CA PRO B 349 -28.53 17.52 -14.05
C PRO B 349 -28.27 17.53 -12.55
N ARG B 350 -29.08 18.33 -11.84
CA ARG B 350 -28.97 18.40 -10.39
C ARG B 350 -29.50 17.12 -9.72
N ALA B 351 -30.47 16.47 -10.34
CA ALA B 351 -31.05 15.25 -9.79
C ALA B 351 -30.11 14.07 -9.98
N ALA B 352 -30.53 12.92 -9.46
CA ALA B 352 -29.74 11.70 -9.59
C ALA B 352 -29.74 11.21 -11.03
N HIS B 353 -28.56 10.83 -11.51
CA HIS B 353 -28.39 10.48 -12.91
C HIS B 353 -27.28 9.44 -13.05
N ASP B 354 -27.06 9.01 -14.29
CA ASP B 354 -25.96 8.10 -14.59
C ASP B 354 -24.74 8.88 -15.06
N PRO B 355 -23.62 8.83 -14.34
CA PRO B 355 -22.42 9.55 -14.77
C PRO B 355 -21.78 9.01 -16.03
N ARG B 356 -22.11 7.78 -16.42
CA ARG B 356 -21.56 7.22 -17.64
C ARG B 356 -22.10 7.94 -18.87
N LEU B 357 -23.27 8.56 -18.76
CA LEU B 357 -23.90 9.21 -19.90
C LEU B 357 -23.23 10.54 -20.24
N MET B 358 -22.68 11.24 -19.23
CA MET B 358 -21.96 12.48 -19.55
C MET B 358 -20.59 12.18 -20.14
N LEU B 359 -20.08 10.97 -19.91
CA LEU B 359 -18.80 10.59 -20.48
C LEU B 359 -18.97 9.99 -21.87
N ALA B 360 -20.07 9.27 -22.11
CA ALA B 360 -20.28 8.59 -23.38
C ALA B 360 -21.35 9.26 -24.25
N GLY B 361 -22.55 9.43 -23.73
CA GLY B 361 -23.67 9.91 -24.51
C GLY B 361 -24.85 8.96 -24.48
N ASP B 362 -25.97 9.43 -25.04
CA ASP B 362 -27.23 8.69 -25.01
C ASP B 362 -27.88 8.70 -26.40
N ALA B 363 -27.06 8.43 -27.43
CA ALA B 363 -27.46 8.32 -28.85
C ALA B 363 -27.99 9.65 -29.41
N ALA B 364 -27.74 10.72 -28.68
CA ALA B 364 -27.99 12.13 -28.97
C ALA B 364 -27.37 12.85 -27.79
N ARG B 365 -27.15 14.16 -27.89
CA ARG B 365 -26.56 14.99 -26.84
C ARG B 365 -25.19 14.44 -26.41
N ALA B 366 -24.24 14.57 -27.32
CA ALA B 366 -22.93 13.95 -27.19
C ALA B 366 -22.16 14.47 -25.98
N GLY B 367 -21.43 13.57 -25.34
CA GLY B 367 -20.85 13.83 -24.04
C GLY B 367 -19.44 14.38 -24.12
N PHE B 368 -18.68 14.10 -23.05
CA PHE B 368 -17.36 14.70 -22.89
C PHE B 368 -16.33 14.03 -23.79
N PHE B 369 -16.12 12.74 -23.62
CA PHE B 369 -15.03 12.05 -24.28
C PHE B 369 -15.42 11.64 -25.70
N ASP B 370 -14.54 10.87 -26.34
CA ASP B 370 -14.77 10.42 -27.70
C ASP B 370 -15.91 9.41 -27.74
N VAL B 371 -16.54 9.29 -28.90
CA VAL B 371 -17.65 8.37 -29.08
C VAL B 371 -17.12 6.94 -29.13
N GLY B 372 -17.47 6.13 -28.14
CA GLY B 372 -17.08 4.74 -28.09
C GLY B 372 -15.72 4.47 -27.46
N SER B 373 -15.05 5.50 -26.95
CA SER B 373 -13.69 5.31 -26.42
C SER B 373 -13.72 4.82 -24.98
N PHE B 374 -14.88 4.90 -24.32
CA PHE B 374 -14.94 4.61 -22.89
C PHE B 374 -14.85 3.11 -22.61
N ASP B 375 -13.95 2.76 -21.69
CA ASP B 375 -13.84 1.40 -21.15
C ASP B 375 -13.71 1.49 -19.64
N GLU B 376 -14.65 0.89 -18.93
CA GLU B 376 -14.62 0.84 -17.47
C GLU B 376 -14.14 -0.54 -17.03
N ILE B 377 -13.45 -0.57 -15.89
CA ILE B 377 -12.83 -1.83 -15.48
C ILE B 377 -13.59 -2.53 -14.34
N MET B 378 -13.67 -1.94 -13.15
CA MET B 378 -14.34 -2.61 -12.04
C MET B 378 -15.77 -2.08 -11.89
N GLN B 379 -16.68 -2.73 -12.61
CA GLN B 379 -18.07 -2.28 -12.60
C GLN B 379 -18.85 -2.72 -11.35
N PRO B 380 -18.94 -4.00 -10.96
CA PRO B 380 -19.84 -4.34 -9.84
C PRO B 380 -19.23 -4.19 -8.45
N TRP B 381 -17.99 -3.74 -8.32
CA TRP B 381 -17.36 -3.52 -7.03
C TRP B 381 -17.23 -2.03 -6.75
N ALA B 382 -17.74 -1.62 -5.59
CA ALA B 382 -17.67 -0.25 -5.08
C ALA B 382 -18.24 0.75 -6.08
N GLN B 383 -19.54 0.59 -6.36
CA GLN B 383 -20.17 1.27 -7.48
C GLN B 383 -20.41 2.76 -7.23
N THR B 384 -20.07 3.27 -6.05
CA THR B 384 -20.05 4.71 -5.82
C THR B 384 -19.06 5.41 -6.74
N VAL B 385 -17.86 4.84 -6.93
CA VAL B 385 -16.83 5.41 -7.77
C VAL B 385 -16.79 4.64 -9.09
N ILE B 386 -16.82 5.37 -10.19
CA ILE B 386 -16.71 4.82 -11.54
C ILE B 386 -15.29 5.07 -12.02
N THR B 387 -14.54 4.00 -12.28
CA THR B 387 -13.15 4.09 -12.69
C THR B 387 -13.00 3.45 -14.06
N GLY B 388 -12.27 4.10 -14.95
CA GLY B 388 -12.12 3.55 -16.29
C GLY B 388 -11.05 4.27 -17.09
N ARG B 389 -10.98 3.93 -18.37
CA ARG B 389 -10.05 4.52 -19.32
C ARG B 389 -10.81 5.00 -20.54
N ALA B 390 -10.40 6.14 -21.10
CA ALA B 390 -11.05 6.72 -22.26
C ALA B 390 -10.01 7.47 -23.09
N ARG B 391 -10.47 8.15 -24.13
CA ARG B 391 -9.60 8.97 -24.98
C ARG B 391 -10.22 10.33 -25.22
N LEU B 392 -9.38 11.36 -25.15
CA LEU B 392 -9.76 12.73 -25.43
C LEU B 392 -8.88 13.25 -26.56
N GLY B 393 -9.47 13.43 -27.74
CA GLY B 393 -8.74 13.90 -28.91
C GLY B 393 -7.65 12.95 -29.38
N GLY B 394 -7.76 11.67 -29.04
CA GLY B 394 -6.70 10.72 -29.28
C GLY B 394 -5.78 10.45 -28.11
N ILE B 395 -5.85 11.24 -27.04
CA ILE B 395 -4.95 11.10 -25.89
C ILE B 395 -5.59 10.16 -24.87
N PRO B 396 -4.86 9.14 -24.41
CA PRO B 396 -5.41 8.26 -23.36
C PRO B 396 -5.53 8.96 -22.02
N VAL B 397 -6.69 8.81 -21.38
CA VAL B 397 -7.02 9.46 -20.12
C VAL B 397 -7.60 8.42 -19.16
N GLY B 398 -7.10 8.41 -17.92
CA GLY B 398 -7.74 7.68 -16.84
C GLY B 398 -8.84 8.52 -16.20
N VAL B 399 -9.97 7.88 -15.91
CA VAL B 399 -11.22 8.57 -15.58
C VAL B 399 -11.72 8.07 -14.24
N ILE B 400 -12.04 9.01 -13.33
CA ILE B 400 -12.68 8.73 -12.05
C ILE B 400 -13.89 9.65 -11.92
N ALA B 401 -15.06 9.06 -11.65
CA ALA B 401 -16.31 9.80 -11.51
C ALA B 401 -17.11 9.23 -10.33
N VAL B 402 -18.19 9.91 -9.97
CA VAL B 402 -18.98 9.59 -8.78
C VAL B 402 -20.42 9.36 -9.17
N GLU B 403 -20.95 8.18 -8.84
CA GLU B 403 -22.37 7.92 -9.08
C GLU B 403 -23.22 8.66 -8.05
N THR B 404 -24.26 9.34 -8.54
CA THR B 404 -25.15 10.13 -7.69
C THR B 404 -26.44 9.41 -7.33
N ARG B 405 -26.49 8.10 -7.47
CA ARG B 405 -27.67 7.32 -7.14
C ARG B 405 -27.33 6.33 -6.02
N THR B 406 -28.35 5.97 -5.25
CA THR B 406 -28.18 5.01 -4.15
C THR B 406 -27.90 3.62 -4.69
N VAL B 407 -26.93 2.95 -4.07
CA VAL B 407 -26.45 1.65 -4.54
C VAL B 407 -26.91 0.58 -3.56
N GLU B 408 -27.57 -0.44 -4.08
CA GLU B 408 -27.98 -1.59 -3.29
C GLU B 408 -26.91 -2.67 -3.37
N LEU B 409 -26.34 -3.03 -2.22
CA LEU B 409 -25.27 -4.01 -2.14
C LEU B 409 -25.79 -5.25 -1.42
N THR B 410 -25.71 -6.39 -2.08
CA THR B 410 -26.19 -7.64 -1.51
C THR B 410 -25.00 -8.45 -1.00
N GLN B 411 -24.94 -8.64 0.32
CA GLN B 411 -23.91 -9.46 0.92
C GLN B 411 -24.43 -10.88 1.07
N PRO B 412 -23.80 -11.86 0.44
CA PRO B 412 -24.33 -13.23 0.45
C PRO B 412 -24.05 -13.93 1.77
N ALA B 413 -24.75 -15.04 1.96
CA ALA B 413 -24.61 -15.83 3.17
C ALA B 413 -23.33 -16.66 3.14
N ASP B 414 -22.82 -16.96 4.33
CA ASP B 414 -21.66 -17.83 4.47
C ASP B 414 -22.13 -19.25 4.70
N PRO B 415 -21.81 -20.21 3.83
CA PRO B 415 -22.32 -21.57 4.00
C PRO B 415 -21.72 -22.30 5.20
N ALA B 416 -20.58 -21.84 5.73
CA ALA B 416 -19.98 -22.49 6.89
C ALA B 416 -20.80 -22.25 8.15
N ASN B 417 -21.31 -21.03 8.32
CA ASN B 417 -22.11 -20.68 9.50
C ASN B 417 -23.58 -20.87 9.17
N LEU B 418 -24.28 -21.64 10.01
CA LEU B 418 -25.68 -21.96 9.74
C LEU B 418 -26.57 -20.76 9.99
N ASP B 419 -26.19 -19.88 10.92
CA ASP B 419 -27.07 -18.77 11.30
C ASP B 419 -26.95 -17.59 10.34
N SER B 420 -25.99 -17.62 9.42
CA SER B 420 -25.74 -16.49 8.53
C SER B 420 -26.84 -16.36 7.49
N GLU B 421 -27.23 -15.12 7.20
CA GLU B 421 -28.22 -14.81 6.18
C GLU B 421 -27.70 -13.68 5.30
N ALA B 422 -28.25 -13.59 4.10
CA ALA B 422 -27.87 -12.52 3.18
C ALA B 422 -28.43 -11.19 3.65
N LYS B 423 -27.76 -10.10 3.26
CA LYS B 423 -28.13 -8.78 3.72
C LYS B 423 -28.17 -7.81 2.55
N THR B 424 -29.00 -6.77 2.70
CA THR B 424 -29.11 -5.70 1.73
C THR B 424 -28.65 -4.40 2.40
N LEU B 425 -27.68 -3.73 1.79
CA LEU B 425 -27.11 -2.50 2.31
C LEU B 425 -27.36 -1.38 1.32
N GLN B 426 -27.83 -0.23 1.81
CA GLN B 426 -28.02 0.95 0.98
C GLN B 426 -26.80 1.85 1.16
N GLN B 427 -26.16 2.21 0.04
CA GLN B 427 -24.99 3.07 0.07
C GLN B 427 -25.31 4.37 -0.65
N ALA B 428 -24.99 5.49 -0.01
CA ALA B 428 -25.30 6.81 -0.55
C ALA B 428 -24.42 7.12 -1.77
N GLY B 429 -24.81 8.17 -2.48
CA GLY B 429 -24.19 8.43 -3.77
C GLY B 429 -22.82 9.06 -3.68
N GLN B 430 -22.73 10.20 -3.01
CA GLN B 430 -21.55 11.06 -3.08
C GLN B 430 -20.63 10.90 -1.88
N VAL B 431 -20.52 9.69 -1.34
CA VAL B 431 -19.74 9.43 -0.13
C VAL B 431 -18.73 8.32 -0.40
N TRP B 432 -17.45 8.62 -0.19
CA TRP B 432 -16.42 7.60 0.01
C TRP B 432 -16.72 6.70 1.19
N PHE B 433 -16.63 5.40 0.90
CA PHE B 433 -16.76 4.29 1.82
C PHE B 433 -15.40 3.62 1.82
N PRO B 434 -15.17 2.59 2.67
CA PRO B 434 -13.88 1.87 2.58
C PRO B 434 -13.59 1.24 1.22
N ASP B 435 -14.58 0.56 0.63
CA ASP B 435 -14.40 -0.06 -0.68
C ASP B 435 -14.21 0.96 -1.78
N SER B 436 -14.97 2.07 -1.75
CA SER B 436 -14.86 3.10 -2.77
C SER B 436 -13.52 3.83 -2.71
N ALA B 437 -13.05 4.14 -1.50
CA ALA B 437 -11.74 4.80 -1.35
C ALA B 437 -10.61 3.88 -1.76
N TYR B 438 -10.73 2.59 -1.42
CA TYR B 438 -9.68 1.64 -1.80
C TYR B 438 -9.66 1.41 -3.31
N LYS B 439 -10.85 1.43 -3.93
CA LYS B 439 -10.95 1.39 -5.39
C LYS B 439 -10.31 2.60 -6.04
N THR B 440 -10.53 3.79 -5.47
CA THR B 440 -9.95 5.01 -6.03
C THR B 440 -8.43 4.99 -5.93
N ALA B 441 -7.90 4.54 -4.78
CA ALA B 441 -6.44 4.44 -4.62
C ALA B 441 -5.84 3.41 -5.56
N GLN B 442 -6.52 2.27 -5.74
CA GLN B 442 -6.06 1.24 -6.67
C GLN B 442 -6.04 1.76 -8.11
N ALA B 443 -7.07 2.52 -8.49
CA ALA B 443 -7.13 3.09 -9.84
C ALA B 443 -6.03 4.12 -10.08
N ILE B 444 -5.76 4.98 -9.09
CA ILE B 444 -4.70 5.99 -9.24
C ILE B 444 -3.33 5.32 -9.32
N ASN B 445 -3.12 4.26 -8.54
CA ASN B 445 -1.87 3.50 -8.62
C ASN B 445 -1.68 2.85 -9.99
N ASP B 446 -2.74 2.19 -10.49
CA ASP B 446 -2.63 1.49 -11.77
C ASP B 446 -2.48 2.46 -12.93
N PHE B 447 -3.08 3.64 -12.85
CA PHE B 447 -2.88 4.63 -13.91
C PHE B 447 -1.52 5.30 -13.79
N SER B 448 -0.97 5.38 -12.57
CA SER B 448 0.33 6.01 -12.39
C SER B 448 1.47 5.13 -12.86
N ARG B 449 1.31 3.80 -12.77
CA ARG B 449 2.35 2.91 -13.27
C ARG B 449 2.41 2.92 -14.80
N GLU B 450 1.30 3.22 -15.45
CA GLU B 450 1.23 3.22 -16.91
C GLU B 450 1.49 4.59 -17.53
N ASN B 451 1.79 5.60 -16.71
CA ASN B 451 2.04 6.99 -17.14
C ASN B 451 0.87 7.58 -17.92
N LEU B 452 -0.35 7.24 -17.49
CA LEU B 452 -1.54 7.79 -18.13
C LEU B 452 -2.01 9.03 -17.39
N PRO B 453 -2.35 10.09 -18.14
CA PRO B 453 -3.00 11.24 -17.51
C PRO B 453 -4.34 10.87 -16.89
N ILE B 454 -4.62 11.44 -15.72
CA ILE B 454 -5.84 11.16 -14.97
C ILE B 454 -6.67 12.43 -14.94
N MET B 455 -7.95 12.30 -15.31
CA MET B 455 -8.92 13.36 -15.09
C MET B 455 -9.96 12.86 -14.09
N ILE B 456 -10.13 13.61 -13.01
CA ILE B 456 -11.04 13.28 -11.92
C ILE B 456 -12.22 14.22 -11.99
N PHE B 457 -13.43 13.67 -11.89
CA PHE B 457 -14.65 14.46 -11.81
C PHE B 457 -15.14 14.44 -10.38
N ALA B 458 -15.05 15.58 -9.70
CA ALA B 458 -15.11 15.65 -8.25
C ALA B 458 -16.51 16.04 -7.80
N ASN B 459 -17.25 15.08 -7.24
CA ASN B 459 -18.53 15.33 -6.61
C ASN B 459 -18.59 14.49 -5.32
N TRP B 460 -18.08 15.05 -4.22
CA TRP B 460 -18.14 14.36 -2.93
C TRP B 460 -18.57 15.33 -1.84
N ARG B 461 -19.38 14.85 -0.91
CA ARG B 461 -19.73 15.60 0.28
C ARG B 461 -18.92 15.21 1.50
N GLY B 462 -18.02 14.24 1.37
CA GLY B 462 -17.13 13.91 2.46
C GLY B 462 -16.89 12.41 2.54
N PHE B 463 -16.48 11.97 3.73
CA PHE B 463 -16.24 10.57 4.03
C PHE B 463 -17.41 10.01 4.82
N SER B 464 -17.46 8.69 4.94
CA SER B 464 -18.42 8.06 5.84
C SER B 464 -17.83 7.99 7.25
N GLY B 465 -18.62 8.42 8.22
CA GLY B 465 -18.10 8.55 9.58
C GLY B 465 -18.91 7.84 10.65
N GLY B 466 -19.76 6.90 10.26
CA GLY B 466 -20.51 6.13 11.23
C GLY B 466 -19.63 5.11 11.93
N GLN B 467 -20.21 4.47 12.95
CA GLN B 467 -19.47 3.55 13.81
C GLN B 467 -19.01 2.32 13.03
N LYS B 468 -19.86 1.80 12.15
CA LYS B 468 -19.52 0.62 11.35
C LYS B 468 -18.38 0.91 10.37
N ASP B 469 -18.41 2.07 9.73
CA ASP B 469 -17.34 2.43 8.80
C ASP B 469 -16.07 2.84 9.52
N MET B 470 -16.18 3.33 10.76
CA MET B 470 -14.98 3.57 11.56
C MET B 470 -14.35 2.26 12.00
N TYR B 471 -15.16 1.25 12.31
CA TYR B 471 -14.62 -0.06 12.62
C TYR B 471 -14.07 -0.76 11.38
N GLU B 472 -14.55 -0.38 10.19
CA GLU B 472 -14.09 -0.95 8.94
C GLU B 472 -12.98 -0.13 8.29
N GLN B 473 -12.26 0.67 9.09
CA GLN B 473 -11.01 1.34 8.71
C GLN B 473 -11.18 2.32 7.55
N ILE B 474 -12.00 3.35 7.77
CA ILE B 474 -12.18 4.38 6.76
C ILE B 474 -10.94 5.28 6.65
N LEU B 475 -10.24 5.50 7.77
CA LEU B 475 -9.06 6.37 7.76
C LEU B 475 -7.91 5.75 6.99
N LYS B 476 -7.76 4.42 7.12
CA LYS B 476 -6.69 3.69 6.45
C LYS B 476 -6.81 3.78 4.94
N PHE B 477 -8.04 3.69 4.43
CA PHE B 477 -8.22 3.74 2.98
C PHE B 477 -8.39 5.17 2.49
N GLY B 478 -8.68 6.10 3.40
CA GLY B 478 -8.69 7.50 3.02
C GLY B 478 -7.30 8.07 2.87
N ALA B 479 -6.34 7.55 3.63
CA ALA B 479 -4.96 8.02 3.49
C ALA B 479 -4.30 7.49 2.22
N GLU B 480 -4.77 6.35 1.71
CA GLU B 480 -4.15 5.74 0.54
C GLU B 480 -4.39 6.55 -0.73
N ILE B 481 -5.48 7.31 -0.80
CA ILE B 481 -5.70 8.20 -1.93
C ILE B 481 -4.67 9.33 -1.92
N VAL B 482 -4.34 9.84 -0.74
CA VAL B 482 -3.33 10.88 -0.61
C VAL B 482 -1.96 10.34 -1.00
N ARG B 483 -1.63 9.12 -0.55
CA ARG B 483 -0.35 8.51 -0.93
C ARG B 483 -0.27 8.22 -2.43
N ALA B 484 -1.37 7.75 -3.02
CA ALA B 484 -1.41 7.45 -4.46
C ALA B 484 -1.31 8.72 -5.29
N LEU B 485 -1.95 9.80 -4.84
CA LEU B 485 -1.83 11.08 -5.55
C LEU B 485 -0.43 11.67 -5.38
N ARG B 486 0.21 11.40 -4.24
CA ARG B 486 1.58 11.84 -4.03
C ARG B 486 2.57 11.08 -4.90
N GLY B 487 2.29 9.81 -5.22
CA GLY B 487 3.17 9.06 -6.09
C GLY B 487 2.82 9.12 -7.56
N ALA B 488 2.25 10.24 -8.01
CA ALA B 488 1.81 10.35 -9.40
C ALA B 488 2.98 10.58 -10.34
N THR B 489 2.93 9.94 -11.50
CA THR B 489 3.94 10.10 -12.55
C THR B 489 3.38 10.70 -13.82
N ALA B 490 2.25 11.40 -13.74
CA ALA B 490 1.54 11.89 -14.91
C ALA B 490 0.73 13.11 -14.48
N PRO B 491 0.33 13.97 -15.43
CA PRO B 491 -0.56 15.09 -15.08
C PRO B 491 -1.92 14.63 -14.59
N VAL B 492 -2.37 15.25 -13.50
CA VAL B 492 -3.67 14.96 -12.90
C VAL B 492 -4.50 16.24 -12.96
N LEU B 493 -5.68 16.14 -13.56
CA LEU B 493 -6.59 17.27 -13.71
C LEU B 493 -7.89 16.96 -13.00
N VAL B 494 -8.21 17.74 -11.97
CA VAL B 494 -9.46 17.61 -11.22
C VAL B 494 -10.40 18.69 -11.74
N TYR B 495 -11.63 18.29 -12.05
CA TYR B 495 -12.63 19.18 -12.59
C TYR B 495 -13.93 18.93 -11.86
N ILE B 496 -14.55 20.01 -11.36
CA ILE B 496 -15.83 19.92 -10.69
C ILE B 496 -16.93 20.13 -11.74
N PRO B 497 -17.78 19.13 -11.99
CA PRO B 497 -18.82 19.25 -13.02
C PRO B 497 -19.90 20.23 -12.59
N PRO B 498 -20.77 20.69 -13.51
CA PRO B 498 -21.93 21.47 -13.08
C PRO B 498 -22.90 20.63 -12.24
N GLY B 499 -23.40 21.23 -11.18
CA GLY B 499 -24.26 20.55 -10.24
C GLY B 499 -23.55 19.70 -9.22
N ALA B 500 -22.24 19.89 -9.04
CA ALA B 500 -21.44 19.05 -8.16
C ALA B 500 -20.89 19.86 -7.00
N GLU B 501 -20.65 19.16 -5.89
CA GLU B 501 -20.17 19.75 -4.65
C GLU B 501 -18.90 19.03 -4.21
N LEU B 502 -17.93 19.79 -3.72
CA LEU B 502 -16.72 19.24 -3.14
C LEU B 502 -16.53 19.83 -1.74
N ARG B 503 -16.86 19.06 -0.72
CA ARG B 503 -16.94 19.56 0.64
C ARG B 503 -16.17 18.66 1.60
N GLY B 504 -15.62 19.27 2.65
CA GLY B 504 -15.07 18.49 3.75
C GLY B 504 -13.63 18.07 3.50
N GLY B 505 -13.29 16.87 3.98
CA GLY B 505 -11.93 16.37 3.83
C GLY B 505 -11.63 15.85 2.43
N ALA B 506 -12.67 15.70 1.60
CA ALA B 506 -12.47 15.29 0.22
C ALA B 506 -11.67 16.31 -0.56
N TRP B 507 -11.93 17.60 -0.30
CA TRP B 507 -11.12 18.68 -0.88
C TRP B 507 -9.66 18.56 -0.41
N ALA B 508 -9.45 18.21 0.85
CA ALA B 508 -8.10 18.06 1.37
C ALA B 508 -7.39 16.86 0.73
N VAL B 509 -8.15 15.84 0.35
CA VAL B 509 -7.55 14.71 -0.36
C VAL B 509 -7.17 15.09 -1.80
N VAL B 510 -8.08 15.74 -2.53
CA VAL B 510 -7.87 15.95 -3.96
C VAL B 510 -7.38 17.36 -4.29
N ASP B 511 -6.82 18.07 -3.30
CA ASP B 511 -6.28 19.40 -3.57
C ASP B 511 -5.00 19.31 -4.40
N PRO B 512 -4.72 20.34 -5.20
CA PRO B 512 -3.42 20.40 -5.92
C PRO B 512 -2.21 20.40 -5.01
N SER B 513 -2.34 20.85 -3.76
CA SER B 513 -1.20 20.99 -2.87
C SER B 513 -0.66 19.66 -2.36
N VAL B 514 -1.36 18.54 -2.61
CA VAL B 514 -0.83 17.23 -2.24
C VAL B 514 0.39 16.90 -3.10
N ASN B 515 0.27 17.10 -4.41
CA ASN B 515 1.38 16.94 -5.35
C ASN B 515 1.30 18.11 -6.31
N SER B 516 2.03 19.18 -6.02
CA SER B 516 1.89 20.42 -6.77
C SER B 516 2.52 20.32 -8.15
N LEU B 517 3.40 19.35 -8.35
CA LEU B 517 4.05 19.20 -9.65
C LEU B 517 3.10 18.62 -10.69
N ARG B 518 2.14 17.79 -10.26
CA ARG B 518 1.36 16.98 -11.18
C ARG B 518 -0.14 17.22 -11.13
N MET B 519 -0.62 18.14 -10.30
CA MET B 519 -2.06 18.29 -10.10
C MET B 519 -2.53 19.70 -10.39
N GLU B 520 -3.75 19.78 -10.96
CA GLU B 520 -4.43 21.04 -11.20
C GLU B 520 -5.91 20.85 -10.92
N MET B 521 -6.61 21.96 -10.65
CA MET B 521 -8.04 21.94 -10.33
C MET B 521 -8.77 23.04 -11.11
N TYR B 522 -9.94 22.68 -11.65
CA TYR B 522 -10.80 23.60 -12.38
C TYR B 522 -12.25 23.35 -11.98
N ALA B 523 -13.09 24.36 -12.16
CA ALA B 523 -14.46 24.28 -11.68
C ALA B 523 -15.42 24.91 -12.69
N ASP B 524 -16.65 24.42 -12.69
CA ASP B 524 -17.73 24.96 -13.49
C ASP B 524 -18.21 26.26 -12.86
N PRO B 525 -18.85 27.15 -13.64
CA PRO B 525 -19.52 28.32 -13.02
C PRO B 525 -20.58 27.95 -11.99
N GLU B 526 -21.31 26.85 -12.20
CA GLU B 526 -22.32 26.40 -11.25
C GLU B 526 -21.79 25.24 -10.40
N ALA B 527 -20.74 25.53 -9.64
CA ALA B 527 -20.10 24.56 -8.76
C ALA B 527 -19.99 25.13 -7.36
N ARG B 528 -20.12 24.25 -6.37
CA ARG B 528 -20.13 24.64 -4.97
C ARG B 528 -19.01 23.94 -4.22
N GLY B 529 -18.37 24.65 -3.30
CA GLY B 529 -17.36 24.07 -2.44
C GLY B 529 -17.24 24.79 -1.11
N GLY B 530 -17.01 24.04 -0.04
CA GLY B 530 -16.93 24.64 1.28
C GLY B 530 -16.42 23.65 2.29
N VAL B 531 -16.27 24.14 3.52
CA VAL B 531 -15.86 23.26 4.62
C VAL B 531 -17.02 22.37 5.04
N LEU B 532 -18.20 22.93 5.21
CA LEU B 532 -19.40 22.19 5.55
C LEU B 532 -20.53 22.60 4.63
N GLU B 533 -21.64 21.88 4.71
CA GLU B 533 -22.87 22.33 4.09
C GLU B 533 -23.44 23.51 4.86
N ALA B 534 -24.38 24.23 4.21
CA ALA B 534 -24.81 25.53 4.69
C ALA B 534 -25.56 25.45 6.02
N GLU B 535 -26.29 24.34 6.24
CA GLU B 535 -27.03 24.18 7.49
C GLU B 535 -26.10 24.05 8.69
N GLY B 536 -24.97 23.34 8.51
CA GLY B 536 -23.99 23.24 9.58
C GLY B 536 -23.33 24.56 9.91
N ILE B 537 -23.07 25.39 8.89
CA ILE B 537 -22.48 26.70 9.13
C ILE B 537 -23.51 27.64 9.75
N VAL B 538 -24.80 27.41 9.49
CA VAL B 538 -25.83 28.17 10.22
C VAL B 538 -25.87 27.75 11.68
N GLU B 539 -25.72 26.44 11.95
CA GLU B 539 -25.69 25.97 13.34
C GLU B 539 -24.48 26.51 14.10
N VAL B 540 -23.32 26.56 13.44
CA VAL B 540 -22.10 26.93 14.15
C VAL B 540 -21.93 28.45 14.22
N LYS B 541 -22.15 29.15 13.09
CA LYS B 541 -21.72 30.53 12.98
C LYS B 541 -22.82 31.55 12.73
N PHE B 542 -24.07 31.14 12.53
CA PHE B 542 -25.18 32.09 12.42
C PHE B 542 -26.29 31.61 13.37
N LYS B 543 -26.14 31.91 14.65
CA LYS B 543 -27.00 31.36 15.67
C LYS B 543 -28.18 32.29 15.95
N GLN B 544 -28.89 32.02 17.05
CA GLN B 544 -30.18 32.64 17.33
C GLN B 544 -30.03 34.14 17.59
N ARG B 545 -28.96 34.55 18.27
CA ARG B 545 -28.75 35.95 18.59
C ARG B 545 -28.55 36.81 17.35
N ASP B 546 -27.81 36.28 16.36
CA ASP B 546 -27.62 37.01 15.10
C ASP B 546 -28.93 37.10 14.32
N ILE B 547 -29.76 36.06 14.38
CA ILE B 547 -31.06 36.07 13.71
C ILE B 547 -31.97 37.12 14.35
N LEU B 548 -31.97 37.21 15.69
CA LEU B 548 -32.81 38.22 16.35
C LEU B 548 -32.29 39.63 16.11
N LYS B 549 -30.97 39.80 16.02
CA LYS B 549 -30.42 41.10 15.67
C LYS B 549 -30.81 41.50 14.25
N THR B 550 -30.84 40.52 13.33
CA THR B 550 -31.29 40.78 11.97
C THR B 550 -32.77 41.15 11.93
N MET B 551 -33.59 40.50 12.76
CA MET B 551 -35.01 40.88 12.86
C MET B 551 -35.17 42.30 13.40
N HIS B 552 -34.41 42.66 14.44
CA HIS B 552 -34.52 44.02 14.98
C HIS B 552 -33.90 45.06 14.04
N ARG B 553 -33.09 44.63 13.07
CA ARG B 553 -32.50 45.60 12.16
C ARG B 553 -33.34 45.79 10.90
N LEU B 554 -34.00 44.74 10.41
CA LEU B 554 -34.68 44.81 9.12
C LEU B 554 -36.19 44.61 9.18
N ASP B 555 -36.82 44.58 10.36
CA ASP B 555 -38.27 44.40 10.29
C ASP B 555 -38.99 45.64 10.81
N PRO B 556 -39.94 46.18 10.04
CA PRO B 556 -40.53 47.50 10.40
C PRO B 556 -41.31 47.52 11.70
N GLU B 557 -42.12 46.49 11.96
CA GLU B 557 -42.92 46.44 13.18
C GLU B 557 -42.06 46.35 14.42
N LEU B 558 -40.94 45.60 14.33
CA LEU B 558 -40.02 45.51 15.45
C LEU B 558 -39.29 46.83 15.67
N LEU B 559 -38.98 47.56 14.59
CA LEU B 559 -38.39 48.89 14.70
C LEU B 559 -39.32 49.86 15.39
N ARG B 560 -40.61 49.81 15.07
CA ARG B 560 -41.57 50.72 15.70
C ARG B 560 -41.81 50.32 17.16
N THR B 561 -41.89 49.01 17.44
CA THR B 561 -42.16 48.54 18.79
C THR B 561 -40.99 48.81 19.73
N GLY B 562 -39.75 48.68 19.23
CA GLY B 562 -38.60 49.00 20.05
C GLY B 562 -38.51 50.47 20.41
N ALA B 563 -38.89 51.35 19.47
CA ALA B 563 -38.97 52.77 19.75
C ALA B 563 -40.06 53.06 20.78
N ARG B 564 -41.19 52.35 20.69
CA ARG B 564 -42.25 52.50 21.70
C ARG B 564 -41.76 52.11 23.09
N ILE B 565 -41.07 50.97 23.20
CA ILE B 565 -40.55 50.51 24.48
C ILE B 565 -39.51 51.48 25.03
N SER B 566 -38.69 52.06 24.14
CA SER B 566 -37.71 53.06 24.56
C SER B 566 -38.38 54.34 25.09
N GLU B 567 -39.46 54.79 24.45
CA GLU B 567 -40.16 55.98 24.94
C GLU B 567 -40.85 55.73 26.28
N LEU B 568 -41.42 54.53 26.47
CA LEU B 568 -41.94 54.20 27.79
C LEU B 568 -40.85 54.08 28.85
N LYS B 569 -39.65 53.64 28.47
CA LYS B 569 -38.54 53.64 29.44
C LYS B 569 -38.14 55.06 29.82
N GLU B 570 -38.16 55.98 28.85
CA GLU B 570 -37.94 57.39 29.18
C GLU B 570 -39.05 57.95 30.07
N GLN B 571 -40.29 57.50 29.86
CA GLN B 571 -41.38 57.94 30.74
C GLN B 571 -41.24 57.35 32.15
N ILE B 572 -40.61 56.18 32.28
CA ILE B 572 -40.22 55.69 33.59
C ILE B 572 -39.17 56.60 34.23
N LYS B 573 -38.15 57.00 33.46
CA LYS B 573 -37.06 57.78 34.05
C LYS B 573 -37.50 59.20 34.41
N GLU B 574 -38.44 59.79 33.66
CA GLU B 574 -38.89 61.13 33.99
C GLU B 574 -39.80 61.14 35.22
N ILE B 575 -40.73 60.20 35.31
CA ILE B 575 -41.64 60.15 36.46
C ILE B 575 -41.01 59.32 37.56
N SER B 576 -40.23 59.97 38.42
CA SER B 576 -39.61 59.27 39.54
C SER B 576 -40.44 59.40 40.81
N LYS B 577 -40.92 60.61 41.11
CA LYS B 577 -41.73 60.88 42.29
C LYS B 577 -43.20 60.79 41.92
N GLY B 578 -43.97 60.09 42.74
CA GLY B 578 -45.40 59.91 42.48
C GLY B 578 -45.68 58.82 41.46
N ALA B 594 -52.59 64.62 46.83
CA ALA B 594 -51.80 64.28 48.02
C ALA B 594 -50.54 63.50 47.63
N GLY B 595 -50.10 62.64 48.55
CA GLY B 595 -48.93 61.82 48.26
C GLY B 595 -49.25 60.73 47.25
N ARG B 596 -48.28 60.48 46.36
CA ARG B 596 -48.38 59.48 45.28
C ARG B 596 -49.58 59.73 44.37
N ALA B 597 -49.84 61.00 44.05
CA ALA B 597 -50.99 61.35 43.23
C ALA B 597 -50.78 60.94 41.77
N ALA B 598 -49.55 61.04 41.28
CA ALA B 598 -49.23 60.69 39.90
C ALA B 598 -48.81 59.24 39.72
N GLU B 599 -49.03 58.40 40.74
CA GLU B 599 -48.63 57.00 40.67
C GLU B 599 -49.61 56.18 39.83
N THR B 600 -50.82 56.68 39.60
CA THR B 600 -51.88 55.89 38.96
C THR B 600 -51.57 55.63 37.48
N ARG B 601 -50.90 56.56 36.81
CA ARG B 601 -50.58 56.35 35.39
C ARG B 601 -49.46 55.34 35.22
N VAL B 602 -48.64 55.14 36.26
CA VAL B 602 -47.52 54.20 36.19
C VAL B 602 -48.01 52.76 36.05
N ARG B 603 -49.14 52.44 36.69
CA ARG B 603 -49.70 51.09 36.56
C ARG B 603 -50.20 50.82 35.15
N GLU B 604 -50.91 51.78 34.55
CA GLU B 604 -51.37 51.65 33.17
C GLU B 604 -50.19 51.58 32.20
N LEU B 605 -49.13 52.35 32.49
CA LEU B 605 -47.94 52.30 31.65
C LEU B 605 -47.26 50.93 31.78
N GLU B 606 -47.29 50.35 32.97
CA GLU B 606 -46.73 49.00 33.15
C GLU B 606 -47.51 47.95 32.39
N THR B 607 -48.85 48.04 32.42
CA THR B 607 -49.66 47.11 31.63
C THR B 607 -49.44 47.27 30.13
N GLU B 608 -49.32 48.51 29.66
CA GLU B 608 -49.16 48.69 28.22
C GLU B 608 -47.71 48.43 27.80
N LEU B 609 -46.77 48.49 28.76
CA LEU B 609 -45.40 48.06 28.48
C LEU B 609 -45.32 46.55 28.40
N LEU B 610 -46.10 45.85 29.22
CA LEU B 610 -46.20 44.40 29.09
C LEU B 610 -46.90 44.04 27.78
N ALA B 611 -47.82 44.88 27.33
CA ALA B 611 -48.45 44.68 26.03
C ALA B 611 -47.52 45.08 24.88
N ALA B 612 -46.45 45.82 25.20
CA ALA B 612 -45.47 46.19 24.18
C ALA B 612 -44.36 45.14 24.04
N GLU B 613 -43.88 44.62 25.17
CA GLU B 613 -42.84 43.59 25.12
C GLU B 613 -43.38 42.27 24.57
N LYS B 614 -44.56 41.86 25.04
CA LYS B 614 -45.29 40.85 24.30
C LYS B 614 -45.85 41.49 23.03
N THR B 615 -46.11 40.63 22.03
CA THR B 615 -46.40 40.90 20.62
C THR B 615 -45.19 41.45 19.86
N ALA B 616 -44.07 41.71 20.54
CA ALA B 616 -42.77 41.77 19.91
C ALA B 616 -42.03 40.45 20.06
N LYS B 617 -42.56 39.54 20.87
CA LYS B 617 -42.13 38.14 20.90
C LYS B 617 -42.96 37.28 19.96
N ALA B 618 -44.21 37.66 19.70
CA ALA B 618 -45.02 36.98 18.70
C ALA B 618 -44.47 37.20 17.31
N ARG B 619 -43.92 38.40 17.05
CA ARG B 619 -43.29 38.65 15.76
C ARG B 619 -41.96 37.90 15.62
N GLU B 620 -41.25 37.70 16.74
CA GLU B 620 -39.98 37.00 16.69
C GLU B 620 -40.13 35.48 16.58
N LYS B 621 -41.33 34.95 16.74
CA LYS B 621 -41.58 33.53 16.49
C LYS B 621 -42.28 33.29 15.16
N GLU B 622 -43.02 34.27 14.66
CA GLU B 622 -43.66 34.12 13.35
C GLU B 622 -42.65 34.27 12.23
N LEU B 623 -41.63 35.11 12.43
CA LEU B 623 -40.65 35.41 11.39
C LEU B 623 -39.41 34.51 11.44
N SER B 624 -39.39 33.49 12.29
CA SER B 624 -38.21 32.62 12.40
C SER B 624 -37.86 31.80 11.15
N PRO B 625 -38.80 31.11 10.44
CA PRO B 625 -38.36 30.35 9.26
C PRO B 625 -37.83 31.19 8.11
N ILE B 626 -38.40 32.37 7.88
CA ILE B 626 -37.97 33.17 6.73
C ILE B 626 -36.57 33.73 6.96
N TYR B 627 -36.25 34.17 8.19
CA TYR B 627 -34.88 34.60 8.46
C TYR B 627 -33.94 33.41 8.60
N HIS B 628 -34.46 32.22 8.88
CA HIS B 628 -33.61 31.03 8.74
C HIS B 628 -33.22 30.79 7.28
N GLU B 629 -34.15 30.99 6.34
CA GLU B 629 -33.81 30.87 4.93
C GLU B 629 -32.86 31.98 4.48
N ILE B 630 -32.99 33.18 5.06
CA ILE B 630 -32.03 34.25 4.79
C ILE B 630 -30.64 33.86 5.28
N ALA B 631 -30.56 33.22 6.46
CA ALA B 631 -29.29 32.74 6.99
C ALA B 631 -28.69 31.64 6.10
N VAL B 632 -29.53 30.72 5.61
CA VAL B 632 -29.05 29.64 4.75
C VAL B 632 -28.55 30.19 3.41
N GLN B 633 -29.28 31.17 2.83
CA GLN B 633 -28.84 31.81 1.60
C GLN B 633 -27.52 32.57 1.79
N PHE B 634 -27.40 33.27 2.92
CA PHE B 634 -26.19 34.04 3.21
C PHE B 634 -25.00 33.11 3.42
N ALA B 635 -25.24 31.91 3.96
CA ALA B 635 -24.19 30.92 4.07
C ALA B 635 -23.86 30.29 2.71
N GLU B 636 -24.87 30.13 1.86
CA GLU B 636 -24.66 29.53 0.54
C GLU B 636 -23.90 30.45 -0.40
N LEU B 637 -23.98 31.77 -0.17
CA LEU B 637 -23.26 32.69 -1.04
C LEU B 637 -21.74 32.66 -0.86
N HIS B 638 -21.22 32.01 0.18
CA HIS B 638 -19.79 31.83 0.36
C HIS B 638 -19.22 30.65 -0.41
N ASP B 639 -20.07 29.78 -0.95
CA ASP B 639 -19.62 28.52 -1.53
C ASP B 639 -19.42 28.57 -3.04
N THR B 640 -19.55 29.73 -3.65
CA THR B 640 -19.60 29.82 -5.11
C THR B 640 -18.20 29.73 -5.72
N ALA B 641 -18.17 29.76 -7.06
CA ALA B 641 -16.95 29.45 -7.80
C ALA B 641 -16.00 30.64 -7.83
N GLU B 642 -16.53 31.87 -7.88
CA GLU B 642 -15.67 33.03 -8.03
C GLU B 642 -14.89 33.33 -6.76
N ARG B 643 -15.41 32.92 -5.60
CA ARG B 643 -14.61 32.97 -4.39
C ARG B 643 -13.45 31.99 -4.44
N MET B 644 -13.68 30.81 -5.03
CA MET B 644 -12.60 29.83 -5.16
C MET B 644 -11.55 30.29 -6.16
N LEU B 645 -11.97 31.05 -7.18
CA LEU B 645 -11.00 31.61 -8.12
C LEU B 645 -10.24 32.77 -7.51
N GLU B 646 -10.92 33.62 -6.73
CA GLU B 646 -10.27 34.79 -6.17
C GLU B 646 -9.30 34.41 -5.06
N LYS B 647 -9.62 33.37 -4.29
CA LYS B 647 -8.73 32.95 -3.21
C LYS B 647 -7.56 32.11 -3.71
N GLY B 648 -7.58 31.67 -4.97
CA GLY B 648 -6.47 30.95 -5.55
C GLY B 648 -6.55 29.44 -5.45
N CYS B 649 -7.70 28.89 -5.04
CA CYS B 649 -7.78 27.46 -4.84
C CYS B 649 -7.94 26.70 -6.16
N ILE B 650 -8.62 27.31 -7.13
CA ILE B 650 -8.78 26.71 -8.46
C ILE B 650 -7.99 27.54 -9.46
N PHE B 651 -7.62 26.90 -10.58
CA PHE B 651 -6.78 27.58 -11.56
C PHE B 651 -7.60 28.48 -12.47
N GLU B 652 -8.67 27.95 -13.08
CA GLU B 652 -9.49 28.73 -13.99
C GLU B 652 -10.89 28.14 -14.00
N ILE B 653 -11.86 28.98 -14.34
CA ILE B 653 -13.26 28.57 -14.47
C ILE B 653 -13.51 28.17 -15.91
N ILE B 654 -13.90 26.92 -16.14
CA ILE B 654 -14.13 26.36 -17.46
C ILE B 654 -15.60 25.96 -17.57
N PRO B 655 -16.33 26.43 -18.57
CA PRO B 655 -17.71 25.97 -18.77
C PRO B 655 -17.77 24.54 -19.26
N TRP B 656 -18.93 23.92 -19.08
CA TRP B 656 -19.10 22.52 -19.45
C TRP B 656 -19.22 22.34 -20.96
N ARG B 657 -19.75 23.33 -21.66
CA ARG B 657 -19.91 23.21 -23.11
C ARG B 657 -18.57 23.29 -23.82
N ASP B 658 -17.62 24.05 -23.28
CA ASP B 658 -16.32 24.24 -23.90
C ASP B 658 -15.21 23.50 -23.16
N SER B 659 -15.55 22.47 -22.38
CA SER B 659 -14.55 21.80 -21.56
C SER B 659 -13.61 20.94 -22.39
N ARG B 660 -14.13 20.34 -23.46
CA ARG B 660 -13.37 19.37 -24.26
C ARG B 660 -12.17 20.00 -24.95
N ARG B 661 -12.40 21.13 -25.63
CA ARG B 661 -11.34 21.82 -26.37
C ARG B 661 -10.25 22.33 -25.43
N LEU B 662 -10.65 22.95 -24.32
CA LEU B 662 -9.69 23.55 -23.40
C LEU B 662 -8.89 22.50 -22.65
N PHE B 663 -9.54 21.41 -22.20
CA PHE B 663 -8.78 20.35 -21.55
C PHE B 663 -7.92 19.57 -22.54
N TYR B 664 -8.33 19.47 -23.80
CA TYR B 664 -7.48 18.87 -24.83
C TYR B 664 -6.20 19.65 -25.04
N TRP B 665 -6.31 20.98 -25.18
CA TRP B 665 -5.12 21.78 -25.42
C TRP B 665 -4.24 21.88 -24.18
N ARG B 666 -4.83 21.93 -22.99
CA ARG B 666 -4.02 21.95 -21.76
C ARG B 666 -3.28 20.64 -21.56
N LEU B 667 -3.96 19.50 -21.79
CA LEU B 667 -3.31 18.20 -21.63
C LEU B 667 -2.19 18.02 -22.65
N LYS B 668 -2.40 18.47 -23.89
CA LYS B 668 -1.36 18.36 -24.90
C LYS B 668 -0.16 19.25 -24.58
N ARG B 669 -0.43 20.46 -24.04
CA ARG B 669 0.66 21.35 -23.63
C ARG B 669 1.49 20.75 -22.50
N LEU B 670 0.83 20.14 -21.50
CA LEU B 670 1.55 19.50 -20.42
C LEU B 670 2.36 18.30 -20.91
N LEU B 671 1.79 17.53 -21.84
CA LEU B 671 2.50 16.34 -22.33
C LEU B 671 3.73 16.69 -23.17
N ARG B 672 3.68 17.79 -23.93
CA ARG B 672 4.88 18.20 -24.65
C ARG B 672 5.89 18.83 -23.69
N GLN B 673 5.41 19.66 -22.76
CA GLN B 673 6.29 20.42 -21.88
C GLN B 673 7.05 19.52 -20.92
N ASN B 674 6.40 18.47 -20.39
CA ASN B 674 7.09 17.56 -19.48
C ASN B 674 8.21 16.81 -20.17
N GLU B 675 8.00 16.44 -21.43
CA GLU B 675 9.04 15.75 -22.21
C GLU B 675 10.25 16.66 -22.44
N GLN B 676 10.00 17.92 -22.84
CA GLN B 676 11.15 18.82 -23.03
C GLN B 676 11.82 19.20 -21.71
N GLU B 677 11.06 19.28 -20.61
CA GLU B 677 11.67 19.49 -19.30
C GLU B 677 12.57 18.32 -18.90
N ARG B 678 12.15 17.09 -19.22
CA ARG B 678 13.01 15.94 -18.95
C ARG B 678 14.28 15.97 -19.80
N ARG B 679 14.19 16.50 -21.03
CA ARG B 679 15.41 16.69 -21.83
C ARG B 679 16.34 17.74 -21.21
N VAL B 680 15.79 18.84 -20.69
CA VAL B 680 16.63 19.85 -20.02
C VAL B 680 17.28 19.28 -18.76
N GLN B 681 16.54 18.49 -17.97
CA GLN B 681 17.13 17.90 -16.77
C GLN B 681 18.14 16.81 -17.12
N ALA B 682 17.98 16.17 -18.29
CA ALA B 682 18.99 15.20 -18.72
C ALA B 682 20.25 15.89 -19.22
N ALA B 683 20.14 17.12 -19.73
CA ALA B 683 21.29 17.79 -20.29
C ALA B 683 22.25 18.31 -19.20
N VAL B 684 21.74 18.60 -18.02
CA VAL B 684 22.48 19.33 -16.99
C VAL B 684 23.15 18.32 -16.06
N LYS B 685 22.73 17.05 -16.17
CA LYS B 685 22.98 16.03 -15.15
C LYS B 685 24.43 15.81 -14.69
N PRO B 686 25.49 15.97 -15.52
CA PRO B 686 26.84 15.98 -14.92
C PRO B 686 27.10 17.10 -13.92
N ALA B 687 26.48 18.27 -14.10
CA ALA B 687 26.81 19.40 -13.23
C ALA B 687 25.83 19.52 -12.06
N ASP B 688 24.54 19.58 -12.36
CA ASP B 688 23.53 19.86 -11.34
C ASP B 688 22.33 18.94 -11.53
N ASN B 689 21.69 18.61 -10.41
CA ASN B 689 20.42 17.90 -10.41
C ASN B 689 19.30 18.93 -10.40
N MET B 690 18.62 19.09 -11.54
CA MET B 690 17.68 20.18 -11.75
C MET B 690 16.26 19.74 -11.46
N GLN B 691 15.51 20.57 -10.76
CA GLN B 691 14.11 20.33 -10.48
C GLN B 691 13.25 20.76 -11.67
N GLN B 692 11.92 20.68 -11.48
CA GLN B 692 11.00 20.98 -12.56
C GLN B 692 10.90 22.47 -12.84
N GLY B 693 10.92 23.29 -11.78
CA GLY B 693 10.79 24.74 -11.89
C GLY B 693 11.86 25.45 -12.68
N PRO B 694 13.14 25.20 -12.44
CA PRO B 694 14.18 25.75 -13.33
C PRO B 694 14.09 25.26 -14.77
N ALA B 695 13.61 24.03 -15.00
CA ALA B 695 13.43 23.56 -16.37
C ALA B 695 12.32 24.33 -17.09
N ALA B 696 11.20 24.57 -16.38
CA ALA B 696 10.12 25.36 -16.95
C ALA B 696 10.53 26.80 -17.17
N ALA B 697 11.33 27.36 -16.25
CA ALA B 697 11.84 28.72 -16.42
C ALA B 697 12.81 28.81 -17.59
N THR B 698 13.61 27.76 -17.81
CA THR B 698 14.53 27.73 -18.93
C THR B 698 13.78 27.66 -20.26
N LEU B 699 12.71 26.85 -20.31
CA LEU B 699 11.88 26.80 -21.52
C LEU B 699 11.17 28.14 -21.76
N ARG B 700 10.75 28.82 -20.69
CA ARG B 700 10.14 30.13 -20.84
C ARG B 700 11.15 31.17 -21.33
N ARG B 701 12.40 31.08 -20.86
CA ARG B 701 13.43 32.00 -21.35
C ARG B 701 13.76 31.76 -22.81
N TRP B 702 13.78 30.50 -23.25
CA TRP B 702 13.95 30.21 -24.67
C TRP B 702 12.76 30.70 -25.49
N PHE B 703 11.54 30.59 -24.93
CA PHE B 703 10.34 31.09 -25.60
C PHE B 703 10.39 32.62 -25.76
N THR B 704 10.86 33.32 -24.72
CA THR B 704 10.95 34.77 -24.81
C THR B 704 12.09 35.21 -25.72
N GLU B 705 13.15 34.41 -25.79
CA GLU B 705 14.25 34.69 -26.72
C GLU B 705 13.79 34.53 -28.17
N ASP B 706 13.02 33.49 -28.45
CA ASP B 706 12.59 33.23 -29.83
C ASP B 706 11.51 34.20 -30.27
N ARG B 707 10.41 34.27 -29.53
CA ARG B 707 9.26 35.06 -29.94
C ARG B 707 9.49 36.55 -29.73
N GLY B 708 9.68 36.95 -28.48
CA GLY B 708 9.88 38.36 -28.16
C GLY B 708 9.45 38.65 -26.74
N GLU B 709 9.81 39.84 -26.27
CA GLU B 709 9.42 40.24 -24.92
C GLU B 709 7.94 40.61 -24.85
N THR B 710 7.35 41.01 -25.98
CA THR B 710 5.95 41.39 -25.98
C THR B 710 5.04 40.19 -25.87
N GLN B 711 5.34 39.11 -26.62
CA GLN B 711 4.51 37.91 -26.63
C GLN B 711 5.05 36.86 -25.67
N SER B 712 5.11 37.24 -24.39
CA SER B 712 5.58 36.35 -23.34
C SER B 712 4.49 35.92 -22.37
N HIS B 713 3.32 36.54 -22.41
CA HIS B 713 2.24 36.15 -21.52
C HIS B 713 1.59 34.84 -21.98
N GLN B 714 1.74 34.50 -23.26
CA GLN B 714 1.08 33.36 -23.88
C GLN B 714 1.58 32.02 -23.38
N TRP B 715 2.67 32.02 -22.60
CA TRP B 715 3.13 30.80 -21.95
C TRP B 715 2.12 30.34 -20.90
N GLU B 716 1.35 31.27 -20.31
CA GLU B 716 0.34 30.86 -19.35
C GLU B 716 -1.05 30.81 -19.97
N HIS B 717 -1.37 31.76 -20.85
CA HIS B 717 -2.74 31.89 -21.32
C HIS B 717 -3.04 30.94 -22.48
N ASP B 718 -2.23 30.98 -23.53
CA ASP B 718 -2.53 30.27 -24.77
C ASP B 718 -1.78 28.94 -24.78
N ASN B 719 -2.51 27.85 -24.56
CA ASN B 719 -1.89 26.53 -24.58
C ASN B 719 -1.60 26.08 -26.01
N GLU B 720 -2.43 26.49 -26.98
CA GLU B 720 -2.28 26.07 -28.37
C GLU B 720 -0.99 26.60 -28.98
N ALA B 721 -0.64 27.85 -28.67
CA ALA B 721 0.59 28.44 -29.16
C ALA B 721 1.82 27.74 -28.58
N VAL B 722 1.75 27.35 -27.31
CA VAL B 722 2.86 26.63 -26.68
C VAL B 722 3.01 25.23 -27.26
N CYS B 723 1.88 24.55 -27.53
CA CYS B 723 1.91 23.25 -28.21
C CYS B 723 2.55 23.35 -29.58
N LYS B 724 2.14 24.34 -30.38
CA LYS B 724 2.65 24.45 -31.73
C LYS B 724 4.11 24.91 -31.75
N TRP B 725 4.50 25.74 -30.78
CA TRP B 725 5.90 26.15 -30.65
C TRP B 725 6.81 24.98 -30.28
N LEU B 726 6.38 24.15 -29.31
CA LEU B 726 7.18 23.01 -28.91
C LEU B 726 7.26 21.96 -30.01
N GLU B 727 6.15 21.72 -30.71
CA GLU B 727 6.18 20.74 -31.80
C GLU B 727 6.92 21.29 -33.01
N ALA B 728 7.01 22.61 -33.15
CA ALA B 728 7.80 23.19 -34.22
C ALA B 728 9.29 23.08 -33.95
N GLN B 729 9.71 23.36 -32.70
CA GLN B 729 11.14 23.37 -32.44
C GLN B 729 11.66 22.04 -31.94
N ALA B 730 10.80 21.04 -31.77
CA ALA B 730 11.30 19.69 -31.51
C ALA B 730 11.93 19.09 -32.76
N GLY B 731 11.42 19.45 -33.94
CA GLY B 731 11.88 18.83 -35.17
C GLY B 731 13.14 19.46 -35.73
N ASP B 732 13.16 20.79 -35.82
CA ASP B 732 14.27 21.49 -36.46
C ASP B 732 15.52 21.46 -35.58
N ASP B 733 16.66 21.18 -36.21
CA ASP B 733 17.94 21.14 -35.53
C ASP B 733 18.67 22.48 -35.54
N ASN B 734 18.12 23.48 -36.23
CA ASN B 734 18.65 24.84 -36.20
C ASN B 734 17.82 25.75 -35.29
N SER B 735 16.95 25.15 -34.48
CA SER B 735 16.09 25.93 -33.62
C SER B 735 16.84 26.41 -32.38
N VAL B 736 16.14 27.21 -31.58
CA VAL B 736 16.70 27.71 -30.31
C VAL B 736 16.92 26.55 -29.34
N LEU B 737 15.95 25.64 -29.27
CA LEU B 737 15.88 24.63 -28.22
C LEU B 737 17.03 23.62 -28.32
N GLU B 738 17.27 23.08 -29.52
CA GLU B 738 18.31 22.07 -29.71
C GLU B 738 19.70 22.63 -29.50
N ARG B 739 19.95 23.83 -30.05
CA ARG B 739 21.25 24.49 -29.89
C ARG B 739 21.54 24.83 -28.44
N ASN B 740 20.54 25.32 -27.72
CA ASN B 740 20.77 25.67 -26.32
C ASN B 740 20.91 24.43 -25.44
N LEU B 741 20.21 23.33 -25.79
CA LEU B 741 20.43 22.08 -25.06
C LEU B 741 21.85 21.56 -25.24
N ARG B 742 22.38 21.63 -26.46
CA ARG B 742 23.78 21.23 -26.69
C ARG B 742 24.76 22.13 -25.95
N ALA B 743 24.50 23.44 -25.94
CA ALA B 743 25.38 24.38 -25.24
C ALA B 743 25.39 24.15 -23.73
N ILE B 744 24.21 23.95 -23.13
CA ILE B 744 24.13 23.70 -21.70
C ILE B 744 24.76 22.37 -21.33
N HIS B 745 24.62 21.36 -22.20
CA HIS B 745 25.28 20.07 -21.94
C HIS B 745 26.80 20.19 -21.97
N GLN B 746 27.34 20.97 -22.91
CA GLN B 746 28.79 21.13 -22.97
C GLN B 746 29.33 21.93 -21.77
N ASP B 747 28.59 22.96 -21.34
CA ASP B 747 29.00 23.69 -20.13
C ASP B 747 28.92 22.82 -18.88
N ALA B 748 27.92 21.93 -18.81
CA ALA B 748 27.81 21.00 -17.69
C ALA B 748 28.98 20.02 -17.66
N LEU B 749 29.40 19.53 -18.85
CA LEU B 749 30.58 18.67 -18.92
C LEU B 749 31.84 19.40 -18.47
N MET B 750 31.99 20.67 -18.89
CA MET B 750 33.16 21.45 -18.49
C MET B 750 33.22 21.67 -16.98
N GLN B 751 32.07 21.98 -16.36
CA GLN B 751 32.02 22.17 -14.91
C GLN B 751 32.30 20.87 -14.17
N ALA B 752 31.80 19.74 -14.69
CA ALA B 752 32.05 18.45 -14.05
C ALA B 752 33.52 18.06 -14.07
N VAL B 753 34.20 18.27 -15.22
CA VAL B 753 35.63 17.98 -15.30
C VAL B 753 36.42 18.90 -14.37
N ASN B 754 36.04 20.19 -14.31
CA ASN B 754 36.75 21.13 -13.43
C ASN B 754 36.64 20.73 -11.96
N ASN B 755 35.44 20.35 -11.51
CA ASN B 755 35.27 19.94 -10.12
C ASN B 755 36.02 18.64 -9.81
N LEU B 756 35.94 17.65 -10.71
CA LEU B 756 36.58 16.38 -10.39
C LEU B 756 38.09 16.42 -10.61
N VAL B 757 38.62 17.48 -11.23
CA VAL B 757 40.07 17.68 -11.15
C VAL B 757 40.43 18.38 -9.84
N LEU B 758 39.62 19.35 -9.40
CA LEU B 758 39.92 20.04 -8.14
C LEU B 758 39.78 19.12 -6.93
N GLU B 759 39.11 17.97 -7.07
CA GLU B 759 39.12 17.00 -5.97
C GLU B 759 40.37 16.13 -5.96
N LEU B 760 41.22 16.21 -6.98
CA LEU B 760 42.34 15.27 -7.10
C LEU B 760 43.55 15.69 -6.26
N THR B 761 44.50 14.77 -6.13
CA THR B 761 45.75 15.01 -5.43
C THR B 761 46.77 15.69 -6.36
N PRO B 762 47.73 16.42 -5.80
CA PRO B 762 48.74 17.09 -6.64
C PRO B 762 49.62 16.18 -7.48
N SER B 763 49.97 14.99 -6.98
CA SER B 763 50.85 14.10 -7.74
C SER B 763 50.11 13.45 -8.90
N GLN B 764 48.82 13.17 -8.72
CA GLN B 764 48.01 12.53 -9.75
C GLN B 764 47.65 13.53 -10.86
N ARG B 765 47.50 14.80 -10.47
CA ARG B 765 47.14 15.86 -11.41
C ARG B 765 48.22 16.06 -12.46
N SER B 766 49.50 15.98 -12.06
CA SER B 766 50.61 16.18 -13.00
C SER B 766 50.67 15.07 -14.03
N GLU B 767 50.41 13.84 -13.61
CA GLU B 767 50.31 12.73 -14.55
C GLU B 767 49.16 12.92 -15.52
N PHE B 768 48.03 13.43 -15.03
CA PHE B 768 46.90 13.73 -15.92
C PHE B 768 47.23 14.81 -16.94
N ILE B 769 47.93 15.88 -16.51
CA ILE B 769 48.34 16.95 -17.41
C ILE B 769 49.28 16.43 -18.49
N ARG B 770 50.29 15.65 -18.10
CA ARG B 770 51.25 15.20 -19.10
C ARG B 770 50.66 14.14 -20.03
N LYS B 771 49.70 13.35 -19.55
CA LYS B 771 49.06 12.36 -20.42
C LYS B 771 48.11 13.02 -21.42
N LEU B 772 47.44 14.10 -21.02
CA LEU B 772 46.63 14.82 -22.01
C LEU B 772 47.49 15.64 -22.96
N SER B 773 48.58 16.24 -22.45
CA SER B 773 49.40 17.10 -23.30
C SER B 773 50.24 16.28 -24.26
N ALA B 774 50.51 15.02 -23.93
CA ALA B 774 51.18 14.14 -24.88
C ALA B 774 50.26 13.79 -26.05
N LEU B 775 48.95 13.76 -25.79
CA LEU B 775 47.89 13.44 -26.76
C LEU B 775 48.08 12.11 -27.47
#